data_2F09
#
_entry.id   2F09
#
_cell.length_a   1.000
_cell.length_b   1.000
_cell.length_c   1.000
_cell.angle_alpha   90.00
_cell.angle_beta   90.00
_cell.angle_gamma   90.00
#
_symmetry.space_group_name_H-M   'P 1'
#
_entity_poly.entity_id   1
_entity_poly.type   'polypeptide(L)'
_entity_poly.pdbx_seq_one_letter_code
;MGSSHHHHHHSSGLVPRGSHMQTDTLEYQCDEKPLTVKLNNPRQEVSFVYDNQLLHLKQGISASGARYTDGIYVFWSKGD
EATVYKRDRIVLNNCQLQNPQR
;
_entity_poly.pdbx_strand_id   A
#
# COMPACT_ATOMS: atom_id res chain seq x y z
N MET A 21 8.84 -16.49 8.66
CA MET A 21 8.00 -16.01 7.57
C MET A 21 7.32 -14.75 8.00
N GLN A 22 7.71 -13.64 7.43
CA GLN A 22 7.14 -12.37 7.82
C GLN A 22 6.81 -11.54 6.61
N THR A 23 5.63 -11.01 6.62
CA THR A 23 5.17 -10.14 5.57
C THR A 23 5.67 -8.76 5.93
N ASP A 24 6.04 -8.00 4.96
CA ASP A 24 6.47 -6.66 5.23
C ASP A 24 5.21 -5.82 5.41
N THR A 25 5.25 -4.86 6.25
CA THR A 25 4.09 -4.03 6.45
C THR A 25 4.51 -2.57 6.63
N LEU A 26 3.65 -1.66 6.21
CA LEU A 26 3.92 -0.28 6.32
C LEU A 26 3.70 0.27 7.73
N GLU A 27 3.42 1.55 7.82
CA GLU A 27 3.41 2.29 9.06
C GLU A 27 2.28 1.82 9.93
N TYR A 28 1.28 1.31 9.26
CA TYR A 28 0.04 0.79 9.78
C TYR A 28 -0.74 1.71 10.75
N GLN A 29 -0.31 2.94 10.90
CA GLN A 29 -0.87 3.87 11.84
C GLN A 29 -0.59 5.25 11.41
N CYS A 30 -1.39 5.68 10.54
CA CYS A 30 -1.28 7.01 10.02
C CYS A 30 -2.31 7.84 10.77
N ASP A 31 -2.31 9.14 10.58
CA ASP A 31 -3.25 10.03 11.29
C ASP A 31 -4.69 9.68 10.97
N GLU A 32 -4.96 9.49 9.71
CA GLU A 32 -6.32 9.30 9.26
C GLU A 32 -6.72 7.85 9.21
N LYS A 33 -5.82 7.01 8.82
CA LYS A 33 -6.16 5.64 8.49
C LYS A 33 -5.04 4.75 8.92
N PRO A 34 -5.30 3.47 9.11
CA PRO A 34 -4.24 2.55 9.37
C PRO A 34 -3.70 2.00 8.03
N LEU A 35 -2.41 2.11 7.83
CA LEU A 35 -1.83 1.71 6.56
C LEU A 35 -1.19 0.37 6.73
N THR A 36 -1.99 -0.60 6.92
CA THR A 36 -1.49 -1.88 7.16
C THR A 36 -1.44 -2.64 5.85
N VAL A 37 -0.31 -2.58 5.23
CA VAL A 37 -0.09 -3.18 3.94
C VAL A 37 0.63 -4.46 4.12
N LYS A 38 0.23 -5.45 3.38
CA LYS A 38 0.93 -6.68 3.42
C LYS A 38 1.84 -6.68 2.25
N LEU A 39 2.99 -6.13 2.45
CA LEU A 39 3.99 -6.16 1.45
C LEU A 39 4.48 -7.53 1.36
N ASN A 40 4.24 -8.10 0.27
CA ASN A 40 4.73 -9.42 0.01
C ASN A 40 6.22 -9.23 -0.19
N ASN A 41 7.04 -10.12 0.37
CA ASN A 41 8.51 -9.92 0.38
C ASN A 41 9.13 -9.57 -1.00
N PRO A 42 8.82 -10.34 -2.09
CA PRO A 42 9.23 -9.96 -3.49
C PRO A 42 8.65 -8.61 -3.95
N ARG A 43 7.69 -8.09 -3.17
CA ARG A 43 7.03 -6.79 -3.43
C ARG A 43 6.29 -6.74 -4.73
N GLN A 44 5.82 -7.89 -5.08
CA GLN A 44 5.04 -8.09 -6.24
C GLN A 44 3.57 -7.77 -5.92
N GLU A 45 3.25 -7.72 -4.63
CA GLU A 45 1.87 -7.67 -4.22
C GLU A 45 1.73 -7.04 -2.84
N VAL A 46 0.60 -6.39 -2.63
CA VAL A 46 0.21 -5.84 -1.36
C VAL A 46 -1.19 -6.26 -1.04
N SER A 47 -1.40 -6.72 0.14
CA SER A 47 -2.72 -6.93 0.59
C SER A 47 -3.03 -5.78 1.49
N PHE A 48 -3.93 -5.00 1.06
CA PHE A 48 -4.20 -3.74 1.63
C PHE A 48 -5.59 -3.63 2.18
N VAL A 49 -5.67 -2.85 3.18
CA VAL A 49 -6.80 -2.64 3.98
C VAL A 49 -7.70 -1.52 3.44
N TYR A 50 -8.86 -1.93 3.04
CA TYR A 50 -9.94 -1.06 2.54
C TYR A 50 -10.48 -0.23 3.70
N ASP A 51 -10.56 -0.88 4.83
CA ASP A 51 -11.08 -0.31 6.08
C ASP A 51 -10.85 -1.33 7.16
N ASN A 52 -11.41 -2.52 6.96
CA ASN A 52 -11.17 -3.66 7.86
C ASN A 52 -11.16 -4.96 7.09
N GLN A 53 -11.05 -4.87 5.78
CA GLN A 53 -11.06 -6.01 4.93
C GLN A 53 -9.90 -5.83 4.03
N LEU A 54 -9.40 -6.89 3.52
CA LEU A 54 -8.20 -6.81 2.79
C LEU A 54 -8.42 -7.12 1.31
N LEU A 55 -7.86 -6.32 0.48
CA LEU A 55 -7.83 -6.57 -0.96
C LEU A 55 -6.41 -6.84 -1.36
N HIS A 56 -6.21 -7.21 -2.59
CA HIS A 56 -4.87 -7.49 -3.05
C HIS A 56 -4.55 -6.73 -4.33
N LEU A 57 -3.58 -5.88 -4.22
CA LEU A 57 -3.15 -5.03 -5.31
C LEU A 57 -1.79 -5.45 -5.68
N LYS A 58 -1.43 -5.28 -6.90
CA LYS A 58 -0.16 -5.71 -7.31
C LYS A 58 0.55 -4.69 -8.12
N GLN A 59 1.84 -4.81 -8.12
CA GLN A 59 2.69 -3.89 -8.80
C GLN A 59 2.77 -4.26 -10.25
N GLY A 60 2.42 -3.31 -11.04
CA GLY A 60 2.45 -3.47 -12.46
C GLY A 60 3.49 -2.59 -13.07
N ILE A 61 3.12 -1.83 -14.07
CA ILE A 61 4.05 -0.96 -14.72
C ILE A 61 4.10 0.34 -13.96
N SER A 62 5.17 0.55 -13.26
CA SER A 62 5.30 1.72 -12.46
C SER A 62 6.08 2.80 -13.21
N ALA A 63 5.67 4.04 -13.00
CA ALA A 63 6.31 5.17 -13.60
C ALA A 63 6.41 6.31 -12.60
N SER A 64 5.33 6.56 -11.88
CA SER A 64 5.29 7.63 -10.90
C SER A 64 5.85 7.16 -9.54
N GLY A 65 6.10 5.89 -9.42
CA GLY A 65 6.57 5.31 -8.19
C GLY A 65 6.59 3.83 -8.31
N ALA A 66 5.80 3.20 -7.52
CA ALA A 66 5.62 1.80 -7.51
C ALA A 66 4.17 1.66 -7.35
N ARG A 67 3.52 1.13 -8.30
CA ARG A 67 2.12 1.15 -8.23
C ARG A 67 1.56 -0.22 -8.01
N TYR A 68 0.85 -0.36 -6.97
CA TYR A 68 0.16 -1.55 -6.63
C TYR A 68 -1.28 -1.27 -6.84
N THR A 69 -1.85 -1.84 -7.82
CA THR A 69 -3.22 -1.53 -8.13
C THR A 69 -3.99 -2.78 -8.39
N ASP A 70 -5.22 -2.77 -7.97
CA ASP A 70 -6.12 -3.87 -8.23
C ASP A 70 -7.26 -3.40 -9.10
N GLY A 71 -7.83 -2.29 -8.73
CA GLY A 71 -8.97 -1.76 -9.41
C GLY A 71 -9.87 -1.09 -8.42
N ILE A 72 -9.94 -1.70 -7.24
CA ILE A 72 -10.71 -1.17 -6.12
C ILE A 72 -10.15 0.19 -5.79
N TYR A 73 -8.85 0.21 -5.59
CA TYR A 73 -8.12 1.42 -5.44
C TYR A 73 -6.83 1.27 -6.18
N VAL A 74 -6.18 2.37 -6.35
CA VAL A 74 -4.91 2.47 -7.00
C VAL A 74 -3.91 2.88 -5.93
N PHE A 75 -3.03 2.01 -5.56
CA PHE A 75 -2.09 2.32 -4.50
C PHE A 75 -0.78 2.75 -5.12
N TRP A 76 -0.31 3.87 -4.69
CA TRP A 76 0.87 4.43 -5.19
C TRP A 76 1.85 4.60 -4.08
N SER A 77 2.92 3.95 -4.26
CA SER A 77 3.99 3.95 -3.35
C SER A 77 5.10 4.74 -3.99
N LYS A 78 5.52 5.77 -3.35
CA LYS A 78 6.61 6.53 -3.87
C LYS A 78 7.94 5.93 -3.35
N GLY A 79 7.80 5.07 -2.36
CA GLY A 79 8.94 4.45 -1.72
C GLY A 79 8.86 4.69 -0.25
N ASP A 80 8.67 5.93 0.10
CA ASP A 80 8.51 6.33 1.49
C ASP A 80 7.18 6.98 1.69
N GLU A 81 6.50 7.29 0.63
CA GLU A 81 5.21 7.88 0.72
C GLU A 81 4.24 6.91 0.16
N ALA A 82 3.16 6.75 0.82
CA ALA A 82 2.18 5.84 0.39
C ALA A 82 0.87 6.54 0.34
N THR A 83 0.27 6.49 -0.79
CA THR A 83 -1.02 7.06 -1.00
C THR A 83 -1.84 6.05 -1.82
N VAL A 84 -3.13 6.19 -1.82
CA VAL A 84 -3.99 5.25 -2.50
C VAL A 84 -5.30 5.92 -2.89
N TYR A 85 -5.47 6.04 -4.17
CA TYR A 85 -6.49 6.84 -4.75
C TYR A 85 -7.17 6.15 -5.93
N LYS A 86 -8.45 5.90 -5.78
CA LYS A 86 -9.26 5.59 -6.87
C LYS A 86 -9.69 6.94 -7.31
N ARG A 87 -9.95 7.10 -8.52
CA ARG A 87 -10.37 8.36 -9.01
C ARG A 87 -11.87 8.48 -8.83
N ASP A 88 -12.15 8.68 -7.58
CA ASP A 88 -13.46 8.89 -6.99
C ASP A 88 -13.34 8.77 -5.49
N ARG A 89 -12.41 7.93 -5.07
CA ARG A 89 -12.26 7.64 -3.67
C ARG A 89 -10.82 7.32 -3.30
N ILE A 90 -10.23 8.25 -2.66
CA ILE A 90 -8.94 8.12 -2.04
C ILE A 90 -9.21 7.70 -0.64
N VAL A 91 -8.46 6.79 -0.18
CA VAL A 91 -8.61 6.31 1.18
C VAL A 91 -7.47 6.75 2.03
N LEU A 92 -6.34 7.01 1.42
CA LEU A 92 -5.15 7.49 2.13
C LEU A 92 -4.38 8.35 1.19
N ASN A 93 -3.91 9.48 1.66
CA ASN A 93 -3.18 10.40 0.78
C ASN A 93 -2.00 11.00 1.49
N ASN A 94 -1.71 10.48 2.62
CA ASN A 94 -0.67 11.02 3.45
C ASN A 94 -0.26 10.03 4.47
N CYS A 95 0.66 9.24 4.07
CA CYS A 95 1.34 8.32 4.91
C CYS A 95 2.74 8.33 4.45
N GLN A 96 3.63 8.52 5.35
CA GLN A 96 4.99 8.62 5.02
C GLN A 96 5.70 7.70 5.90
N LEU A 97 5.99 6.63 5.30
CA LEU A 97 6.37 5.43 5.93
C LEU A 97 7.57 5.58 6.82
N GLN A 98 7.47 5.02 8.02
CA GLN A 98 8.61 5.02 8.90
C GLN A 98 9.68 4.13 8.26
N ASN A 99 9.27 2.89 7.94
CA ASN A 99 10.05 1.91 7.22
C ASN A 99 9.21 0.67 7.33
N PRO A 100 9.18 -0.21 6.35
CA PRO A 100 8.48 -1.44 6.53
C PRO A 100 9.33 -2.42 7.36
N GLN A 101 9.17 -3.70 7.13
CA GLN A 101 9.95 -4.70 7.79
C GLN A 101 11.40 -4.51 7.38
N ARG A 102 11.55 -4.16 6.15
CA ARG A 102 12.84 -3.92 5.53
C ARG A 102 12.76 -2.75 4.60
N MET A 21 8.04 -16.93 6.42
CA MET A 21 7.24 -16.30 7.49
C MET A 21 6.99 -14.84 7.18
N GLN A 22 8.09 -14.09 7.14
CA GLN A 22 8.09 -12.64 7.03
C GLN A 22 7.40 -12.12 5.78
N THR A 23 6.89 -10.93 5.88
CA THR A 23 6.28 -10.23 4.80
C THR A 23 6.62 -8.79 5.01
N ASP A 24 6.99 -8.11 3.96
CA ASP A 24 7.30 -6.70 4.02
C ASP A 24 6.01 -5.94 4.25
N THR A 25 6.06 -4.96 5.10
CA THR A 25 4.90 -4.18 5.41
C THR A 25 5.30 -2.75 5.67
N LEU A 26 4.39 -1.85 5.44
CA LEU A 26 4.62 -0.49 5.66
C LEU A 26 4.59 -0.09 7.15
N GLU A 27 4.48 1.21 7.44
CA GLU A 27 4.69 1.74 8.78
C GLU A 27 3.50 1.36 9.69
N TYR A 28 2.51 0.78 9.04
CA TYR A 28 1.27 0.30 9.60
C TYR A 28 0.49 1.28 10.46
N GLN A 29 0.74 2.53 10.27
CA GLN A 29 0.13 3.56 10.96
C GLN A 29 0.23 4.74 10.06
N CYS A 30 -0.86 5.20 9.67
CA CYS A 30 -0.95 6.33 8.84
C CYS A 30 -1.93 7.27 9.50
N ASP A 31 -2.08 8.46 8.96
CA ASP A 31 -2.92 9.50 9.59
C ASP A 31 -4.36 9.07 9.87
N GLU A 32 -4.99 8.41 8.92
CA GLU A 32 -6.42 8.07 9.08
C GLU A 32 -6.64 6.58 9.04
N LYS A 33 -5.62 5.85 8.73
CA LYS A 33 -5.75 4.43 8.45
C LYS A 33 -4.52 3.73 8.93
N PRO A 34 -4.61 2.48 9.33
CA PRO A 34 -3.45 1.70 9.60
C PRO A 34 -3.04 0.94 8.32
N LEU A 35 -1.82 1.09 7.85
CA LEU A 35 -1.48 0.54 6.58
C LEU A 35 -0.59 -0.62 6.75
N THR A 36 -1.17 -1.73 6.91
CA THR A 36 -0.38 -2.87 7.03
C THR A 36 -0.43 -3.58 5.68
N VAL A 37 0.71 -3.94 5.16
CA VAL A 37 0.78 -4.46 3.82
C VAL A 37 1.40 -5.83 3.81
N LYS A 38 0.98 -6.64 2.89
CA LYS A 38 1.58 -7.89 2.68
C LYS A 38 2.31 -7.79 1.39
N LEU A 39 3.42 -7.12 1.47
CA LEU A 39 4.25 -6.89 0.40
C LEU A 39 5.12 -8.11 0.27
N ASN A 40 4.76 -8.91 -0.63
CA ASN A 40 5.51 -10.10 -0.90
C ASN A 40 6.65 -9.70 -1.84
N ASN A 41 7.87 -9.81 -1.38
CA ASN A 41 9.03 -9.38 -2.17
C ASN A 41 9.24 -10.28 -3.41
N PRO A 42 9.39 -11.64 -3.28
CA PRO A 42 9.53 -12.54 -4.44
C PRO A 42 8.27 -12.59 -5.34
N ARG A 43 7.19 -12.06 -4.87
CA ARG A 43 5.94 -12.02 -5.58
C ARG A 43 5.29 -10.70 -5.31
N GLN A 44 5.88 -9.72 -5.94
CA GLN A 44 5.57 -8.25 -5.99
C GLN A 44 4.09 -7.90 -6.09
N GLU A 45 3.44 -8.38 -5.15
CA GLU A 45 2.05 -8.14 -4.85
C GLU A 45 1.90 -7.67 -3.43
N VAL A 46 0.90 -6.87 -3.21
CA VAL A 46 0.60 -6.34 -1.90
C VAL A 46 -0.84 -6.59 -1.55
N SER A 47 -1.05 -7.12 -0.40
CA SER A 47 -2.36 -7.20 0.13
C SER A 47 -2.38 -6.25 1.28
N PHE A 48 -3.18 -5.25 1.20
CA PHE A 48 -3.15 -4.23 2.19
C PHE A 48 -4.49 -4.13 2.84
N VAL A 49 -4.48 -3.62 4.00
CA VAL A 49 -5.66 -3.43 4.72
C VAL A 49 -6.16 -2.02 4.45
N TYR A 50 -7.31 -1.99 3.84
CA TYR A 50 -8.06 -0.78 3.49
C TYR A 50 -8.24 0.03 4.74
N ASP A 51 -8.75 -0.66 5.73
CA ASP A 51 -9.06 -0.12 7.02
C ASP A 51 -9.47 -1.28 7.89
N ASN A 52 -10.39 -2.08 7.38
CA ASN A 52 -10.89 -3.23 8.12
C ASN A 52 -11.05 -4.45 7.17
N GLN A 53 -10.46 -4.38 5.98
CA GLN A 53 -10.56 -5.45 5.01
C GLN A 53 -9.32 -5.43 4.22
N LEU A 54 -9.00 -6.51 3.64
CA LEU A 54 -7.78 -6.64 2.91
C LEU A 54 -8.07 -6.68 1.42
N LEU A 55 -7.33 -5.93 0.66
CA LEU A 55 -7.40 -5.95 -0.78
C LEU A 55 -6.05 -6.33 -1.30
N HIS A 56 -5.95 -6.52 -2.58
CA HIS A 56 -4.69 -6.96 -3.16
C HIS A 56 -4.37 -6.29 -4.48
N LEU A 57 -3.15 -5.85 -4.61
CA LEU A 57 -2.66 -5.15 -5.78
C LEU A 57 -1.36 -5.76 -6.19
N LYS A 58 -0.92 -5.39 -7.34
CA LYS A 58 0.30 -5.90 -7.88
C LYS A 58 1.06 -4.79 -8.57
N GLN A 59 2.33 -4.91 -8.61
CA GLN A 59 3.15 -3.90 -9.26
C GLN A 59 3.28 -4.26 -10.71
N GLY A 60 2.47 -3.63 -11.49
CA GLY A 60 2.43 -3.90 -12.90
C GLY A 60 2.89 -2.74 -13.70
N ILE A 61 2.20 -1.64 -13.53
CA ILE A 61 2.50 -0.43 -14.26
C ILE A 61 2.84 0.65 -13.29
N SER A 62 4.03 1.15 -13.35
CA SER A 62 4.48 2.16 -12.47
C SER A 62 4.84 3.43 -13.23
N ALA A 63 3.95 4.40 -13.18
CA ALA A 63 4.16 5.65 -13.83
C ALA A 63 5.12 6.55 -13.04
N SER A 64 4.61 7.16 -12.00
CA SER A 64 5.34 8.10 -11.21
C SER A 64 5.89 7.48 -9.93
N GLY A 65 6.12 6.19 -9.94
CA GLY A 65 6.61 5.54 -8.75
C GLY A 65 6.61 4.07 -8.91
N ALA A 66 5.93 3.42 -8.04
CA ALA A 66 5.81 2.03 -8.01
C ALA A 66 4.38 1.84 -7.74
N ARG A 67 3.70 1.27 -8.65
CA ARG A 67 2.32 1.20 -8.49
C ARG A 67 1.87 -0.19 -8.34
N TYR A 68 1.30 -0.44 -7.25
CA TYR A 68 0.69 -1.67 -7.00
C TYR A 68 -0.77 -1.40 -7.25
N THR A 69 -1.24 -1.90 -8.32
CA THR A 69 -2.56 -1.61 -8.77
C THR A 69 -3.01 -2.75 -9.67
N ASP A 70 -4.29 -2.94 -9.72
CA ASP A 70 -4.89 -3.88 -10.62
C ASP A 70 -6.17 -3.25 -11.13
N GLY A 71 -7.16 -3.24 -10.28
CA GLY A 71 -8.42 -2.59 -10.60
C GLY A 71 -9.19 -2.12 -9.37
N ILE A 72 -8.68 -2.45 -8.20
CA ILE A 72 -9.39 -2.15 -6.97
C ILE A 72 -9.08 -0.70 -6.57
N TYR A 73 -7.83 -0.44 -6.29
CA TYR A 73 -7.35 0.89 -5.95
C TYR A 73 -6.00 1.01 -6.54
N VAL A 74 -5.47 2.18 -6.47
CA VAL A 74 -4.20 2.47 -7.01
C VAL A 74 -3.25 2.75 -5.87
N PHE A 75 -2.46 1.79 -5.52
CA PHE A 75 -1.50 1.94 -4.46
C PHE A 75 -0.22 2.46 -5.07
N TRP A 76 0.02 3.72 -4.88
CA TRP A 76 1.13 4.36 -5.43
C TRP A 76 2.14 4.62 -4.37
N SER A 77 3.25 4.06 -4.60
CA SER A 77 4.37 4.17 -3.75
C SER A 77 5.36 5.07 -4.47
N LYS A 78 5.58 6.24 -3.94
CA LYS A 78 6.48 7.18 -4.54
C LYS A 78 7.90 6.97 -4.02
N GLY A 79 7.99 6.51 -2.81
CA GLY A 79 9.28 6.30 -2.19
C GLY A 79 9.13 6.15 -0.72
N ASP A 80 9.07 7.27 -0.02
CA ASP A 80 8.86 7.27 1.43
C ASP A 80 7.41 7.44 1.70
N GLU A 81 6.67 7.76 0.68
CA GLU A 81 5.32 8.10 0.83
C GLU A 81 4.50 7.22 -0.06
N ALA A 82 3.31 6.96 0.39
CA ALA A 82 2.43 6.10 -0.28
C ALA A 82 1.06 6.73 -0.26
N THR A 83 0.38 6.63 -1.33
CA THR A 83 -0.96 7.13 -1.46
C THR A 83 -1.78 6.19 -2.35
N VAL A 84 -3.04 6.00 -2.01
CA VAL A 84 -3.92 5.08 -2.71
C VAL A 84 -5.10 5.83 -3.31
N TYR A 85 -5.16 5.90 -4.63
CA TYR A 85 -6.20 6.67 -5.31
C TYR A 85 -7.05 5.84 -6.28
N LYS A 86 -8.24 5.47 -5.96
CA LYS A 86 -9.17 5.17 -6.97
C LYS A 86 -9.80 6.52 -7.22
N ARG A 87 -10.20 6.75 -8.41
CA ARG A 87 -10.76 8.00 -8.89
C ARG A 87 -11.77 8.63 -7.92
N ASP A 88 -12.58 7.82 -7.29
CA ASP A 88 -13.58 8.33 -6.39
C ASP A 88 -13.28 7.90 -4.97
N ARG A 89 -12.19 7.15 -4.78
CA ARG A 89 -11.94 6.62 -3.48
C ARG A 89 -10.46 6.47 -3.16
N ILE A 90 -9.93 7.50 -2.61
CA ILE A 90 -8.65 7.46 -1.95
C ILE A 90 -8.89 6.87 -0.61
N VAL A 91 -8.13 5.93 -0.30
CA VAL A 91 -8.29 5.28 0.96
C VAL A 91 -7.23 5.72 1.94
N LEU A 92 -6.09 6.10 1.42
CA LEU A 92 -4.96 6.55 2.24
C LEU A 92 -4.17 7.56 1.45
N ASN A 93 -3.73 8.64 2.11
CA ASN A 93 -2.99 9.71 1.41
C ASN A 93 -1.95 10.35 2.30
N ASN A 94 -1.61 9.67 3.34
CA ASN A 94 -0.65 10.14 4.30
C ASN A 94 -0.03 8.96 4.97
N CYS A 95 0.90 8.39 4.28
CA CYS A 95 1.64 7.27 4.74
C CYS A 95 3.06 7.50 4.43
N GLN A 96 3.90 7.26 5.38
CA GLN A 96 5.28 7.50 5.26
C GLN A 96 5.95 6.32 5.82
N LEU A 97 6.68 5.71 4.99
CA LEU A 97 7.21 4.44 5.26
C LEU A 97 8.57 4.47 5.97
N GLN A 98 8.68 3.73 7.06
CA GLN A 98 9.96 3.55 7.76
C GLN A 98 10.90 2.68 6.94
N ASN A 99 10.52 1.43 6.79
CA ASN A 99 11.28 0.43 6.09
C ASN A 99 10.31 -0.71 5.99
N PRO A 100 10.01 -1.22 4.79
CA PRO A 100 9.06 -2.30 4.65
C PRO A 100 9.47 -3.59 5.41
N GLN A 101 10.75 -3.78 5.59
CA GLN A 101 11.25 -4.90 6.29
C GLN A 101 11.86 -4.47 7.61
N ARG A 102 11.06 -3.75 8.33
CA ARG A 102 11.38 -3.21 9.64
C ARG A 102 11.68 -4.31 10.67
N MET A 21 1.24 -13.47 10.47
CA MET A 21 1.78 -12.62 9.42
C MET A 21 3.29 -12.81 9.35
N GLN A 22 3.73 -13.39 8.25
CA GLN A 22 5.15 -13.58 7.98
C GLN A 22 5.39 -13.09 6.58
N THR A 23 5.38 -11.80 6.45
CA THR A 23 5.49 -11.12 5.18
C THR A 23 6.07 -9.75 5.51
N ASP A 24 6.47 -9.00 4.51
CA ASP A 24 6.92 -7.65 4.78
C ASP A 24 5.73 -6.78 4.99
N THR A 25 5.86 -5.74 5.74
CA THR A 25 4.77 -4.87 6.01
C THR A 25 5.25 -3.46 6.03
N LEU A 26 4.37 -2.53 5.82
CA LEU A 26 4.79 -1.16 5.77
C LEU A 26 4.84 -0.54 7.16
N GLU A 27 4.53 0.74 7.23
CA GLU A 27 4.64 1.55 8.44
C GLU A 27 3.68 1.00 9.48
N TYR A 28 2.66 0.32 8.95
CA TYR A 28 1.58 -0.32 9.63
C TYR A 28 0.72 0.56 10.52
N GLN A 29 1.12 1.77 10.70
CA GLN A 29 0.46 2.75 11.51
C GLN A 29 0.73 4.04 10.90
N CYS A 30 -0.07 4.34 9.97
CA CYS A 30 0.09 5.50 9.18
C CYS A 30 -0.73 6.64 9.74
N ASP A 31 -0.74 7.71 9.00
CA ASP A 31 -1.44 8.92 9.35
C ASP A 31 -2.92 8.72 9.52
N GLU A 32 -3.54 8.13 8.56
CA GLU A 32 -4.97 8.01 8.63
C GLU A 32 -5.42 6.60 9.00
N LYS A 33 -4.67 5.62 8.60
CA LYS A 33 -5.10 4.25 8.73
C LYS A 33 -3.94 3.46 9.26
N PRO A 34 -4.17 2.41 10.00
CA PRO A 34 -3.12 1.52 10.32
C PRO A 34 -2.93 0.56 9.13
N LEU A 35 -1.81 0.66 8.46
CA LEU A 35 -1.64 0.04 7.18
C LEU A 35 -0.75 -1.14 7.31
N THR A 36 -1.27 -2.20 7.79
CA THR A 36 -0.46 -3.35 7.90
C THR A 36 -0.60 -4.13 6.60
N VAL A 37 0.51 -4.42 5.99
CA VAL A 37 0.53 -4.93 4.65
C VAL A 37 1.15 -6.31 4.60
N LYS A 38 0.74 -7.08 3.63
CA LYS A 38 1.37 -8.29 3.33
C LYS A 38 2.04 -8.07 2.04
N LEU A 39 3.24 -7.59 2.13
CA LEU A 39 4.05 -7.29 1.04
C LEU A 39 4.75 -8.54 0.66
N ASN A 40 4.10 -9.30 -0.15
CA ASN A 40 4.63 -10.57 -0.53
C ASN A 40 5.74 -10.40 -1.53
N ASN A 41 6.96 -10.60 -1.06
CA ASN A 41 8.20 -10.43 -1.83
C ASN A 41 8.20 -11.16 -3.22
N PRO A 42 7.91 -12.50 -3.30
CA PRO A 42 8.02 -13.24 -4.56
C PRO A 42 6.84 -12.98 -5.49
N ARG A 43 5.87 -12.26 -5.00
CA ARG A 43 4.67 -11.99 -5.75
C ARG A 43 4.60 -10.56 -6.19
N GLN A 44 4.98 -9.67 -5.28
CA GLN A 44 4.79 -8.26 -5.42
C GLN A 44 3.33 -7.95 -5.49
N GLU A 45 2.70 -8.38 -4.44
CA GLU A 45 1.32 -8.22 -4.21
C GLU A 45 1.21 -7.79 -2.77
N VAL A 46 0.33 -6.89 -2.52
CA VAL A 46 0.14 -6.37 -1.18
C VAL A 46 -1.25 -6.59 -0.71
N SER A 47 -1.38 -7.12 0.44
CA SER A 47 -2.65 -7.27 1.04
C SER A 47 -2.67 -6.40 2.26
N PHE A 48 -3.48 -5.40 2.24
CA PHE A 48 -3.52 -4.47 3.31
C PHE A 48 -4.91 -4.07 3.65
N VAL A 49 -5.05 -3.62 4.83
CA VAL A 49 -6.25 -3.15 5.36
C VAL A 49 -6.33 -1.68 5.08
N TYR A 50 -7.22 -1.35 4.20
CA TYR A 50 -7.34 0.03 3.74
C TYR A 50 -8.09 0.88 4.72
N ASP A 51 -8.85 0.22 5.56
CA ASP A 51 -9.64 0.88 6.55
C ASP A 51 -10.15 -0.14 7.54
N ASN A 52 -11.05 -1.01 7.08
CA ASN A 52 -11.64 -1.98 7.98
C ASN A 52 -11.59 -3.41 7.42
N GLN A 53 -10.94 -3.60 6.29
CA GLN A 53 -10.88 -4.91 5.71
C GLN A 53 -9.69 -4.97 4.85
N LEU A 54 -9.31 -6.14 4.52
CA LEU A 54 -8.10 -6.36 3.81
C LEU A 54 -8.38 -6.49 2.31
N LEU A 55 -7.63 -5.78 1.54
CA LEU A 55 -7.71 -5.82 0.11
C LEU A 55 -6.36 -6.32 -0.38
N HIS A 56 -6.31 -6.86 -1.56
CA HIS A 56 -5.06 -7.32 -2.12
C HIS A 56 -4.84 -6.72 -3.49
N LEU A 57 -3.78 -5.98 -3.61
CA LEU A 57 -3.46 -5.24 -4.80
C LEU A 57 -2.20 -5.77 -5.36
N LYS A 58 -2.04 -5.68 -6.64
CA LYS A 58 -0.90 -6.23 -7.26
C LYS A 58 -0.17 -5.18 -8.03
N GLN A 59 1.10 -5.38 -8.20
CA GLN A 59 1.92 -4.42 -8.89
C GLN A 59 1.78 -4.53 -10.39
N GLY A 60 1.10 -3.58 -10.93
CA GLY A 60 0.84 -3.54 -12.34
C GLY A 60 1.67 -2.47 -13.00
N ILE A 61 1.00 -1.46 -13.52
CA ILE A 61 1.68 -0.39 -14.20
C ILE A 61 2.34 0.53 -13.19
N SER A 62 3.63 0.52 -13.19
CA SER A 62 4.37 1.33 -12.29
C SER A 62 5.15 2.37 -13.08
N ALA A 63 5.29 3.54 -12.53
CA ALA A 63 6.06 4.56 -13.13
C ALA A 63 7.21 4.96 -12.23
N SER A 64 6.99 5.91 -11.37
CA SER A 64 8.00 6.31 -10.42
C SER A 64 7.72 5.62 -9.10
N GLY A 65 8.03 4.35 -9.03
CA GLY A 65 7.79 3.60 -7.84
C GLY A 65 7.32 2.21 -8.17
N ALA A 66 6.19 1.85 -7.65
CA ALA A 66 5.63 0.57 -7.82
C ALA A 66 4.18 0.76 -7.57
N ARG A 67 3.36 0.34 -8.46
CA ARG A 67 1.98 0.57 -8.27
C ARG A 67 1.21 -0.71 -8.10
N TYR A 68 0.64 -0.88 -6.96
CA TYR A 68 -0.19 -2.00 -6.64
C TYR A 68 -1.60 -1.51 -6.74
N THR A 69 -2.37 -2.06 -7.60
CA THR A 69 -3.70 -1.57 -7.80
C THR A 69 -4.66 -2.73 -8.06
N ASP A 70 -5.85 -2.66 -7.49
CA ASP A 70 -6.83 -3.69 -7.75
C ASP A 70 -8.20 -3.08 -7.99
N GLY A 71 -8.22 -2.08 -8.85
CA GLY A 71 -9.45 -1.44 -9.32
C GLY A 71 -10.10 -0.50 -8.32
N ILE A 72 -10.21 -0.94 -7.11
CA ILE A 72 -10.91 -0.23 -6.07
C ILE A 72 -10.04 0.89 -5.56
N TYR A 73 -8.77 0.59 -5.40
CA TYR A 73 -7.81 1.58 -4.98
C TYR A 73 -6.57 1.44 -5.77
N VAL A 74 -5.86 2.51 -5.78
CA VAL A 74 -4.62 2.64 -6.46
C VAL A 74 -3.56 2.88 -5.42
N PHE A 75 -2.71 1.93 -5.21
CA PHE A 75 -1.65 2.07 -4.25
C PHE A 75 -0.36 2.33 -4.98
N TRP A 76 0.34 3.30 -4.55
CA TRP A 76 1.55 3.70 -5.12
C TRP A 76 2.59 3.63 -4.03
N SER A 77 3.60 2.95 -4.31
CA SER A 77 4.70 2.80 -3.43
C SER A 77 5.86 3.51 -4.07
N LYS A 78 6.34 4.56 -3.44
CA LYS A 78 7.50 5.23 -3.95
C LYS A 78 8.75 4.53 -3.41
N GLY A 79 8.56 3.84 -2.32
CA GLY A 79 9.66 3.20 -1.63
C GLY A 79 9.68 3.65 -0.21
N ASP A 80 9.76 4.97 -0.03
CA ASP A 80 9.72 5.57 1.30
C ASP A 80 8.33 6.12 1.55
N GLU A 81 7.53 6.13 0.52
CA GLU A 81 6.20 6.64 0.59
C GLU A 81 5.27 5.59 0.16
N ALA A 82 4.17 5.53 0.80
CA ALA A 82 3.14 4.67 0.43
C ALA A 82 1.88 5.50 0.40
N THR A 83 1.25 5.49 -0.70
CA THR A 83 0.05 6.26 -0.90
C THR A 83 -1.00 5.42 -1.63
N VAL A 84 -2.24 5.51 -1.21
CA VAL A 84 -3.29 4.79 -1.84
C VAL A 84 -4.50 5.68 -1.97
N TYR A 85 -4.65 6.11 -3.17
CA TYR A 85 -5.53 7.16 -3.55
C TYR A 85 -6.23 6.74 -4.82
N LYS A 86 -7.46 6.37 -4.72
CA LYS A 86 -8.21 6.23 -5.86
C LYS A 86 -8.85 7.57 -6.06
N ARG A 87 -9.18 7.85 -7.25
CA ARG A 87 -9.84 9.09 -7.67
C ARG A 87 -11.13 9.36 -6.85
N ASP A 88 -11.73 8.30 -6.35
CA ASP A 88 -12.96 8.39 -5.57
C ASP A 88 -12.69 8.28 -4.12
N ARG A 89 -11.61 7.64 -3.78
CA ARG A 89 -11.39 7.28 -2.42
C ARG A 89 -9.93 7.06 -2.08
N ILE A 90 -9.41 7.98 -1.35
CA ILE A 90 -8.12 7.91 -0.77
C ILE A 90 -8.31 7.34 0.58
N VAL A 91 -7.44 6.49 0.95
CA VAL A 91 -7.47 5.90 2.26
C VAL A 91 -6.17 6.23 2.97
N LEU A 92 -5.11 6.37 2.22
CA LEU A 92 -3.81 6.69 2.79
C LEU A 92 -3.09 7.63 1.89
N ASN A 93 -2.58 8.70 2.43
CA ASN A 93 -1.79 9.61 1.62
C ASN A 93 -0.58 10.06 2.38
N ASN A 94 -0.37 9.43 3.47
CA ASN A 94 0.70 9.77 4.35
C ASN A 94 1.18 8.54 5.07
N CYS A 95 1.98 7.82 4.38
CA CYS A 95 2.66 6.70 4.89
C CYS A 95 4.08 6.87 4.52
N GLN A 96 4.91 6.84 5.49
CA GLN A 96 6.27 7.11 5.33
C GLN A 96 6.97 6.00 5.97
N LEU A 97 7.43 5.17 5.12
CA LEU A 97 7.87 3.88 5.49
C LEU A 97 9.12 3.91 6.35
N GLN A 98 9.05 3.21 7.45
CA GLN A 98 10.16 3.05 8.35
C GLN A 98 11.14 2.06 7.72
N ASN A 99 10.65 0.87 7.50
CA ASN A 99 11.38 -0.23 6.90
C ASN A 99 10.38 -1.33 6.81
N PRO A 100 10.13 -1.92 5.64
CA PRO A 100 9.10 -2.93 5.50
C PRO A 100 9.45 -4.26 6.18
N GLN A 101 10.73 -4.46 6.39
CA GLN A 101 11.22 -5.61 7.05
C GLN A 101 11.17 -5.34 8.56
N ARG A 102 10.88 -4.09 8.89
CA ARG A 102 10.84 -3.54 10.23
C ARG A 102 12.23 -3.42 10.79
N MET A 21 9.22 -16.95 5.89
CA MET A 21 8.32 -17.34 7.00
C MET A 21 7.44 -16.15 7.44
N GLN A 22 7.80 -14.95 7.03
CA GLN A 22 7.06 -13.77 7.39
C GLN A 22 6.77 -12.94 6.16
N THR A 23 5.90 -12.01 6.31
CA THR A 23 5.51 -11.15 5.25
C THR A 23 5.99 -9.75 5.59
N ASP A 24 6.21 -8.92 4.61
CA ASP A 24 6.62 -7.55 4.90
C ASP A 24 5.39 -6.69 4.99
N THR A 25 5.56 -5.47 5.41
CA THR A 25 4.45 -4.58 5.56
C THR A 25 4.94 -3.15 5.59
N LEU A 26 4.04 -2.21 5.46
CA LEU A 26 4.40 -0.81 5.49
C LEU A 26 4.55 -0.35 6.93
N GLU A 27 4.38 0.93 7.17
CA GLU A 27 4.69 1.52 8.43
C GLU A 27 3.62 1.11 9.46
N TYR A 28 2.43 0.83 8.92
CA TYR A 28 1.22 0.43 9.63
C TYR A 28 0.79 1.28 10.82
N GLN A 29 1.31 2.46 10.95
CA GLN A 29 1.02 3.28 12.10
C GLN A 29 0.72 4.68 11.68
N CYS A 30 0.02 4.78 10.60
CA CYS A 30 -0.33 6.04 10.06
C CYS A 30 -1.43 6.54 10.94
N ASP A 31 -1.30 7.74 11.44
CA ASP A 31 -2.21 8.33 12.43
C ASP A 31 -3.69 8.20 12.05
N GLU A 32 -3.97 8.29 10.79
CA GLU A 32 -5.32 8.19 10.34
C GLU A 32 -5.73 6.75 10.06
N LYS A 33 -4.84 5.95 9.53
CA LYS A 33 -5.24 4.63 9.08
C LYS A 33 -4.14 3.67 9.42
N PRO A 34 -4.39 2.63 10.20
CA PRO A 34 -3.38 1.61 10.41
C PRO A 34 -3.20 0.86 9.09
N LEU A 35 -2.09 1.10 8.44
CA LEU A 35 -1.89 0.72 7.08
C LEU A 35 -1.05 -0.50 7.05
N THR A 36 -1.65 -1.61 7.24
CA THR A 36 -0.90 -2.80 7.34
C THR A 36 -1.01 -3.57 6.04
N VAL A 37 0.09 -4.14 5.63
CA VAL A 37 0.19 -4.76 4.34
C VAL A 37 0.73 -6.13 4.47
N LYS A 38 0.30 -7.00 3.61
CA LYS A 38 0.94 -8.25 3.48
C LYS A 38 1.74 -8.21 2.22
N LEU A 39 2.92 -7.65 2.31
CA LEU A 39 3.85 -7.57 1.20
C LEU A 39 4.45 -8.91 0.97
N ASN A 40 3.72 -9.71 0.27
CA ASN A 40 4.17 -11.04 -0.04
C ASN A 40 5.13 -10.92 -1.19
N ASN A 41 6.39 -10.76 -0.83
CA ASN A 41 7.49 -10.47 -1.76
C ASN A 41 7.50 -11.33 -3.03
N PRO A 42 7.44 -12.71 -2.94
CA PRO A 42 7.52 -13.57 -4.13
C PRO A 42 6.34 -13.40 -5.11
N ARG A 43 5.32 -12.69 -4.69
CA ARG A 43 4.15 -12.50 -5.53
C ARG A 43 3.97 -11.04 -5.94
N GLN A 44 4.48 -10.12 -5.10
CA GLN A 44 4.30 -8.69 -5.26
C GLN A 44 2.82 -8.33 -5.06
N GLU A 45 2.13 -9.22 -4.36
CA GLU A 45 0.75 -9.04 -3.99
C GLU A 45 0.69 -8.65 -2.58
N VAL A 46 -0.24 -7.83 -2.28
CA VAL A 46 -0.43 -7.34 -0.96
C VAL A 46 -1.83 -7.63 -0.50
N SER A 47 -1.95 -8.14 0.68
CA SER A 47 -3.22 -8.23 1.30
C SER A 47 -3.24 -7.05 2.21
N PHE A 48 -4.06 -6.15 1.92
CA PHE A 48 -3.97 -4.87 2.48
C PHE A 48 -5.31 -4.48 3.02
N VAL A 49 -5.27 -3.73 4.03
CA VAL A 49 -6.40 -3.27 4.68
C VAL A 49 -6.64 -1.83 4.26
N TYR A 50 -7.72 -1.61 3.61
CA TYR A 50 -8.04 -0.26 3.13
C TYR A 50 -8.60 0.56 4.28
N ASP A 51 -9.23 -0.14 5.22
CA ASP A 51 -9.89 0.48 6.35
C ASP A 51 -10.36 -0.57 7.34
N ASN A 52 -11.32 -1.37 6.92
CA ASN A 52 -11.88 -2.37 7.81
C ASN A 52 -12.00 -3.72 7.10
N GLN A 53 -11.39 -3.86 5.94
CA GLN A 53 -11.46 -5.08 5.23
C GLN A 53 -10.20 -5.23 4.50
N LEU A 54 -9.86 -6.42 4.27
CA LEU A 54 -8.66 -6.73 3.62
C LEU A 54 -8.94 -7.08 2.19
N LEU A 55 -8.26 -6.46 1.31
CA LEU A 55 -8.37 -6.77 -0.09
C LEU A 55 -6.98 -7.00 -0.63
N HIS A 56 -6.86 -7.77 -1.67
CA HIS A 56 -5.57 -8.06 -2.21
C HIS A 56 -5.34 -7.22 -3.45
N LEU A 57 -4.19 -6.70 -3.54
CA LEU A 57 -3.82 -5.82 -4.62
C LEU A 57 -2.48 -6.23 -5.03
N LYS A 58 -2.06 -5.74 -6.13
CA LYS A 58 -0.79 -6.13 -6.60
C LYS A 58 -0.19 -5.06 -7.41
N GLN A 59 1.07 -5.18 -7.52
CA GLN A 59 1.87 -4.28 -8.28
C GLN A 59 1.76 -4.57 -9.76
N GLY A 60 0.99 -3.75 -10.42
CA GLY A 60 0.72 -3.93 -11.84
C GLY A 60 1.53 -2.99 -12.73
N ILE A 61 0.85 -2.08 -13.41
CA ILE A 61 1.50 -1.15 -14.33
C ILE A 61 1.97 0.07 -13.57
N SER A 62 3.26 0.39 -13.66
CA SER A 62 3.84 1.49 -12.94
C SER A 62 3.32 2.83 -13.45
N ALA A 63 2.22 3.28 -12.86
CA ALA A 63 1.64 4.53 -13.16
C ALA A 63 2.59 5.67 -12.81
N SER A 64 2.90 5.80 -11.54
CA SER A 64 3.79 6.86 -11.06
C SER A 64 4.53 6.40 -9.78
N GLY A 65 4.72 5.11 -9.62
CA GLY A 65 5.34 4.61 -8.41
C GLY A 65 5.17 3.14 -8.29
N ALA A 66 4.97 2.68 -7.09
CA ALA A 66 4.83 1.33 -6.78
C ALA A 66 3.40 1.26 -6.59
N ARG A 67 2.79 0.41 -7.23
CA ARG A 67 1.41 0.53 -7.39
C ARG A 67 0.65 -0.77 -7.11
N TYR A 68 0.10 -0.90 -5.94
CA TYR A 68 -0.64 -2.06 -5.62
C TYR A 68 -2.06 -1.69 -5.79
N THR A 69 -2.68 -2.23 -6.78
CA THR A 69 -4.03 -1.84 -7.10
C THR A 69 -4.74 -3.02 -7.70
N ASP A 70 -5.96 -3.22 -7.28
CA ASP A 70 -6.77 -4.30 -7.81
C ASP A 70 -7.88 -3.70 -8.65
N GLY A 71 -8.30 -2.51 -8.28
CA GLY A 71 -9.31 -1.83 -8.99
C GLY A 71 -10.30 -1.17 -8.08
N ILE A 72 -10.26 -1.50 -6.79
CA ILE A 72 -11.19 -0.91 -5.84
C ILE A 72 -10.62 0.42 -5.34
N TYR A 73 -9.36 0.39 -4.96
CA TYR A 73 -8.60 1.55 -4.57
C TYR A 73 -7.26 1.44 -5.19
N VAL A 74 -6.59 2.52 -5.22
CA VAL A 74 -5.30 2.62 -5.79
C VAL A 74 -4.32 2.89 -4.67
N PHE A 75 -3.50 1.94 -4.37
CA PHE A 75 -2.49 2.13 -3.35
C PHE A 75 -1.19 2.48 -4.01
N TRP A 76 -0.88 3.75 -4.03
CA TRP A 76 0.26 4.25 -4.66
C TRP A 76 1.29 4.56 -3.64
N SER A 77 2.35 3.91 -3.80
CA SER A 77 3.46 4.04 -2.96
C SER A 77 4.54 4.66 -3.79
N LYS A 78 4.92 5.86 -3.47
CA LYS A 78 5.92 6.52 -4.22
C LYS A 78 7.30 6.13 -3.68
N GLY A 79 7.64 6.61 -2.51
CA GLY A 79 8.89 6.23 -1.92
C GLY A 79 8.84 6.38 -0.43
N ASP A 80 8.61 7.60 0.00
CA ASP A 80 8.55 7.91 1.42
C ASP A 80 7.13 7.88 1.87
N GLU A 81 6.24 8.00 0.94
CA GLU A 81 4.88 8.18 1.22
C GLU A 81 4.05 7.16 0.52
N ALA A 82 2.85 7.02 0.99
CA ALA A 82 1.91 6.18 0.42
C ALA A 82 0.63 6.97 0.32
N THR A 83 0.04 6.93 -0.81
CA THR A 83 -1.17 7.64 -1.08
C THR A 83 -2.18 6.65 -1.68
N VAL A 84 -3.33 6.56 -1.08
CA VAL A 84 -4.32 5.61 -1.48
C VAL A 84 -5.55 6.34 -1.92
N TYR A 85 -5.79 6.34 -3.19
CA TYR A 85 -6.87 7.12 -3.70
C TYR A 85 -7.54 6.48 -4.89
N LYS A 86 -8.78 6.21 -4.74
CA LYS A 86 -9.59 5.92 -5.83
C LYS A 86 -10.21 7.25 -6.17
N ARG A 87 -10.55 7.41 -7.38
CA ARG A 87 -11.29 8.57 -7.92
C ARG A 87 -12.54 8.88 -7.08
N ASP A 88 -13.06 7.85 -6.45
CA ASP A 88 -14.29 7.91 -5.74
C ASP A 88 -14.04 8.03 -4.28
N ARG A 89 -12.84 7.71 -3.85
CA ARG A 89 -12.55 7.65 -2.43
C ARG A 89 -11.05 7.51 -2.12
N ILE A 90 -10.49 8.55 -1.59
CA ILE A 90 -9.17 8.54 -1.00
C ILE A 90 -9.30 8.04 0.41
N VAL A 91 -8.46 7.16 0.77
CA VAL A 91 -8.48 6.63 2.11
C VAL A 91 -7.22 6.99 2.86
N LEU A 92 -6.18 7.33 2.12
CA LEU A 92 -4.92 7.80 2.70
C LEU A 92 -4.28 8.74 1.74
N ASN A 93 -3.78 9.83 2.21
CA ASN A 93 -3.10 10.75 1.32
C ASN A 93 -1.88 11.31 1.96
N ASN A 94 -1.53 10.75 3.08
CA ASN A 94 -0.41 11.20 3.84
C ASN A 94 -0.09 10.22 4.93
N CYS A 95 0.79 9.35 4.60
CA CYS A 95 1.41 8.43 5.50
C CYS A 95 2.77 8.26 4.95
N GLN A 96 3.72 7.95 5.78
CA GLN A 96 5.05 7.95 5.37
C GLN A 96 5.70 6.75 5.92
N LEU A 97 6.19 5.99 5.04
CA LEU A 97 6.70 4.72 5.34
C LEU A 97 8.18 4.85 5.71
N GLN A 98 8.60 4.15 6.74
CA GLN A 98 10.02 4.24 7.11
C GLN A 98 10.86 3.14 6.45
N ASN A 99 10.36 1.91 6.49
CA ASN A 99 11.04 0.76 5.95
C ASN A 99 10.02 -0.32 5.96
N PRO A 100 9.75 -0.98 4.83
CA PRO A 100 8.77 -2.00 4.81
C PRO A 100 9.32 -3.36 5.20
N GLN A 101 10.62 -3.46 5.29
CA GLN A 101 11.24 -4.64 5.72
C GLN A 101 11.20 -4.64 7.23
N ARG A 102 10.17 -5.19 7.72
CA ARG A 102 9.96 -5.32 9.13
C ARG A 102 10.31 -6.74 9.50
N MET A 21 4.20 -12.72 10.44
CA MET A 21 5.59 -12.33 10.76
C MET A 21 6.48 -12.29 9.52
N GLN A 22 6.45 -13.32 8.69
CA GLN A 22 7.30 -13.32 7.51
C GLN A 22 6.58 -12.65 6.34
N THR A 23 6.50 -11.37 6.43
CA THR A 23 5.95 -10.51 5.42
C THR A 23 6.44 -9.15 5.76
N ASP A 24 6.88 -8.44 4.79
CA ASP A 24 7.34 -7.11 5.01
C ASP A 24 6.13 -6.23 5.14
N THR A 25 6.25 -5.13 5.79
CA THR A 25 5.10 -4.29 6.04
C THR A 25 5.53 -2.84 6.10
N LEU A 26 4.62 -1.91 5.78
CA LEU A 26 5.00 -0.52 5.72
C LEU A 26 4.98 0.13 7.11
N GLU A 27 4.66 1.42 7.16
CA GLU A 27 4.71 2.19 8.38
C GLU A 27 3.67 1.67 9.35
N TYR A 28 2.64 1.12 8.75
CA TYR A 28 1.46 0.57 9.37
C TYR A 28 0.69 1.41 10.39
N GLN A 29 1.24 2.54 10.75
CA GLN A 29 0.67 3.44 11.71
C GLN A 29 0.96 4.79 11.23
N CYS A 30 0.37 5.04 10.15
CA CYS A 30 0.55 6.26 9.45
C CYS A 30 -0.30 7.33 10.12
N ASP A 31 -0.07 8.53 9.73
CA ASP A 31 -0.82 9.66 10.25
C ASP A 31 -2.17 9.75 9.54
N GLU A 32 -2.27 9.01 8.46
CA GLU A 32 -3.43 8.96 7.68
C GLU A 32 -4.35 7.89 8.23
N LYS A 33 -3.85 6.68 8.23
CA LYS A 33 -4.61 5.48 8.57
C LYS A 33 -3.60 4.47 9.06
N PRO A 34 -4.02 3.37 9.66
CA PRO A 34 -3.11 2.30 9.92
C PRO A 34 -2.96 1.51 8.61
N LEU A 35 -1.78 1.54 8.02
CA LEU A 35 -1.58 0.95 6.73
C LEU A 35 -0.71 -0.25 6.85
N THR A 36 -1.27 -1.30 7.26
CA THR A 36 -0.52 -2.47 7.45
C THR A 36 -0.50 -3.28 6.16
N VAL A 37 0.56 -3.09 5.43
CA VAL A 37 0.78 -3.71 4.16
C VAL A 37 1.44 -5.06 4.30
N LYS A 38 0.92 -6.03 3.64
CA LYS A 38 1.57 -7.29 3.56
C LYS A 38 2.33 -7.24 2.28
N LEU A 39 3.54 -6.83 2.40
CA LEU A 39 4.37 -6.64 1.33
C LEU A 39 5.04 -7.94 1.03
N ASN A 40 4.49 -8.64 0.12
CA ASN A 40 5.09 -9.86 -0.33
C ASN A 40 5.88 -9.52 -1.56
N ASN A 41 7.15 -9.27 -1.37
CA ASN A 41 8.03 -8.82 -2.44
C ASN A 41 8.15 -9.83 -3.61
N PRO A 42 8.41 -11.15 -3.37
CA PRO A 42 8.51 -12.15 -4.47
C PRO A 42 7.16 -12.40 -5.13
N ARG A 43 6.13 -11.86 -4.54
CA ARG A 43 4.78 -12.00 -5.04
C ARG A 43 4.33 -10.72 -5.77
N GLN A 44 5.02 -9.61 -5.48
CA GLN A 44 4.70 -8.29 -6.02
C GLN A 44 3.25 -7.88 -5.73
N GLU A 45 2.81 -8.22 -4.53
CA GLU A 45 1.48 -7.87 -4.05
C GLU A 45 1.53 -7.32 -2.65
N VAL A 46 0.58 -6.47 -2.39
CA VAL A 46 0.39 -5.87 -1.08
C VAL A 46 -1.02 -6.10 -0.63
N SER A 47 -1.16 -6.54 0.56
CA SER A 47 -2.46 -6.65 1.13
C SER A 47 -2.51 -5.69 2.27
N PHE A 48 -3.35 -4.74 2.20
CA PHE A 48 -3.42 -3.77 3.23
C PHE A 48 -4.81 -3.45 3.60
N VAL A 49 -4.92 -2.86 4.72
CA VAL A 49 -6.16 -2.48 5.26
C VAL A 49 -6.49 -1.08 4.80
N TYR A 50 -7.47 -1.00 3.97
CA TYR A 50 -7.96 0.26 3.44
C TYR A 50 -8.54 1.11 4.52
N ASP A 51 -9.22 0.47 5.41
CA ASP A 51 -9.85 1.12 6.53
C ASP A 51 -10.46 0.09 7.42
N ASN A 52 -11.28 -0.76 6.83
CA ASN A 52 -11.99 -1.74 7.61
C ASN A 52 -11.87 -3.12 7.03
N GLN A 53 -11.00 -3.31 6.07
CA GLN A 53 -10.86 -4.58 5.46
C GLN A 53 -9.51 -4.63 4.87
N LEU A 54 -9.00 -5.79 4.76
CA LEU A 54 -7.75 -6.02 4.17
C LEU A 54 -8.01 -6.40 2.73
N LEU A 55 -7.32 -5.79 1.83
CA LEU A 55 -7.51 -6.02 0.44
C LEU A 55 -6.15 -6.05 -0.25
N HIS A 56 -6.03 -6.81 -1.30
CA HIS A 56 -4.74 -7.03 -1.96
C HIS A 56 -4.66 -6.44 -3.35
N LEU A 57 -3.54 -5.81 -3.60
CA LEU A 57 -3.22 -5.10 -4.84
C LEU A 57 -1.93 -5.63 -5.36
N LYS A 58 -1.70 -5.49 -6.63
CA LYS A 58 -0.49 -5.99 -7.20
C LYS A 58 0.22 -4.94 -8.02
N GLN A 59 1.50 -5.10 -8.12
CA GLN A 59 2.29 -4.27 -8.96
C GLN A 59 2.27 -4.90 -10.33
N GLY A 60 1.68 -4.22 -11.23
CA GLY A 60 1.55 -4.71 -12.58
C GLY A 60 1.32 -3.58 -13.51
N ILE A 61 0.50 -2.67 -13.10
CA ILE A 61 0.24 -1.49 -13.82
C ILE A 61 0.95 -0.34 -13.11
N SER A 62 1.91 0.26 -13.77
CA SER A 62 2.67 1.32 -13.18
C SER A 62 3.35 2.10 -14.31
N ALA A 63 3.93 3.21 -13.95
CA ALA A 63 4.66 4.06 -14.85
C ALA A 63 5.51 4.98 -14.00
N SER A 64 4.88 5.57 -13.03
CA SER A 64 5.58 6.39 -12.09
C SER A 64 5.62 5.65 -10.76
N GLY A 65 6.76 5.65 -10.09
CA GLY A 65 6.90 4.98 -8.82
C GLY A 65 6.78 3.48 -8.97
N ALA A 66 5.89 2.93 -8.20
CA ALA A 66 5.59 1.56 -8.21
C ALA A 66 4.17 1.53 -7.84
N ARG A 67 3.38 0.86 -8.58
CA ARG A 67 2.01 0.92 -8.30
C ARG A 67 1.46 -0.42 -8.04
N TYR A 68 0.82 -0.54 -6.93
CA TYR A 68 0.10 -1.69 -6.60
C TYR A 68 -1.33 -1.31 -6.75
N THR A 69 -2.01 -1.98 -7.59
CA THR A 69 -3.37 -1.69 -7.82
C THR A 69 -4.03 -2.97 -8.22
N ASP A 70 -5.12 -3.28 -7.59
CA ASP A 70 -5.85 -4.43 -8.03
C ASP A 70 -6.78 -4.00 -9.12
N GLY A 71 -7.74 -3.22 -8.72
CA GLY A 71 -8.68 -2.62 -9.60
C GLY A 71 -9.79 -2.05 -8.79
N ILE A 72 -9.42 -1.52 -7.63
CA ILE A 72 -10.39 -0.99 -6.68
C ILE A 72 -9.97 0.45 -6.36
N TYR A 73 -8.78 0.58 -5.81
CA TYR A 73 -8.10 1.85 -5.57
C TYR A 73 -6.73 1.70 -6.09
N VAL A 74 -6.09 2.78 -6.31
CA VAL A 74 -4.75 2.82 -6.82
C VAL A 74 -3.78 3.12 -5.69
N PHE A 75 -2.90 2.21 -5.40
CA PHE A 75 -1.85 2.45 -4.43
C PHE A 75 -0.62 2.88 -5.18
N TRP A 76 -0.05 3.96 -4.75
CA TRP A 76 1.08 4.47 -5.39
C TRP A 76 2.17 4.61 -4.40
N SER A 77 3.24 4.03 -4.72
CA SER A 77 4.42 4.09 -3.95
C SER A 77 5.37 4.97 -4.73
N LYS A 78 5.56 6.16 -4.24
CA LYS A 78 6.38 7.10 -4.90
C LYS A 78 7.84 6.92 -4.51
N GLY A 79 8.07 6.30 -3.38
CA GLY A 79 9.42 6.01 -2.96
C GLY A 79 9.55 5.88 -1.46
N ASP A 80 9.35 6.97 -0.78
CA ASP A 80 9.49 7.01 0.68
C ASP A 80 8.14 7.28 1.27
N GLU A 81 7.20 7.46 0.40
CA GLU A 81 5.87 7.76 0.72
C GLU A 81 4.96 6.85 -0.06
N ALA A 82 3.79 6.65 0.46
CA ALA A 82 2.83 5.82 -0.12
C ALA A 82 1.49 6.50 0.02
N THR A 83 0.74 6.45 -1.01
CA THR A 83 -0.56 7.08 -1.07
C THR A 83 -1.53 6.13 -1.82
N VAL A 84 -2.82 6.37 -1.69
CA VAL A 84 -3.86 5.54 -2.28
C VAL A 84 -5.00 6.42 -2.79
N TYR A 85 -5.12 6.50 -4.08
CA TYR A 85 -6.09 7.37 -4.72
C TYR A 85 -6.77 6.69 -5.88
N LYS A 86 -8.02 6.40 -5.72
CA LYS A 86 -8.82 6.00 -6.79
C LYS A 86 -9.47 7.28 -7.22
N ARG A 87 -9.87 7.32 -8.42
CA ARG A 87 -10.56 8.47 -9.03
C ARG A 87 -11.80 8.88 -8.21
N ASP A 88 -12.38 7.92 -7.52
CA ASP A 88 -13.59 8.15 -6.80
C ASP A 88 -13.33 8.39 -5.37
N ARG A 89 -12.12 8.08 -4.91
CA ARG A 89 -11.80 8.21 -3.52
C ARG A 89 -10.34 7.88 -3.20
N ILE A 90 -9.74 8.79 -2.52
CA ILE A 90 -8.46 8.66 -1.86
C ILE A 90 -8.75 8.08 -0.52
N VAL A 91 -7.99 7.16 -0.13
CA VAL A 91 -8.14 6.63 1.20
C VAL A 91 -6.96 6.96 2.05
N LEU A 92 -5.84 7.22 1.39
CA LEU A 92 -4.61 7.56 2.09
C LEU A 92 -3.80 8.48 1.22
N ASN A 93 -3.20 9.51 1.78
CA ASN A 93 -2.23 10.31 1.02
C ASN A 93 -1.04 10.68 1.90
N ASN A 94 -0.90 9.98 3.00
CA ASN A 94 0.15 10.26 3.94
C ASN A 94 0.60 9.02 4.66
N CYS A 95 1.44 8.31 4.01
CA CYS A 95 2.20 7.26 4.63
C CYS A 95 3.59 7.47 4.22
N GLN A 96 4.47 7.50 5.16
CA GLN A 96 5.81 7.84 4.92
C GLN A 96 6.64 6.84 5.60
N LEU A 97 7.13 5.98 4.79
CA LEU A 97 7.70 4.77 5.22
C LEU A 97 8.95 4.96 6.04
N GLN A 98 8.95 4.36 7.20
CA GLN A 98 10.08 4.43 8.08
C GLN A 98 11.09 3.37 7.67
N ASN A 99 10.64 2.13 7.63
CA ASN A 99 11.45 1.00 7.27
C ASN A 99 10.52 -0.19 7.20
N PRO A 100 10.37 -0.80 6.02
CA PRO A 100 9.42 -1.86 5.87
C PRO A 100 9.95 -3.27 6.26
N GLN A 101 11.26 -3.39 6.42
CA GLN A 101 11.89 -4.67 6.59
C GLN A 101 12.03 -5.08 8.04
N ARG A 102 11.77 -4.14 8.93
CA ARG A 102 11.93 -4.26 10.41
C ARG A 102 13.31 -4.82 10.81
N MET A 21 4.17 -10.42 10.35
CA MET A 21 4.66 -11.78 10.66
C MET A 21 6.05 -11.96 10.05
N GLN A 22 6.11 -12.30 8.78
CA GLN A 22 7.38 -12.34 8.04
C GLN A 22 7.22 -11.47 6.83
N THR A 23 6.07 -10.90 6.73
CA THR A 23 5.67 -10.08 5.67
C THR A 23 6.35 -8.73 5.74
N ASP A 24 6.56 -8.15 4.62
CA ASP A 24 7.13 -6.85 4.51
C ASP A 24 5.94 -5.90 4.61
N THR A 25 6.14 -4.69 5.05
CA THR A 25 5.01 -3.81 5.29
C THR A 25 5.45 -2.38 5.41
N LEU A 26 4.52 -1.47 5.21
CA LEU A 26 4.83 -0.10 5.34
C LEU A 26 4.78 0.36 6.80
N GLU A 27 4.80 1.68 7.03
CA GLU A 27 5.05 2.25 8.35
C GLU A 27 3.85 2.04 9.26
N TYR A 28 2.76 1.61 8.63
CA TYR A 28 1.47 1.38 9.23
C TYR A 28 0.92 2.58 9.98
N GLN A 29 1.39 3.73 9.59
CA GLN A 29 1.08 4.96 10.23
C GLN A 29 0.96 5.97 9.17
N CYS A 30 -0.22 6.32 8.94
CA CYS A 30 -0.56 7.29 7.97
C CYS A 30 -1.60 8.20 8.57
N ASP A 31 -1.67 9.43 8.13
CA ASP A 31 -2.62 10.40 8.70
C ASP A 31 -4.06 10.06 8.26
N GLU A 32 -4.14 9.20 7.29
CA GLU A 32 -5.37 8.79 6.73
C GLU A 32 -5.93 7.63 7.53
N LYS A 33 -5.18 6.56 7.53
CA LYS A 33 -5.59 5.27 8.00
C LYS A 33 -4.32 4.60 8.48
N PRO A 34 -4.37 3.49 9.19
CA PRO A 34 -3.18 2.72 9.46
C PRO A 34 -2.89 1.85 8.21
N LEU A 35 -1.68 1.87 7.69
CA LEU A 35 -1.42 1.19 6.46
C LEU A 35 -0.49 0.07 6.69
N THR A 36 -1.02 -1.02 7.13
CA THR A 36 -0.20 -2.14 7.32
C THR A 36 -0.41 -3.01 6.10
N VAL A 37 0.65 -3.50 5.56
CA VAL A 37 0.59 -4.20 4.32
C VAL A 37 1.07 -5.64 4.48
N LYS A 38 0.49 -6.54 3.73
CA LYS A 38 0.98 -7.86 3.66
C LYS A 38 1.73 -7.98 2.38
N LEU A 39 2.84 -7.30 2.33
CA LEU A 39 3.68 -7.29 1.22
C LEU A 39 4.48 -8.56 1.24
N ASN A 40 4.08 -9.45 0.46
CA ASN A 40 4.76 -10.71 0.39
C ASN A 40 5.98 -10.56 -0.49
N ASN A 41 7.13 -10.84 0.04
CA ASN A 41 8.38 -10.67 -0.72
C ASN A 41 8.54 -11.70 -1.85
N PRO A 42 8.31 -13.04 -1.63
CA PRO A 42 8.42 -14.07 -2.69
C PRO A 42 7.31 -13.99 -3.75
N ARG A 43 6.36 -13.10 -3.53
CA ARG A 43 5.21 -12.98 -4.38
C ARG A 43 4.57 -11.68 -4.02
N GLN A 44 5.08 -10.67 -4.68
CA GLN A 44 4.82 -9.19 -4.57
C GLN A 44 3.35 -8.74 -4.54
N GLU A 45 2.53 -9.55 -4.03
CA GLU A 45 1.15 -9.20 -3.80
C GLU A 45 0.99 -8.70 -2.40
N VAL A 46 0.18 -7.69 -2.27
CA VAL A 46 -0.09 -7.06 -1.02
C VAL A 46 -1.51 -7.25 -0.67
N SER A 47 -1.75 -7.35 0.57
CA SER A 47 -3.06 -7.36 1.07
C SER A 47 -3.06 -6.37 2.19
N PHE A 48 -3.85 -5.38 2.08
CA PHE A 48 -3.86 -4.37 3.09
C PHE A 48 -5.25 -4.07 3.54
N VAL A 49 -5.33 -3.21 4.48
CA VAL A 49 -6.52 -2.91 5.17
C VAL A 49 -7.16 -1.63 4.63
N TYR A 50 -8.33 -1.83 4.12
CA TYR A 50 -9.16 -0.73 3.63
C TYR A 50 -9.70 0.07 4.81
N ASP A 51 -10.12 -0.66 5.84
CA ASP A 51 -10.67 -0.06 7.06
C ASP A 51 -10.96 -1.17 8.06
N ASN A 52 -11.73 -2.14 7.62
CA ASN A 52 -12.09 -3.27 8.47
C ASN A 52 -12.17 -4.53 7.59
N GLN A 53 -11.42 -4.52 6.51
CA GLN A 53 -11.37 -5.60 5.59
C GLN A 53 -10.09 -5.47 4.85
N LEU A 54 -9.62 -6.56 4.41
CA LEU A 54 -8.39 -6.58 3.70
C LEU A 54 -8.69 -6.78 2.23
N LEU A 55 -7.92 -6.15 1.39
CA LEU A 55 -8.03 -6.37 -0.03
C LEU A 55 -6.66 -6.57 -0.62
N HIS A 56 -6.55 -7.34 -1.67
CA HIS A 56 -5.27 -7.67 -2.21
C HIS A 56 -5.03 -7.10 -3.59
N LEU A 57 -3.89 -6.51 -3.72
CA LEU A 57 -3.47 -5.87 -4.93
C LEU A 57 -2.16 -6.41 -5.29
N LYS A 58 -1.90 -6.44 -6.53
CA LYS A 58 -0.73 -7.02 -7.01
C LYS A 58 0.16 -5.99 -7.59
N GLN A 59 1.40 -6.25 -7.57
CA GLN A 59 2.36 -5.33 -8.06
C GLN A 59 2.51 -5.52 -9.53
N GLY A 60 2.21 -4.48 -10.19
CA GLY A 60 2.44 -4.35 -11.57
C GLY A 60 3.37 -3.20 -11.65
N ILE A 61 4.51 -3.39 -12.25
CA ILE A 61 5.49 -2.38 -12.25
C ILE A 61 5.02 -1.14 -13.00
N SER A 62 5.01 -0.05 -12.29
CA SER A 62 4.64 1.21 -12.79
C SER A 62 5.82 1.79 -13.55
N ALA A 63 6.83 2.13 -12.78
CA ALA A 63 8.10 2.66 -13.20
C ALA A 63 8.82 3.10 -11.94
N SER A 64 8.40 4.21 -11.42
CA SER A 64 8.87 4.67 -10.16
C SER A 64 7.98 4.04 -9.10
N GLY A 65 8.58 3.55 -8.05
CA GLY A 65 7.83 2.93 -7.00
C GLY A 65 7.40 1.55 -7.37
N ALA A 66 6.27 1.16 -6.87
CA ALA A 66 5.73 -0.10 -7.09
C ALA A 66 4.28 0.10 -7.01
N ARG A 67 3.59 -0.37 -7.96
CA ARG A 67 2.25 -0.08 -8.01
C ARG A 67 1.44 -1.35 -7.86
N TYR A 68 0.85 -1.49 -6.71
CA TYR A 68 0.05 -2.59 -6.38
C TYR A 68 -1.34 -2.18 -6.68
N THR A 69 -1.89 -2.78 -7.63
CA THR A 69 -3.15 -2.42 -8.11
C THR A 69 -3.76 -3.63 -8.72
N ASP A 70 -4.97 -3.91 -8.36
CA ASP A 70 -5.63 -5.01 -8.99
C ASP A 70 -6.58 -4.45 -10.00
N GLY A 71 -7.66 -3.95 -9.50
CA GLY A 71 -8.67 -3.32 -10.28
C GLY A 71 -9.74 -2.88 -9.36
N ILE A 72 -9.31 -2.32 -8.25
CA ILE A 72 -10.20 -1.82 -7.23
C ILE A 72 -9.79 -0.39 -6.96
N TYR A 73 -8.61 -0.23 -6.39
CA TYR A 73 -8.00 1.06 -6.14
C TYR A 73 -6.58 0.91 -6.59
N VAL A 74 -5.85 1.96 -6.52
CA VAL A 74 -4.49 1.99 -6.96
C VAL A 74 -3.59 2.30 -5.78
N PHE A 75 -2.79 1.34 -5.37
CA PHE A 75 -1.84 1.54 -4.31
C PHE A 75 -0.47 1.74 -4.90
N TRP A 76 -0.06 2.96 -4.92
CA TRP A 76 1.18 3.30 -5.48
C TRP A 76 2.11 3.65 -4.37
N SER A 77 3.10 2.90 -4.30
CA SER A 77 4.11 3.04 -3.34
C SER A 77 5.23 3.74 -4.05
N LYS A 78 5.49 4.96 -3.69
CA LYS A 78 6.52 5.69 -4.38
C LYS A 78 7.86 5.54 -3.66
N GLY A 79 7.78 5.24 -2.40
CA GLY A 79 8.97 5.06 -1.60
C GLY A 79 8.86 5.79 -0.31
N ASP A 80 8.97 7.09 -0.37
CA ASP A 80 8.87 7.93 0.81
C ASP A 80 7.43 8.17 1.12
N GLU A 81 6.64 8.11 0.07
CA GLU A 81 5.26 8.34 0.15
C GLU A 81 4.53 7.21 -0.51
N ALA A 82 3.32 7.03 -0.14
CA ALA A 82 2.51 6.02 -0.66
C ALA A 82 1.10 6.54 -0.64
N THR A 83 0.33 6.10 -1.54
CA THR A 83 -1.03 6.53 -1.63
C THR A 83 -1.89 5.39 -2.24
N VAL A 84 -3.18 5.45 -1.99
CA VAL A 84 -4.16 4.54 -2.51
C VAL A 84 -5.27 5.40 -3.09
N TYR A 85 -5.27 5.55 -4.37
CA TYR A 85 -6.12 6.48 -5.06
C TYR A 85 -6.69 5.85 -6.30
N LYS A 86 -7.94 5.61 -6.28
CA LYS A 86 -8.67 5.35 -7.43
C LYS A 86 -9.31 6.70 -7.73
N ARG A 87 -9.80 6.83 -8.92
CA ARG A 87 -10.40 8.06 -9.47
C ARG A 87 -11.21 8.88 -8.46
N ASP A 88 -12.16 8.23 -7.84
CA ASP A 88 -13.05 8.88 -6.88
C ASP A 88 -12.92 8.21 -5.53
N ARG A 89 -11.98 7.29 -5.41
CA ARG A 89 -11.82 6.61 -4.16
C ARG A 89 -10.38 6.56 -3.70
N ILE A 90 -10.03 7.60 -3.04
CA ILE A 90 -8.82 7.70 -2.33
C ILE A 90 -9.09 7.07 -1.02
N VAL A 91 -8.25 6.23 -0.65
CA VAL A 91 -8.38 5.54 0.60
C VAL A 91 -7.35 6.11 1.54
N LEU A 92 -6.22 6.47 0.98
CA LEU A 92 -5.10 7.02 1.73
C LEU A 92 -4.31 7.88 0.77
N ASN A 93 -4.14 9.14 1.04
CA ASN A 93 -3.26 9.97 0.18
C ASN A 93 -2.17 10.64 0.99
N ASN A 94 -1.91 10.10 2.14
CA ASN A 94 -0.92 10.64 3.04
C ASN A 94 -0.30 9.50 3.79
N CYS A 95 0.58 8.82 3.12
CA CYS A 95 1.34 7.77 3.70
C CYS A 95 2.76 8.05 3.49
N GLN A 96 3.51 7.91 4.53
CA GLN A 96 4.85 8.26 4.53
C GLN A 96 5.53 7.15 5.18
N LEU A 97 6.28 6.51 4.40
CA LEU A 97 6.87 5.27 4.75
C LEU A 97 8.25 5.46 5.43
N GLN A 98 8.52 4.67 6.49
CA GLN A 98 9.85 4.68 7.11
C GLN A 98 10.84 3.80 6.33
N ASN A 99 10.46 2.54 6.13
CA ASN A 99 11.26 1.53 5.45
C ASN A 99 10.40 0.29 5.48
N PRO A 100 9.99 -0.27 4.32
CA PRO A 100 9.10 -1.41 4.32
C PRO A 100 9.78 -2.68 4.84
N GLN A 101 11.10 -2.73 4.65
CA GLN A 101 11.87 -3.85 4.98
C GLN A 101 12.20 -3.84 6.47
N ARG A 102 11.22 -4.19 7.20
CA ARG A 102 11.31 -4.30 8.63
C ARG A 102 11.35 -5.76 9.00
N MET A 21 8.58 -16.33 9.36
CA MET A 21 8.46 -15.77 8.03
C MET A 21 8.40 -14.27 8.13
N GLN A 22 9.14 -13.58 7.31
CA GLN A 22 9.14 -12.15 7.31
C GLN A 22 8.30 -11.62 6.18
N THR A 23 7.64 -10.55 6.43
CA THR A 23 6.86 -9.87 5.44
C THR A 23 7.22 -8.44 5.58
N ASP A 24 7.40 -7.77 4.50
CA ASP A 24 7.77 -6.39 4.59
C ASP A 24 6.50 -5.62 4.86
N THR A 25 6.57 -4.57 5.61
CA THR A 25 5.39 -3.86 5.93
C THR A 25 5.70 -2.40 6.16
N LEU A 26 4.72 -1.57 6.00
CA LEU A 26 4.91 -0.18 6.13
C LEU A 26 4.79 0.37 7.57
N GLU A 27 4.57 1.68 7.67
CA GLU A 27 4.70 2.48 8.86
C GLU A 27 3.60 2.14 9.85
N TYR A 28 2.55 1.57 9.31
CA TYR A 28 1.34 1.13 9.96
C TYR A 28 0.64 2.17 10.89
N GLN A 29 1.06 3.41 10.90
CA GLN A 29 0.48 4.41 11.80
C GLN A 29 0.48 5.75 11.13
N CYS A 30 0.12 5.70 9.90
CA CYS A 30 0.07 6.84 9.02
C CYS A 30 -1.07 7.76 9.47
N ASP A 31 -1.09 9.00 8.99
CA ASP A 31 -2.05 10.01 9.46
C ASP A 31 -3.50 9.56 9.41
N GLU A 32 -3.86 8.90 8.36
CA GLU A 32 -5.26 8.54 8.20
C GLU A 32 -5.55 7.10 8.55
N LYS A 33 -4.60 6.24 8.31
CA LYS A 33 -4.89 4.82 8.33
C LYS A 33 -3.72 4.09 8.86
N PRO A 34 -3.95 2.96 9.48
CA PRO A 34 -2.89 2.11 9.85
C PRO A 34 -2.49 1.28 8.62
N LEU A 35 -1.38 1.61 8.03
CA LEU A 35 -1.00 1.06 6.77
C LEU A 35 -0.17 -0.12 7.03
N THR A 36 -0.81 -1.17 7.37
CA THR A 36 -0.10 -2.33 7.63
C THR A 36 -0.17 -3.22 6.38
N VAL A 37 0.85 -3.13 5.58
CA VAL A 37 0.88 -3.80 4.29
C VAL A 37 1.63 -5.10 4.38
N LYS A 38 1.24 -6.05 3.58
CA LYS A 38 1.98 -7.23 3.46
C LYS A 38 2.74 -7.16 2.18
N LEU A 39 3.86 -6.49 2.24
CA LEU A 39 4.75 -6.47 1.14
C LEU A 39 5.35 -7.81 1.10
N ASN A 40 4.94 -8.54 0.16
CA ASN A 40 5.36 -9.91 0.06
C ASN A 40 6.81 -9.93 -0.41
N ASN A 41 7.52 -11.01 -0.13
CA ASN A 41 8.98 -11.10 -0.36
C ASN A 41 9.40 -10.74 -1.81
N PRO A 42 8.73 -11.26 -2.90
CA PRO A 42 9.08 -10.87 -4.29
C PRO A 42 8.70 -9.39 -4.59
N ARG A 43 7.89 -8.82 -3.69
CA ARG A 43 7.41 -7.43 -3.77
C ARG A 43 6.75 -7.08 -5.07
N GLN A 44 5.86 -7.91 -5.44
CA GLN A 44 5.05 -7.70 -6.57
C GLN A 44 3.60 -7.75 -6.14
N GLU A 45 3.41 -7.91 -4.84
CA GLU A 45 2.09 -8.10 -4.27
C GLU A 45 2.07 -7.55 -2.86
N VAL A 46 0.98 -6.93 -2.53
CA VAL A 46 0.73 -6.40 -1.21
C VAL A 46 -0.67 -6.74 -0.75
N SER A 47 -0.79 -7.20 0.46
CA SER A 47 -2.09 -7.34 1.03
C SER A 47 -2.25 -6.16 1.95
N PHE A 48 -3.17 -5.32 1.62
CA PHE A 48 -3.34 -4.07 2.25
C PHE A 48 -4.73 -3.88 2.77
N VAL A 49 -4.78 -3.26 3.89
CA VAL A 49 -5.97 -2.96 4.58
C VAL A 49 -6.49 -1.65 4.02
N TYR A 50 -7.54 -1.74 3.31
CA TYR A 50 -8.08 -0.55 2.67
C TYR A 50 -9.00 0.16 3.61
N ASP A 51 -9.48 -0.56 4.57
CA ASP A 51 -10.44 -0.04 5.49
C ASP A 51 -10.37 -0.80 6.80
N ASN A 52 -10.76 -2.07 6.78
CA ASN A 52 -10.65 -2.90 7.99
C ASN A 52 -10.37 -4.36 7.60
N GLN A 53 -10.06 -4.57 6.33
CA GLN A 53 -9.87 -5.89 5.82
C GLN A 53 -8.87 -5.75 4.75
N LEU A 54 -8.31 -6.82 4.36
CA LEU A 54 -7.24 -6.79 3.46
C LEU A 54 -7.68 -7.19 2.06
N LEU A 55 -7.12 -6.54 1.09
CA LEU A 55 -7.22 -6.98 -0.28
C LEU A 55 -5.83 -6.95 -0.84
N HIS A 56 -5.62 -7.49 -1.98
CA HIS A 56 -4.26 -7.55 -2.49
C HIS A 56 -4.10 -6.82 -3.80
N LEU A 57 -3.11 -5.99 -3.84
CA LEU A 57 -2.77 -5.22 -4.99
C LEU A 57 -1.47 -5.70 -5.49
N LYS A 58 -1.24 -5.54 -6.72
CA LYS A 58 -0.06 -6.00 -7.30
C LYS A 58 0.68 -4.92 -7.99
N GLN A 59 1.94 -5.10 -8.09
CA GLN A 59 2.78 -4.16 -8.79
C GLN A 59 2.49 -4.25 -10.26
N GLY A 60 1.87 -3.25 -10.72
CA GLY A 60 1.47 -3.12 -12.08
C GLY A 60 0.98 -1.75 -12.26
N ILE A 61 1.08 -1.19 -13.47
CA ILE A 61 0.70 0.20 -13.73
C ILE A 61 1.76 1.13 -13.05
N SER A 62 2.86 0.52 -12.68
CA SER A 62 3.86 1.16 -11.92
C SER A 62 4.85 1.91 -12.81
N ALA A 63 4.41 3.07 -13.27
CA ALA A 63 5.23 3.93 -14.04
C ALA A 63 6.18 4.71 -13.15
N SER A 64 5.72 5.09 -11.98
CA SER A 64 6.50 5.85 -11.06
C SER A 64 6.34 5.25 -9.67
N GLY A 65 7.46 5.03 -8.99
CA GLY A 65 7.43 4.43 -7.67
C GLY A 65 7.26 2.96 -7.80
N ALA A 66 6.37 2.44 -7.04
CA ALA A 66 6.03 1.08 -7.06
C ALA A 66 4.59 1.09 -6.82
N ARG A 67 3.86 0.80 -7.83
CA ARG A 67 2.47 0.91 -7.72
C ARG A 67 1.86 -0.44 -7.61
N TYR A 68 1.45 -0.75 -6.44
CA TYR A 68 0.70 -1.90 -6.19
C TYR A 68 -0.69 -1.45 -6.34
N THR A 69 -1.28 -1.88 -7.37
CA THR A 69 -2.53 -1.38 -7.77
C THR A 69 -3.31 -2.52 -8.35
N ASP A 70 -4.59 -2.53 -8.14
CA ASP A 70 -5.39 -3.53 -8.78
C ASP A 70 -6.60 -2.88 -9.44
N GLY A 71 -6.70 -1.57 -9.30
CA GLY A 71 -7.80 -0.85 -9.90
C GLY A 71 -8.72 -0.27 -8.86
N ILE A 72 -8.91 -1.05 -7.78
CA ILE A 72 -9.78 -0.68 -6.67
C ILE A 72 -9.20 0.54 -6.00
N TYR A 73 -7.91 0.53 -5.87
CA TYR A 73 -7.13 1.65 -5.42
C TYR A 73 -5.79 1.54 -6.05
N VAL A 74 -5.04 2.57 -5.91
CA VAL A 74 -3.72 2.67 -6.43
C VAL A 74 -2.79 2.93 -5.25
N PHE A 75 -2.02 1.96 -4.88
CA PHE A 75 -1.10 2.11 -3.78
C PHE A 75 0.28 2.42 -4.33
N TRP A 76 0.63 3.66 -4.25
CA TRP A 76 1.86 4.13 -4.71
C TRP A 76 2.81 4.15 -3.56
N SER A 77 3.76 3.34 -3.72
CA SER A 77 4.80 3.20 -2.78
C SER A 77 5.98 3.95 -3.34
N LYS A 78 6.14 5.15 -2.87
CA LYS A 78 7.16 6.03 -3.37
C LYS A 78 8.48 5.63 -2.73
N GLY A 79 8.38 5.06 -1.55
CA GLY A 79 9.53 4.60 -0.84
C GLY A 79 9.65 5.35 0.45
N ASP A 80 9.65 6.64 0.33
CA ASP A 80 9.75 7.53 1.49
C ASP A 80 8.37 7.70 2.02
N GLU A 81 7.43 7.72 1.11
CA GLU A 81 6.08 7.92 1.40
C GLU A 81 5.27 6.88 0.71
N ALA A 82 4.04 6.83 1.07
CA ALA A 82 3.13 5.92 0.54
C ALA A 82 1.79 6.58 0.53
N THR A 83 1.09 6.45 -0.53
CA THR A 83 -0.20 7.02 -0.69
C THR A 83 -1.08 6.03 -1.44
N VAL A 84 -2.37 6.18 -1.31
CA VAL A 84 -3.33 5.26 -1.91
C VAL A 84 -4.43 6.09 -2.53
N TYR A 85 -4.41 6.24 -3.81
CA TYR A 85 -5.28 7.17 -4.50
C TYR A 85 -5.94 6.54 -5.70
N LYS A 86 -7.21 6.29 -5.63
CA LYS A 86 -7.93 6.02 -6.78
C LYS A 86 -8.64 7.32 -7.07
N ARG A 87 -9.18 7.42 -8.22
CA ARG A 87 -9.93 8.58 -8.69
C ARG A 87 -11.12 8.82 -7.75
N ASP A 88 -11.66 7.75 -7.26
CA ASP A 88 -12.87 7.74 -6.48
C ASP A 88 -12.57 8.18 -5.13
N ARG A 89 -11.50 7.69 -4.61
CA ARG A 89 -11.15 7.94 -3.30
C ARG A 89 -9.72 7.53 -3.00
N ILE A 90 -9.10 8.41 -2.36
CA ILE A 90 -7.83 8.28 -1.73
C ILE A 90 -8.11 7.73 -0.36
N VAL A 91 -7.42 6.74 0.00
CA VAL A 91 -7.63 6.14 1.29
C VAL A 91 -6.42 6.23 2.17
N LEU A 92 -5.50 7.08 1.75
CA LEU A 92 -4.31 7.46 2.52
C LEU A 92 -3.49 8.37 1.64
N ASN A 93 -3.24 9.58 2.05
CA ASN A 93 -2.47 10.49 1.20
C ASN A 93 -1.25 11.05 1.90
N ASN A 94 -0.92 10.46 3.00
CA ASN A 94 0.18 10.92 3.82
C ASN A 94 0.62 9.84 4.76
N CYS A 95 1.51 9.07 4.28
CA CYS A 95 2.18 8.12 5.09
C CYS A 95 3.60 8.21 4.70
N GLN A 96 4.45 8.13 5.65
CA GLN A 96 5.84 8.32 5.46
C GLN A 96 6.49 7.23 6.18
N LEU A 97 7.18 6.48 5.45
CA LEU A 97 7.61 5.19 5.87
C LEU A 97 8.96 5.14 6.60
N GLN A 98 8.99 4.37 7.70
CA GLN A 98 10.27 3.98 8.36
C GLN A 98 11.21 3.32 7.34
N ASN A 99 10.80 2.13 6.89
CA ASN A 99 11.47 1.26 5.96
C ASN A 99 10.60 0.06 5.97
N PRO A 100 10.34 -0.59 4.85
CA PRO A 100 9.48 -1.76 4.85
C PRO A 100 9.97 -2.90 5.78
N GLN A 101 11.26 -3.02 5.97
CA GLN A 101 11.73 -3.93 6.90
C GLN A 101 12.15 -3.18 8.13
N ARG A 102 11.20 -2.95 8.93
CA ARG A 102 11.36 -2.25 10.17
C ARG A 102 11.41 -3.24 11.32
N MET A 21 5.41 -12.80 11.03
CA MET A 21 4.55 -12.69 9.86
C MET A 21 5.29 -13.13 8.59
N GLN A 22 6.63 -13.02 8.59
CA GLN A 22 7.49 -13.46 7.47
C GLN A 22 7.28 -12.55 6.23
N THR A 23 6.66 -11.43 6.45
CA THR A 23 6.36 -10.46 5.41
C THR A 23 6.84 -9.12 5.84
N ASP A 24 7.09 -8.26 4.89
CA ASP A 24 7.47 -6.92 5.27
C ASP A 24 6.17 -6.20 5.55
N THR A 25 6.16 -5.26 6.42
CA THR A 25 4.94 -4.58 6.76
C THR A 25 5.21 -3.12 6.97
N LEU A 26 4.35 -2.28 6.44
CA LEU A 26 4.53 -0.88 6.52
C LEU A 26 4.34 -0.31 7.93
N GLU A 27 4.15 0.99 8.01
CA GLU A 27 4.22 1.75 9.20
C GLU A 27 3.11 1.35 10.17
N TYR A 28 2.12 0.72 9.57
CA TYR A 28 0.89 0.31 10.18
C TYR A 28 0.12 1.40 10.89
N GLN A 29 0.48 2.63 10.60
CA GLN A 29 -0.11 3.78 11.14
C GLN A 29 -0.03 4.89 10.19
N CYS A 30 -1.12 5.45 10.01
CA CYS A 30 -1.33 6.55 9.14
C CYS A 30 -2.41 7.37 9.75
N ASP A 31 -2.53 8.60 9.33
CA ASP A 31 -3.56 9.47 9.90
C ASP A 31 -4.90 9.16 9.28
N GLU A 32 -4.86 8.36 8.26
CA GLU A 32 -6.00 8.00 7.52
C GLU A 32 -6.63 6.76 8.10
N LYS A 33 -5.84 5.71 8.15
CA LYS A 33 -6.25 4.37 8.48
C LYS A 33 -4.98 3.72 8.96
N PRO A 34 -5.02 2.49 9.46
CA PRO A 34 -3.79 1.77 9.73
C PRO A 34 -3.16 1.34 8.39
N LEU A 35 -1.84 1.37 8.32
CA LEU A 35 -1.17 1.09 7.08
C LEU A 35 -0.48 -0.25 7.18
N THR A 36 -1.25 -1.24 7.36
CA THR A 36 -0.70 -2.53 7.51
C THR A 36 -0.68 -3.22 6.16
N VAL A 37 0.48 -3.30 5.61
CA VAL A 37 0.70 -3.85 4.30
C VAL A 37 1.48 -5.11 4.46
N LYS A 38 1.13 -6.13 3.73
CA LYS A 38 1.89 -7.32 3.74
C LYS A 38 2.71 -7.31 2.51
N LEU A 39 3.86 -6.75 2.61
CA LEU A 39 4.76 -6.68 1.53
C LEU A 39 5.36 -8.01 1.32
N ASN A 40 4.85 -8.68 0.36
CA ASN A 40 5.39 -9.95 -0.04
C ASN A 40 6.63 -9.63 -0.85
N ASN A 41 7.75 -9.57 -0.16
CA ASN A 41 9.04 -9.04 -0.65
C ASN A 41 9.42 -9.44 -2.08
N PRO A 42 9.51 -10.75 -2.44
CA PRO A 42 9.95 -11.14 -3.78
C PRO A 42 8.81 -11.02 -4.79
N ARG A 43 7.59 -11.17 -4.30
CA ARG A 43 6.40 -11.21 -5.15
C ARG A 43 5.99 -9.83 -5.58
N GLN A 44 6.31 -8.85 -4.73
CA GLN A 44 5.99 -7.45 -4.95
C GLN A 44 4.49 -7.26 -5.01
N GLU A 45 3.80 -8.03 -4.23
CA GLU A 45 2.40 -7.83 -4.08
C GLU A 45 2.13 -7.59 -2.62
N VAL A 46 1.14 -6.83 -2.35
CA VAL A 46 0.84 -6.43 -1.01
C VAL A 46 -0.52 -6.88 -0.60
N SER A 47 -0.63 -7.40 0.56
CA SER A 47 -1.91 -7.65 1.09
C SER A 47 -2.17 -6.45 1.94
N PHE A 48 -3.10 -5.69 1.57
CA PHE A 48 -3.32 -4.46 2.19
C PHE A 48 -4.71 -4.38 2.76
N VAL A 49 -4.80 -3.55 3.71
CA VAL A 49 -5.90 -3.39 4.52
C VAL A 49 -6.89 -2.35 3.97
N TYR A 50 -8.03 -2.83 3.69
CA TYR A 50 -9.18 -2.02 3.27
C TYR A 50 -10.04 -1.79 4.51
N ASP A 51 -9.33 -1.56 5.63
CA ASP A 51 -9.90 -1.37 6.97
C ASP A 51 -10.50 -2.67 7.52
N ASN A 52 -9.74 -3.29 8.44
CA ASN A 52 -10.13 -4.53 9.16
C ASN A 52 -10.11 -5.79 8.27
N GLN A 53 -9.75 -5.64 7.02
CA GLN A 53 -9.75 -6.74 6.12
C GLN A 53 -8.62 -6.53 5.19
N LEU A 54 -8.15 -7.57 4.64
CA LEU A 54 -6.99 -7.51 3.84
C LEU A 54 -7.27 -8.10 2.46
N LEU A 55 -6.87 -7.41 1.43
CA LEU A 55 -6.90 -7.95 0.08
C LEU A 55 -5.57 -7.72 -0.58
N HIS A 56 -5.34 -8.30 -1.69
CA HIS A 56 -4.04 -8.25 -2.30
C HIS A 56 -4.02 -7.40 -3.54
N LEU A 57 -2.95 -6.69 -3.67
CA LEU A 57 -2.70 -5.81 -4.79
C LEU A 57 -1.36 -6.13 -5.28
N LYS A 58 -1.14 -5.90 -6.49
CA LYS A 58 0.08 -6.24 -7.10
C LYS A 58 0.69 -5.09 -7.78
N GLN A 59 1.96 -5.14 -7.90
CA GLN A 59 2.72 -4.05 -8.44
C GLN A 59 2.85 -4.13 -9.94
N GLY A 60 2.34 -3.13 -10.54
CA GLY A 60 2.47 -2.89 -11.94
C GLY A 60 3.31 -1.64 -12.12
N ILE A 61 3.44 -1.19 -13.34
CA ILE A 61 4.26 -0.02 -13.61
C ILE A 61 3.53 1.26 -13.23
N SER A 62 4.02 1.92 -12.21
CA SER A 62 3.44 3.15 -11.71
C SER A 62 4.06 4.34 -12.42
N ALA A 63 5.18 4.06 -13.06
CA ALA A 63 6.07 5.05 -13.74
C ALA A 63 6.88 5.83 -12.68
N SER A 64 6.20 6.23 -11.65
CA SER A 64 6.79 6.84 -10.49
C SER A 64 6.26 6.07 -9.27
N GLY A 65 7.13 5.48 -8.50
CA GLY A 65 6.69 4.74 -7.34
C GLY A 65 6.57 3.26 -7.61
N ALA A 66 5.48 2.71 -7.16
CA ALA A 66 5.19 1.35 -7.23
C ALA A 66 3.71 1.30 -7.23
N ARG A 67 3.15 0.66 -8.20
CA ARG A 67 1.75 0.73 -8.35
C ARG A 67 1.13 -0.60 -7.96
N TYR A 68 0.72 -0.75 -6.72
CA TYR A 68 0.09 -1.95 -6.31
C TYR A 68 -1.37 -1.68 -6.43
N THR A 69 -2.00 -2.26 -7.38
CA THR A 69 -3.38 -1.94 -7.62
C THR A 69 -4.09 -3.13 -8.20
N ASP A 70 -5.32 -3.37 -7.73
CA ASP A 70 -6.13 -4.40 -8.31
C ASP A 70 -7.62 -4.18 -8.06
N GLY A 71 -8.20 -3.31 -8.84
CA GLY A 71 -9.65 -3.14 -8.89
C GLY A 71 -10.28 -2.28 -7.82
N ILE A 72 -9.95 -2.56 -6.58
CA ILE A 72 -10.62 -1.90 -5.45
C ILE A 72 -10.12 -0.48 -5.26
N TYR A 73 -8.82 -0.34 -5.17
CA TYR A 73 -8.18 0.94 -5.00
C TYR A 73 -6.80 0.90 -5.56
N VAL A 74 -6.23 2.04 -5.66
CA VAL A 74 -4.91 2.22 -6.17
C VAL A 74 -3.97 2.50 -5.01
N PHE A 75 -3.12 1.56 -4.71
CA PHE A 75 -2.14 1.75 -3.68
C PHE A 75 -0.88 2.25 -4.33
N TRP A 76 -0.69 3.54 -4.30
CA TRP A 76 0.43 4.14 -4.87
C TRP A 76 1.43 4.37 -3.81
N SER A 77 2.49 3.73 -3.98
CA SER A 77 3.57 3.78 -3.09
C SER A 77 4.68 4.50 -3.79
N LYS A 78 5.00 5.69 -3.36
CA LYS A 78 6.06 6.41 -3.97
C LYS A 78 7.38 6.03 -3.31
N GLY A 79 7.28 5.53 -2.09
CA GLY A 79 8.44 5.11 -1.36
C GLY A 79 8.24 5.31 0.12
N ASP A 80 8.50 6.52 0.56
CA ASP A 80 8.36 6.86 1.98
C ASP A 80 7.00 7.44 2.20
N GLU A 81 6.28 7.59 1.14
CA GLU A 81 4.99 8.16 1.13
C GLU A 81 4.09 7.33 0.25
N ALA A 82 2.85 7.23 0.63
CA ALA A 82 1.93 6.39 -0.04
C ALA A 82 0.59 7.08 -0.08
N THR A 83 -0.11 6.85 -1.11
CA THR A 83 -1.43 7.39 -1.30
C THR A 83 -2.31 6.35 -1.99
N VAL A 84 -3.38 6.01 -1.34
CA VAL A 84 -4.27 5.01 -1.78
C VAL A 84 -5.53 5.69 -2.23
N TYR A 85 -5.64 5.86 -3.51
CA TYR A 85 -6.71 6.60 -4.13
C TYR A 85 -7.28 5.88 -5.30
N LYS A 86 -8.46 5.40 -5.15
CA LYS A 86 -9.19 5.04 -6.26
C LYS A 86 -9.96 6.29 -6.53
N ARG A 87 -10.31 6.49 -7.72
CA ARG A 87 -11.09 7.65 -8.15
C ARG A 87 -12.37 7.80 -7.32
N ASP A 88 -12.94 6.68 -6.94
CA ASP A 88 -14.18 6.65 -6.21
C ASP A 88 -13.93 6.62 -4.75
N ARG A 89 -12.73 6.22 -4.37
CA ARG A 89 -12.47 6.03 -2.98
C ARG A 89 -10.99 6.04 -2.60
N ILE A 90 -10.61 7.09 -1.94
CA ILE A 90 -9.35 7.18 -1.24
C ILE A 90 -9.56 6.55 0.07
N VAL A 91 -8.61 5.83 0.48
CA VAL A 91 -8.64 5.26 1.79
C VAL A 91 -7.51 5.79 2.62
N LEU A 92 -6.39 6.10 1.98
CA LEU A 92 -5.23 6.59 2.73
C LEU A 92 -4.44 7.57 1.90
N ASN A 93 -4.52 8.86 2.15
CA ASN A 93 -3.71 9.80 1.35
C ASN A 93 -2.62 10.47 2.18
N ASN A 94 -2.35 9.90 3.33
CA ASN A 94 -1.41 10.43 4.28
C ASN A 94 -0.75 9.27 4.95
N CYS A 95 0.24 8.79 4.28
CA CYS A 95 1.00 7.67 4.69
C CYS A 95 2.42 7.93 4.40
N GLN A 96 3.19 7.79 5.41
CA GLN A 96 4.54 8.13 5.41
C GLN A 96 5.21 7.15 6.31
N LEU A 97 5.83 6.31 5.66
CA LEU A 97 6.41 5.12 6.18
C LEU A 97 7.79 5.36 6.76
N GLN A 98 8.15 4.65 7.82
CA GLN A 98 9.53 4.73 8.31
C GLN A 98 10.39 3.70 7.58
N ASN A 99 10.08 2.44 7.80
CA ASN A 99 10.79 1.33 7.25
C ASN A 99 9.85 0.19 7.31
N PRO A 100 9.57 -0.46 6.19
CA PRO A 100 8.65 -1.54 6.21
C PRO A 100 9.32 -2.89 6.51
N GLN A 101 10.63 -2.93 6.54
CA GLN A 101 11.29 -4.14 6.71
C GLN A 101 11.87 -4.28 8.10
N ARG A 102 10.97 -4.61 8.99
CA ARG A 102 11.19 -4.97 10.42
C ARG A 102 12.57 -4.64 10.97
N MET A 21 9.62 -16.60 4.79
CA MET A 21 9.60 -15.18 5.13
C MET A 21 8.19 -14.84 5.52
N GLN A 22 8.01 -13.83 6.36
CA GLN A 22 6.67 -13.42 6.72
C GLN A 22 6.17 -12.50 5.61
N THR A 23 4.94 -12.08 5.68
CA THR A 23 4.49 -11.14 4.70
C THR A 23 5.04 -9.78 5.13
N ASP A 24 5.79 -9.16 4.24
CA ASP A 24 6.53 -7.92 4.50
C ASP A 24 5.52 -6.79 4.76
N THR A 25 5.87 -5.76 5.49
CA THR A 25 4.85 -4.80 5.92
C THR A 25 5.42 -3.39 6.12
N LEU A 26 4.59 -2.38 5.80
CA LEU A 26 4.95 -1.03 5.96
C LEU A 26 4.92 -0.58 7.44
N GLU A 27 4.91 0.73 7.67
CA GLU A 27 5.10 1.27 8.99
C GLU A 27 3.85 1.08 9.83
N TYR A 28 2.74 0.80 9.10
CA TYR A 28 1.40 0.63 9.62
C TYR A 28 0.95 1.77 10.53
N GLN A 29 1.56 2.90 10.39
CA GLN A 29 1.34 4.01 11.25
C GLN A 29 1.21 5.22 10.45
N CYS A 30 0.03 5.55 10.21
CA CYS A 30 -0.30 6.70 9.48
C CYS A 30 -1.46 7.30 10.22
N ASP A 31 -1.49 8.60 10.34
CA ASP A 31 -2.47 9.29 11.19
C ASP A 31 -3.91 9.03 10.77
N GLU A 32 -4.11 8.74 9.50
CA GLU A 32 -5.44 8.49 8.99
C GLU A 32 -5.81 7.03 9.14
N LYS A 33 -4.92 6.17 8.76
CA LYS A 33 -5.21 4.76 8.69
C LYS A 33 -4.01 4.01 9.11
N PRO A 34 -4.14 2.93 9.86
CA PRO A 34 -3.02 2.08 10.09
C PRO A 34 -2.77 1.31 8.78
N LEU A 35 -1.60 1.43 8.22
CA LEU A 35 -1.38 0.96 6.90
C LEU A 35 -0.50 -0.24 6.94
N THR A 36 -1.08 -1.29 7.34
CA THR A 36 -0.39 -2.50 7.44
C THR A 36 -0.49 -3.18 6.09
N VAL A 37 0.54 -3.04 5.34
CA VAL A 37 0.59 -3.58 4.01
C VAL A 37 1.15 -4.94 4.07
N LYS A 38 0.52 -5.87 3.46
CA LYS A 38 1.05 -7.16 3.43
C LYS A 38 1.71 -7.36 2.11
N LEU A 39 2.95 -6.98 2.07
CA LEU A 39 3.79 -7.14 0.93
C LEU A 39 4.09 -8.57 0.73
N ASN A 40 3.27 -9.18 -0.04
CA ASN A 40 3.43 -10.56 -0.35
C ASN A 40 4.51 -10.65 -1.42
N ASN A 41 5.73 -10.72 -0.92
CA ASN A 41 6.98 -10.66 -1.70
C ASN A 41 6.97 -11.46 -3.02
N PRO A 42 6.70 -12.80 -3.03
CA PRO A 42 6.75 -13.59 -4.28
C PRO A 42 5.59 -13.25 -5.22
N ARG A 43 4.56 -12.65 -4.67
CA ARG A 43 3.35 -12.32 -5.42
C ARG A 43 3.41 -10.89 -5.94
N GLN A 44 4.17 -10.06 -5.24
CA GLN A 44 4.26 -8.62 -5.47
C GLN A 44 2.92 -7.94 -5.32
N GLU A 45 2.07 -8.53 -4.52
CA GLU A 45 0.82 -7.96 -4.24
C GLU A 45 0.79 -7.59 -2.79
N VAL A 46 -0.07 -6.72 -2.44
CA VAL A 46 -0.19 -6.24 -1.10
C VAL A 46 -1.60 -6.33 -0.64
N SER A 47 -1.78 -6.82 0.53
CA SER A 47 -3.06 -6.76 1.13
C SER A 47 -2.99 -5.70 2.18
N PHE A 48 -3.72 -4.67 2.00
CA PHE A 48 -3.66 -3.58 2.94
C PHE A 48 -4.97 -3.48 3.67
N VAL A 49 -4.98 -2.61 4.61
CA VAL A 49 -6.09 -2.44 5.47
C VAL A 49 -6.80 -1.15 5.10
N TYR A 50 -7.99 -1.26 4.54
CA TYR A 50 -8.81 -0.07 4.27
C TYR A 50 -9.21 0.55 5.58
N ASP A 51 -9.56 -0.29 6.50
CA ASP A 51 -9.93 0.14 7.83
C ASP A 51 -9.87 -1.03 8.75
N ASN A 52 -10.65 -2.04 8.46
CA ASN A 52 -10.64 -3.27 9.23
C ASN A 52 -10.95 -4.41 8.27
N GLN A 53 -10.37 -4.33 7.12
CA GLN A 53 -10.53 -5.31 6.10
C GLN A 53 -9.28 -5.28 5.32
N LEU A 54 -8.95 -6.36 4.74
CA LEU A 54 -7.75 -6.48 4.03
C LEU A 54 -8.07 -6.70 2.58
N LEU A 55 -7.63 -5.80 1.78
CA LEU A 55 -7.86 -5.86 0.36
C LEU A 55 -6.55 -5.76 -0.37
N HIS A 56 -6.47 -6.32 -1.54
CA HIS A 56 -5.23 -6.51 -2.19
C HIS A 56 -5.03 -5.61 -3.41
N LEU A 57 -3.79 -5.40 -3.73
CA LEU A 57 -3.36 -4.66 -4.93
C LEU A 57 -2.12 -5.27 -5.43
N LYS A 58 -1.86 -5.15 -6.69
CA LYS A 58 -0.67 -5.74 -7.24
C LYS A 58 0.29 -4.67 -7.71
N GLN A 59 1.54 -4.94 -7.60
CA GLN A 59 2.54 -4.01 -8.06
C GLN A 59 2.92 -4.44 -9.45
N GLY A 60 2.69 -3.58 -10.38
CA GLY A 60 3.06 -3.87 -11.73
C GLY A 60 2.85 -2.71 -12.66
N ILE A 61 1.95 -1.85 -12.28
CA ILE A 61 1.54 -0.71 -13.07
C ILE A 61 2.40 0.54 -12.66
N SER A 62 3.62 0.25 -12.33
CA SER A 62 4.56 1.23 -11.91
C SER A 62 5.17 2.04 -13.07
N ALA A 63 4.43 3.02 -13.56
CA ALA A 63 4.95 3.92 -14.54
C ALA A 63 5.99 4.81 -13.90
N SER A 64 5.79 5.08 -12.63
CA SER A 64 6.71 5.81 -11.82
C SER A 64 6.61 5.22 -10.43
N GLY A 65 7.69 5.27 -9.65
CA GLY A 65 7.69 4.70 -8.30
C GLY A 65 7.44 3.21 -8.36
N ALA A 66 6.47 2.77 -7.61
CA ALA A 66 6.06 1.43 -7.56
C ALA A 66 4.62 1.53 -7.25
N ARG A 67 3.82 0.89 -8.00
CA ARG A 67 2.44 1.07 -7.82
C ARG A 67 1.70 -0.22 -7.58
N TYR A 68 1.12 -0.33 -6.42
CA TYR A 68 0.31 -1.43 -6.09
C TYR A 68 -1.08 -0.97 -6.40
N THR A 69 -1.69 -1.54 -7.36
CA THR A 69 -2.99 -1.12 -7.75
C THR A 69 -3.77 -2.33 -8.25
N ASP A 70 -5.00 -2.46 -7.82
CA ASP A 70 -5.85 -3.53 -8.33
C ASP A 70 -7.31 -3.11 -8.27
N GLY A 71 -7.62 -2.11 -9.07
CA GLY A 71 -9.00 -1.63 -9.27
C GLY A 71 -9.64 -0.87 -8.10
N ILE A 72 -9.33 -1.25 -6.90
CA ILE A 72 -10.01 -0.72 -5.74
C ILE A 72 -9.36 0.58 -5.27
N TYR A 73 -8.05 0.61 -5.25
CA TYR A 73 -7.29 1.81 -4.90
C TYR A 73 -6.03 1.80 -5.68
N VAL A 74 -5.27 2.82 -5.55
CA VAL A 74 -4.04 2.99 -6.25
C VAL A 74 -2.99 3.40 -5.25
N PHE A 75 -2.02 2.58 -5.06
CA PHE A 75 -0.90 2.91 -4.23
C PHE A 75 0.21 3.41 -5.07
N TRP A 76 0.76 4.49 -4.68
CA TRP A 76 1.92 4.95 -5.29
C TRP A 76 2.96 5.04 -4.22
N SER A 77 3.92 4.23 -4.38
CA SER A 77 5.02 4.14 -3.50
C SER A 77 6.15 4.89 -4.13
N LYS A 78 6.54 5.93 -3.50
CA LYS A 78 7.60 6.77 -3.98
C LYS A 78 8.76 6.64 -3.00
N GLY A 79 9.54 7.69 -2.85
CA GLY A 79 10.67 7.69 -1.96
C GLY A 79 10.28 7.75 -0.50
N ASP A 80 9.81 6.61 0.02
CA ASP A 80 9.46 6.40 1.42
C ASP A 80 8.14 6.97 1.75
N GLU A 81 7.41 7.34 0.75
CA GLU A 81 6.13 7.85 0.94
C GLU A 81 5.14 6.97 0.22
N ALA A 82 4.03 6.74 0.83
CA ALA A 82 3.04 5.91 0.26
C ALA A 82 1.76 6.68 0.15
N THR A 83 1.31 6.81 -1.03
CA THR A 83 0.12 7.53 -1.33
C THR A 83 -0.94 6.58 -1.86
N VAL A 84 -2.17 6.69 -1.37
CA VAL A 84 -3.25 5.81 -1.81
C VAL A 84 -4.38 6.66 -2.32
N TYR A 85 -4.53 6.69 -3.60
CA TYR A 85 -5.51 7.53 -4.27
C TYR A 85 -6.24 6.74 -5.30
N LYS A 86 -7.46 6.42 -5.06
CA LYS A 86 -8.26 5.92 -6.08
C LYS A 86 -8.95 7.13 -6.65
N ARG A 87 -9.45 6.97 -7.81
CA ARG A 87 -10.23 7.97 -8.53
C ARG A 87 -11.38 8.49 -7.67
N ASP A 88 -11.94 7.61 -6.86
CA ASP A 88 -13.09 7.95 -6.05
C ASP A 88 -12.68 8.50 -4.75
N ARG A 89 -11.58 8.01 -4.23
CA ARG A 89 -11.24 8.34 -2.91
C ARG A 89 -9.81 7.92 -2.56
N ILE A 90 -9.17 8.82 -1.95
CA ILE A 90 -7.90 8.68 -1.28
C ILE A 90 -8.17 8.11 0.07
N VAL A 91 -7.34 7.25 0.52
CA VAL A 91 -7.51 6.74 1.85
C VAL A 91 -6.37 7.11 2.76
N LEU A 92 -5.27 7.52 2.18
CA LEU A 92 -4.11 7.93 2.96
C LEU A 92 -3.53 9.24 2.53
N ASN A 93 -2.56 9.16 1.67
CA ASN A 93 -1.83 10.32 1.06
C ASN A 93 -0.90 11.00 2.08
N ASN A 94 -0.62 10.28 3.13
CA ASN A 94 0.31 10.72 4.14
C ASN A 94 0.80 9.53 4.88
N CYS A 95 1.75 8.88 4.29
CA CYS A 95 2.40 7.76 4.88
C CYS A 95 3.83 7.83 4.54
N GLN A 96 4.64 7.64 5.51
CA GLN A 96 6.04 7.76 5.38
C GLN A 96 6.65 6.62 6.06
N LEU A 97 7.11 5.76 5.27
CA LEU A 97 7.50 4.46 5.68
C LEU A 97 8.79 4.44 6.49
N GLN A 98 8.84 3.62 7.56
CA GLN A 98 10.07 3.46 8.30
C GLN A 98 11.03 2.62 7.47
N ASN A 99 10.54 1.46 7.06
CA ASN A 99 11.18 0.52 6.18
C ASN A 99 10.28 -0.66 6.25
N PRO A 100 9.97 -1.33 5.15
CA PRO A 100 9.02 -2.41 5.17
C PRO A 100 9.55 -3.74 5.75
N GLN A 101 10.81 -3.77 6.18
CA GLN A 101 11.39 -4.99 6.70
C GLN A 101 10.84 -5.35 8.09
N ARG A 102 9.72 -5.94 8.06
CA ARG A 102 9.07 -6.48 9.22
C ARG A 102 9.08 -7.97 9.10
N MET A 21 5.89 -16.92 6.36
CA MET A 21 6.87 -16.26 5.51
C MET A 21 6.67 -14.78 5.66
N GLN A 22 7.68 -14.08 6.10
CA GLN A 22 7.56 -12.66 6.35
C GLN A 22 7.31 -11.85 5.09
N THR A 23 6.20 -11.17 5.11
CA THR A 23 5.78 -10.31 4.07
C THR A 23 6.11 -8.91 4.56
N ASP A 24 6.59 -8.07 3.68
CA ASP A 24 7.02 -6.74 4.10
C ASP A 24 5.81 -5.90 4.47
N THR A 25 5.68 -5.59 5.72
CA THR A 25 4.48 -4.95 6.19
C THR A 25 4.79 -3.53 6.59
N LEU A 26 4.03 -2.62 6.03
CA LEU A 26 4.22 -1.22 6.15
C LEU A 26 4.14 -0.61 7.57
N GLU A 27 4.14 0.72 7.60
CA GLU A 27 4.44 1.50 8.76
C GLU A 27 3.35 1.41 9.79
N TYR A 28 2.21 0.94 9.33
CA TYR A 28 0.97 0.80 10.06
C TYR A 28 0.54 2.09 10.81
N GLN A 29 1.09 3.21 10.39
CA GLN A 29 0.94 4.46 11.10
C GLN A 29 0.79 5.57 10.12
N CYS A 30 -0.39 5.97 10.00
CA CYS A 30 -0.79 7.06 9.19
C CYS A 30 -1.87 7.76 9.96
N ASP A 31 -1.99 9.05 9.79
CA ASP A 31 -2.96 9.83 10.58
C ASP A 31 -4.37 9.46 10.24
N GLU A 32 -4.54 8.99 9.05
CA GLU A 32 -5.82 8.81 8.49
C GLU A 32 -6.32 7.39 8.71
N LYS A 33 -5.43 6.42 8.64
CA LYS A 33 -5.76 4.99 8.80
C LYS A 33 -4.47 4.30 9.11
N PRO A 34 -4.48 3.07 9.64
CA PRO A 34 -3.27 2.32 9.78
C PRO A 34 -2.81 1.82 8.40
N LEU A 35 -1.52 1.83 8.16
CA LEU A 35 -1.01 1.46 6.86
C LEU A 35 -0.43 0.11 6.94
N THR A 36 -1.26 -0.85 6.97
CA THR A 36 -0.80 -2.15 7.05
C THR A 36 -0.91 -2.79 5.68
N VAL A 37 0.21 -2.98 5.04
CA VAL A 37 0.26 -3.50 3.69
C VAL A 37 1.13 -4.68 3.69
N LYS A 38 0.75 -5.68 2.96
CA LYS A 38 1.58 -6.81 2.83
C LYS A 38 2.29 -6.73 1.54
N LEU A 39 3.44 -6.14 1.55
CA LEU A 39 4.28 -6.12 0.41
C LEU A 39 4.76 -7.50 0.23
N ASN A 40 4.31 -8.11 -0.77
CA ASN A 40 4.73 -9.46 -1.06
C ASN A 40 6.16 -9.40 -1.52
N ASN A 41 6.96 -10.37 -1.14
CA ASN A 41 8.44 -10.35 -1.27
C ASN A 41 9.03 -9.79 -2.60
N PRO A 42 8.58 -10.24 -3.81
CA PRO A 42 9.08 -9.67 -5.08
C PRO A 42 8.35 -8.36 -5.45
N ARG A 43 7.36 -8.03 -4.64
CA ARG A 43 6.50 -6.89 -4.80
C ARG A 43 5.71 -6.89 -6.07
N GLN A 44 4.91 -7.89 -6.15
CA GLN A 44 4.01 -8.07 -7.24
C GLN A 44 2.59 -7.95 -6.74
N GLU A 45 2.44 -8.04 -5.43
CA GLU A 45 1.13 -8.09 -4.81
C GLU A 45 1.20 -7.45 -3.43
N VAL A 46 0.10 -6.87 -3.01
CA VAL A 46 -0.07 -6.29 -1.68
C VAL A 46 -1.44 -6.59 -1.14
N SER A 47 -1.49 -6.91 0.11
CA SER A 47 -2.73 -6.98 0.78
C SER A 47 -2.83 -5.72 1.59
N PHE A 48 -3.82 -4.94 1.31
CA PHE A 48 -3.94 -3.64 1.86
C PHE A 48 -5.29 -3.38 2.47
N VAL A 49 -5.24 -2.66 3.52
CA VAL A 49 -6.32 -2.30 4.34
C VAL A 49 -7.06 -1.08 3.78
N TYR A 50 -8.25 -1.33 3.33
CA TYR A 50 -9.15 -0.29 2.81
C TYR A 50 -9.50 0.66 3.93
N ASP A 51 -9.77 0.08 5.07
CA ASP A 51 -10.09 0.83 6.28
C ASP A 51 -10.11 -0.12 7.44
N ASN A 52 -10.95 -1.13 7.34
CA ASN A 52 -11.02 -2.17 8.36
C ASN A 52 -11.12 -3.54 7.72
N GLN A 53 -10.79 -3.62 6.45
CA GLN A 53 -10.83 -4.86 5.72
C GLN A 53 -9.69 -4.79 4.77
N LEU A 54 -9.23 -5.90 4.34
CA LEU A 54 -8.12 -5.91 3.45
C LEU A 54 -8.48 -6.46 2.11
N LEU A 55 -7.88 -5.91 1.12
CA LEU A 55 -8.02 -6.35 -0.24
C LEU A 55 -6.67 -6.71 -0.75
N HIS A 56 -6.61 -7.22 -1.93
CA HIS A 56 -5.36 -7.60 -2.52
C HIS A 56 -5.19 -6.95 -3.88
N LEU A 57 -4.14 -6.20 -4.00
CA LEU A 57 -3.85 -5.44 -5.19
C LEU A 57 -2.57 -5.93 -5.75
N LYS A 58 -2.37 -5.74 -7.01
CA LYS A 58 -1.16 -6.20 -7.59
C LYS A 58 -0.53 -5.17 -8.46
N GLN A 59 0.75 -5.28 -8.59
CA GLN A 59 1.54 -4.36 -9.36
C GLN A 59 1.46 -4.74 -10.81
N GLY A 60 0.73 -3.99 -11.54
CA GLY A 60 0.57 -4.24 -12.94
C GLY A 60 1.00 -3.04 -13.73
N ILE A 61 0.15 -2.06 -13.78
CA ILE A 61 0.42 -0.83 -14.47
C ILE A 61 1.06 0.13 -13.50
N SER A 62 2.29 0.38 -13.69
CA SER A 62 3.01 1.23 -12.79
C SER A 62 3.30 2.60 -13.40
N ALA A 63 4.05 3.37 -12.66
CA ALA A 63 4.44 4.69 -12.93
C ALA A 63 5.49 4.97 -11.89
N SER A 64 6.00 6.21 -11.79
CA SER A 64 7.03 6.58 -10.81
C SER A 64 6.65 6.16 -9.37
N GLY A 65 7.12 5.02 -8.99
CA GLY A 65 6.79 4.44 -7.75
C GLY A 65 6.54 2.98 -7.96
N ALA A 66 5.30 2.56 -7.81
CA ALA A 66 4.87 1.23 -7.95
C ALA A 66 3.41 1.29 -7.79
N ARG A 67 2.66 0.69 -8.67
CA ARG A 67 1.26 0.80 -8.53
C ARG A 67 0.63 -0.56 -8.38
N TYR A 68 0.09 -0.80 -7.23
CA TYR A 68 -0.60 -2.01 -6.93
C TYR A 68 -2.04 -1.67 -7.02
N THR A 69 -2.72 -2.32 -7.85
CA THR A 69 -4.09 -2.00 -8.10
C THR A 69 -4.82 -3.29 -8.35
N ASP A 70 -6.03 -3.39 -7.89
CA ASP A 70 -6.77 -4.60 -8.14
C ASP A 70 -7.87 -4.32 -9.13
N GLY A 71 -8.33 -3.10 -9.13
CA GLY A 71 -9.39 -2.71 -10.00
C GLY A 71 -10.39 -1.89 -9.25
N ILE A 72 -10.46 -2.09 -7.96
CA ILE A 72 -11.29 -1.30 -7.11
C ILE A 72 -10.45 -0.15 -6.65
N TYR A 73 -9.39 -0.47 -5.97
CA TYR A 73 -8.51 0.52 -5.47
C TYR A 73 -7.27 0.55 -6.30
N VAL A 74 -6.48 1.53 -6.03
CA VAL A 74 -5.22 1.78 -6.63
C VAL A 74 -4.29 2.19 -5.50
N PHE A 75 -3.20 1.54 -5.37
CA PHE A 75 -2.24 1.85 -4.34
C PHE A 75 -0.96 2.31 -5.02
N TRP A 76 -0.59 3.53 -4.78
CA TRP A 76 0.58 4.06 -5.33
C TRP A 76 1.60 4.06 -4.23
N SER A 77 2.60 3.35 -4.47
CA SER A 77 3.66 3.21 -3.55
C SER A 77 4.84 3.93 -4.13
N LYS A 78 5.15 5.08 -3.60
CA LYS A 78 6.28 5.82 -4.07
C LYS A 78 7.53 5.31 -3.37
N GLY A 79 7.32 4.55 -2.32
CA GLY A 79 8.38 3.94 -1.60
C GLY A 79 8.60 4.59 -0.28
N ASP A 80 8.55 5.89 -0.28
CA ASP A 80 8.70 6.66 0.93
C ASP A 80 7.34 7.12 1.41
N GLU A 81 6.40 7.16 0.50
CA GLU A 81 5.06 7.53 0.78
C GLU A 81 4.13 6.62 0.03
N ALA A 82 2.93 6.60 0.46
CA ALA A 82 1.92 5.80 -0.12
C ALA A 82 0.68 6.63 -0.24
N THR A 83 0.13 6.63 -1.38
CA THR A 83 -1.09 7.33 -1.66
C THR A 83 -2.00 6.35 -2.36
N VAL A 84 -3.17 6.14 -1.85
CA VAL A 84 -4.03 5.20 -2.39
C VAL A 84 -5.21 5.97 -2.95
N TYR A 85 -5.73 5.56 -4.06
CA TYR A 85 -6.75 6.32 -4.72
C TYR A 85 -7.62 5.48 -5.61
N LYS A 86 -8.80 5.23 -5.16
CA LYS A 86 -9.79 4.78 -6.00
C LYS A 86 -10.28 6.06 -6.58
N ARG A 87 -10.80 6.00 -7.72
CA ARG A 87 -11.18 7.21 -8.45
C ARG A 87 -12.33 7.90 -7.78
N ASP A 88 -13.09 7.11 -7.10
CA ASP A 88 -14.22 7.57 -6.39
C ASP A 88 -13.88 7.73 -4.93
N ARG A 89 -12.75 7.18 -4.49
CA ARG A 89 -12.49 7.23 -3.09
C ARG A 89 -11.05 6.98 -2.70
N ILE A 90 -10.36 8.02 -2.31
CA ILE A 90 -9.10 7.92 -1.61
C ILE A 90 -9.42 7.56 -0.19
N VAL A 91 -8.61 6.74 0.37
CA VAL A 91 -8.82 6.30 1.74
C VAL A 91 -7.61 6.66 2.59
N LEU A 92 -6.50 6.84 1.93
CA LEU A 92 -5.23 7.15 2.58
C LEU A 92 -4.40 8.05 1.70
N ASN A 93 -4.17 9.26 2.13
CA ASN A 93 -3.38 10.21 1.33
C ASN A 93 -2.26 10.86 2.12
N ASN A 94 -1.84 10.20 3.17
CA ASN A 94 -0.71 10.66 3.95
C ASN A 94 -0.15 9.49 4.70
N CYS A 95 0.65 8.75 4.01
CA CYS A 95 1.29 7.60 4.52
C CYS A 95 2.71 7.66 4.13
N GLN A 96 3.57 7.39 5.07
CA GLN A 96 4.97 7.53 4.89
C GLN A 96 5.59 6.37 5.53
N LEU A 97 6.26 5.63 4.76
CA LEU A 97 6.77 4.38 5.20
C LEU A 97 8.13 4.56 5.83
N GLN A 98 8.33 4.03 7.01
CA GLN A 98 9.61 4.18 7.62
C GLN A 98 10.32 2.84 7.71
N ASN A 99 9.58 1.74 7.81
CA ASN A 99 10.19 0.45 7.95
C ASN A 99 9.18 -0.63 7.67
N PRO A 100 9.22 -1.24 6.47
CA PRO A 100 8.31 -2.33 6.18
C PRO A 100 8.75 -3.65 6.89
N GLN A 101 9.81 -3.56 7.64
CA GLN A 101 10.29 -4.64 8.41
C GLN A 101 10.19 -4.29 9.88
N ARG A 102 9.01 -4.39 10.33
CA ARG A 102 8.64 -4.08 11.69
C ARG A 102 7.98 -5.29 12.36
N MET A 21 7.60 -15.18 9.22
CA MET A 21 8.17 -13.85 9.07
C MET A 21 7.04 -12.87 8.98
N GLN A 22 7.33 -11.61 9.07
CA GLN A 22 6.34 -10.62 8.79
C GLN A 22 6.52 -10.22 7.35
N THR A 23 5.49 -10.36 6.57
CA THR A 23 5.51 -9.92 5.20
C THR A 23 5.68 -8.43 5.25
N ASP A 24 6.76 -7.99 4.63
CA ASP A 24 7.38 -6.66 4.80
C ASP A 24 6.34 -5.54 4.97
N THR A 25 6.37 -4.93 6.08
CA THR A 25 5.27 -4.06 6.50
C THR A 25 5.70 -2.62 6.73
N LEU A 26 4.82 -1.69 6.32
CA LEU A 26 5.04 -0.30 6.54
C LEU A 26 4.91 0.12 8.02
N GLU A 27 4.73 1.44 8.29
CA GLU A 27 4.80 1.96 9.64
C GLU A 27 3.62 1.44 10.44
N TYR A 28 2.62 1.03 9.68
CA TYR A 28 1.35 0.49 10.11
C TYR A 28 0.59 1.32 11.13
N GLN A 29 0.98 2.56 11.27
CA GLN A 29 0.42 3.46 12.23
C GLN A 29 0.47 4.81 11.66
N CYS A 30 -0.61 5.22 11.16
CA CYS A 30 -0.66 6.48 10.47
C CYS A 30 -1.91 7.20 10.91
N ASP A 31 -1.89 8.50 10.74
CA ASP A 31 -2.96 9.39 11.17
C ASP A 31 -4.26 9.08 10.48
N GLU A 32 -4.18 8.77 9.20
CA GLU A 32 -5.33 8.56 8.42
C GLU A 32 -5.86 7.14 8.60
N LYS A 33 -4.97 6.16 8.61
CA LYS A 33 -5.34 4.73 8.73
C LYS A 33 -4.12 4.04 9.23
N PRO A 34 -4.22 2.86 9.83
CA PRO A 34 -3.04 2.07 10.08
C PRO A 34 -2.53 1.50 8.72
N LEU A 35 -1.34 1.88 8.30
CA LEU A 35 -0.88 1.58 6.97
C LEU A 35 -0.14 0.30 7.01
N THR A 36 -0.85 -0.75 6.97
CA THR A 36 -0.25 -1.98 7.14
C THR A 36 -0.21 -2.70 5.80
N VAL A 37 0.96 -2.81 5.25
CA VAL A 37 1.14 -3.46 3.98
C VAL A 37 1.86 -4.74 4.22
N LYS A 38 1.51 -5.75 3.49
CA LYS A 38 2.24 -6.96 3.54
C LYS A 38 2.96 -7.04 2.25
N LEU A 39 4.09 -6.44 2.20
CA LEU A 39 4.93 -6.45 1.07
C LEU A 39 5.54 -7.79 0.97
N ASN A 40 5.09 -8.52 0.03
CA ASN A 40 5.64 -9.83 -0.17
C ASN A 40 7.03 -9.65 -0.73
N ASN A 41 7.98 -10.37 -0.17
CA ASN A 41 9.44 -10.16 -0.35
C ASN A 41 9.96 -9.72 -1.74
N PRO A 42 9.59 -10.40 -2.88
CA PRO A 42 10.01 -9.93 -4.22
C PRO A 42 9.45 -8.52 -4.54
N ARG A 43 8.38 -8.20 -3.86
CA ARG A 43 7.63 -6.97 -3.93
C ARG A 43 6.99 -6.71 -5.25
N GLN A 44 6.03 -7.55 -5.51
CA GLN A 44 5.19 -7.51 -6.66
C GLN A 44 3.73 -7.68 -6.21
N GLU A 45 3.53 -7.90 -4.92
CA GLU A 45 2.23 -8.22 -4.38
C GLU A 45 2.19 -7.75 -2.93
N VAL A 46 1.06 -7.23 -2.53
CA VAL A 46 0.84 -6.72 -1.18
C VAL A 46 -0.50 -7.13 -0.65
N SER A 47 -0.56 -7.42 0.61
CA SER A 47 -1.82 -7.56 1.24
C SER A 47 -1.99 -6.27 1.97
N PHE A 48 -2.98 -5.56 1.65
CA PHE A 48 -3.14 -4.27 2.17
C PHE A 48 -4.51 -4.12 2.78
N VAL A 49 -4.60 -3.17 3.61
CA VAL A 49 -5.70 -2.92 4.42
C VAL A 49 -6.51 -1.73 3.89
N TYR A 50 -7.69 -2.02 3.42
CA TYR A 50 -8.62 -1.01 2.93
C TYR A 50 -9.10 -0.16 4.09
N ASP A 51 -9.32 -0.81 5.18
CA ASP A 51 -9.74 -0.18 6.40
C ASP A 51 -9.58 -1.17 7.51
N ASN A 52 -10.34 -2.23 7.44
CA ASN A 52 -10.22 -3.32 8.38
C ASN A 52 -10.57 -4.62 7.66
N GLN A 53 -10.23 -4.65 6.39
CA GLN A 53 -10.39 -5.78 5.55
C GLN A 53 -9.16 -5.77 4.70
N LEU A 54 -8.71 -6.91 4.34
CA LEU A 54 -7.48 -7.02 3.66
C LEU A 54 -7.69 -7.47 2.22
N LEU A 55 -7.06 -6.78 1.33
CA LEU A 55 -7.09 -7.10 -0.10
C LEU A 55 -5.69 -7.36 -0.56
N HIS A 56 -5.53 -8.15 -1.56
CA HIS A 56 -4.22 -8.39 -2.10
C HIS A 56 -4.07 -7.75 -3.46
N LEU A 57 -3.24 -6.75 -3.50
CA LEU A 57 -3.03 -5.95 -4.67
C LEU A 57 -1.80 -6.41 -5.34
N LYS A 58 -1.78 -6.27 -6.61
CA LYS A 58 -0.65 -6.70 -7.33
C LYS A 58 -0.05 -5.54 -8.01
N GLN A 59 1.21 -5.61 -8.21
CA GLN A 59 1.91 -4.60 -8.92
C GLN A 59 1.62 -4.72 -10.39
N GLY A 60 0.91 -3.78 -10.84
CA GLY A 60 0.48 -3.69 -12.20
C GLY A 60 -0.04 -2.31 -12.41
N ILE A 61 -0.20 -1.90 -13.68
CA ILE A 61 -0.68 -0.55 -14.03
C ILE A 61 0.45 0.50 -13.72
N SER A 62 1.56 -0.02 -13.30
CA SER A 62 2.66 0.73 -12.84
C SER A 62 3.50 1.35 -13.96
N ALA A 63 4.21 2.41 -13.63
CA ALA A 63 4.97 3.18 -14.56
C ALA A 63 5.93 4.05 -13.76
N SER A 64 5.38 4.80 -12.85
CA SER A 64 6.16 5.59 -11.95
C SER A 64 5.93 5.01 -10.57
N GLY A 65 6.92 5.05 -9.71
CA GLY A 65 6.80 4.46 -8.38
C GLY A 65 6.66 2.94 -8.46
N ALA A 66 5.58 2.43 -7.93
CA ALA A 66 5.26 1.06 -7.91
C ALA A 66 3.80 1.04 -7.65
N ARG A 67 3.04 0.40 -8.48
CA ARG A 67 1.63 0.48 -8.30
C ARG A 67 1.06 -0.88 -8.05
N TYR A 68 0.56 -1.08 -6.88
CA TYR A 68 -0.10 -2.26 -6.50
C TYR A 68 -1.56 -1.93 -6.52
N THR A 69 -2.31 -2.61 -7.30
CA THR A 69 -3.70 -2.31 -7.43
C THR A 69 -4.49 -3.59 -7.56
N ASP A 70 -5.68 -3.61 -6.99
CA ASP A 70 -6.53 -4.76 -7.13
C ASP A 70 -7.83 -4.39 -7.86
N GLY A 71 -8.13 -3.10 -7.86
CA GLY A 71 -9.32 -2.61 -8.51
C GLY A 71 -10.16 -1.80 -7.57
N ILE A 72 -10.23 -2.27 -6.33
CA ILE A 72 -10.99 -1.63 -5.27
C ILE A 72 -10.29 -0.34 -4.86
N TYR A 73 -8.99 -0.35 -5.01
CA TYR A 73 -8.16 0.79 -4.78
C TYR A 73 -6.84 0.63 -5.48
N VAL A 74 -6.17 1.73 -5.64
CA VAL A 74 -4.92 1.84 -6.34
C VAL A 74 -3.85 2.27 -5.34
N PHE A 75 -2.85 1.47 -5.13
CA PHE A 75 -1.80 1.78 -4.17
C PHE A 75 -0.54 2.21 -4.92
N TRP A 76 -0.17 3.45 -4.77
CA TRP A 76 0.98 3.98 -5.43
C TRP A 76 2.05 4.22 -4.42
N SER A 77 3.05 3.49 -4.57
CA SER A 77 4.16 3.48 -3.70
C SER A 77 5.33 4.11 -4.39
N LYS A 78 5.86 5.15 -3.83
CA LYS A 78 7.05 5.73 -4.39
C LYS A 78 8.27 5.14 -3.73
N GLY A 79 8.06 4.62 -2.54
CA GLY A 79 9.11 4.03 -1.78
C GLY A 79 8.75 4.03 -0.34
N ASP A 80 8.94 5.17 0.29
CA ASP A 80 8.60 5.32 1.69
C ASP A 80 7.38 6.20 1.86
N GLU A 81 6.89 6.73 0.78
CA GLU A 81 5.66 7.46 0.79
C GLU A 81 4.68 6.69 -0.03
N ALA A 82 3.50 6.53 0.48
CA ALA A 82 2.53 5.73 -0.13
C ALA A 82 1.24 6.49 -0.22
N THR A 83 0.69 6.45 -1.37
CA THR A 83 -0.57 7.09 -1.65
C THR A 83 -1.50 6.05 -2.27
N VAL A 84 -2.61 5.81 -1.67
CA VAL A 84 -3.53 4.84 -2.15
C VAL A 84 -4.91 5.47 -2.36
N TYR A 85 -5.26 5.54 -3.62
CA TYR A 85 -6.40 6.27 -4.12
C TYR A 85 -7.15 5.49 -5.18
N LYS A 86 -8.35 5.11 -4.84
CA LYS A 86 -9.31 4.60 -5.72
C LYS A 86 -9.91 5.84 -6.32
N ARG A 87 -10.54 5.70 -7.39
CA ARG A 87 -11.10 6.85 -8.13
C ARG A 87 -12.43 7.28 -7.49
N ASP A 88 -12.71 6.65 -6.40
CA ASP A 88 -13.89 6.86 -5.62
C ASP A 88 -13.53 6.87 -4.13
N ARG A 89 -12.25 6.60 -3.79
CA ARG A 89 -11.88 6.48 -2.37
C ARG A 89 -10.36 6.46 -2.12
N ILE A 90 -9.87 7.52 -1.59
CA ILE A 90 -8.53 7.53 -1.02
C ILE A 90 -8.66 6.91 0.32
N VAL A 91 -7.78 6.08 0.62
CA VAL A 91 -7.81 5.48 1.91
C VAL A 91 -6.64 6.02 2.70
N LEU A 92 -5.56 6.31 2.01
CA LEU A 92 -4.37 6.85 2.64
C LEU A 92 -3.67 7.67 1.61
N ASN A 93 -3.51 8.92 1.85
CA ASN A 93 -2.83 9.74 0.85
C ASN A 93 -1.64 10.43 1.38
N ASN A 94 -1.24 10.07 2.57
CA ASN A 94 -0.10 10.70 3.19
C ASN A 94 0.31 9.99 4.47
N CYS A 95 1.15 9.02 4.31
CA CYS A 95 1.86 8.43 5.41
C CYS A 95 3.21 8.12 4.88
N GLN A 96 4.20 8.09 5.73
CA GLN A 96 5.54 8.06 5.30
C GLN A 96 6.26 7.15 6.21
N LEU A 97 6.76 6.17 5.61
CA LEU A 97 7.26 4.99 6.21
C LEU A 97 8.58 5.18 6.96
N GLN A 98 8.73 4.42 8.06
CA GLN A 98 9.99 4.43 8.80
C GLN A 98 10.99 3.51 8.13
N ASN A 99 10.66 2.23 8.08
CA ASN A 99 11.52 1.21 7.51
C ASN A 99 10.73 -0.07 7.48
N PRO A 100 10.39 -0.56 6.30
CA PRO A 100 9.49 -1.70 6.18
C PRO A 100 10.12 -3.03 6.61
N GLN A 101 11.43 -3.11 6.48
CA GLN A 101 12.15 -4.31 6.76
C GLN A 101 12.37 -4.50 8.26
N ARG A 102 11.35 -4.95 8.87
CA ARG A 102 11.34 -5.28 10.27
C ARG A 102 12.00 -6.63 10.47
N MET A 21 9.26 -14.63 8.13
CA MET A 21 8.20 -13.72 7.72
C MET A 21 8.27 -13.56 6.20
N GLN A 22 7.29 -14.08 5.49
CA GLN A 22 7.30 -14.10 4.03
C GLN A 22 6.67 -12.83 3.44
N THR A 23 6.31 -11.93 4.30
CA THR A 23 5.71 -10.71 3.88
C THR A 23 6.41 -9.52 4.49
N ASP A 24 6.60 -8.51 3.70
CA ASP A 24 7.16 -7.29 4.20
C ASP A 24 5.97 -6.44 4.61
N THR A 25 6.13 -5.57 5.55
CA THR A 25 5.00 -4.78 6.00
C THR A 25 5.41 -3.36 6.36
N LEU A 26 4.59 -2.41 5.96
CA LEU A 26 4.85 -1.04 6.11
C LEU A 26 4.67 -0.52 7.56
N GLU A 27 4.50 0.80 7.68
CA GLU A 27 4.58 1.55 8.93
C GLU A 27 3.49 1.16 9.85
N TYR A 28 2.47 0.69 9.23
CA TYR A 28 1.23 0.31 9.84
C TYR A 28 0.64 1.43 10.68
N GLN A 29 0.93 2.66 10.27
CA GLN A 29 0.60 3.81 11.00
C GLN A 29 0.64 5.00 10.06
N CYS A 30 -0.48 5.58 9.90
CA CYS A 30 -0.65 6.80 9.15
C CYS A 30 -1.66 7.62 9.94
N ASP A 31 -1.98 8.83 9.53
CA ASP A 31 -2.87 9.65 10.37
C ASP A 31 -4.27 9.14 10.32
N GLU A 32 -4.75 8.98 9.12
CA GLU A 32 -6.12 8.63 8.87
C GLU A 32 -6.41 7.20 9.20
N LYS A 33 -5.52 6.35 8.79
CA LYS A 33 -5.74 4.92 8.89
C LYS A 33 -4.41 4.30 9.17
N PRO A 34 -4.35 3.03 9.54
CA PRO A 34 -3.08 2.37 9.66
C PRO A 34 -2.61 1.90 8.26
N LEU A 35 -1.33 1.63 8.12
CA LEU A 35 -0.79 1.27 6.84
C LEU A 35 -0.15 -0.10 6.91
N THR A 36 -0.93 -1.05 7.19
CA THR A 36 -0.44 -2.36 7.27
C THR A 36 -0.55 -2.99 5.89
N VAL A 37 0.55 -3.04 5.22
CA VAL A 37 0.62 -3.50 3.87
C VAL A 37 1.32 -4.80 3.84
N LYS A 38 0.80 -5.72 3.10
CA LYS A 38 1.43 -6.97 2.95
C LYS A 38 2.21 -6.90 1.69
N LEU A 39 3.40 -6.42 1.78
CA LEU A 39 4.28 -6.44 0.67
C LEU A 39 4.66 -7.83 0.45
N ASN A 40 4.10 -8.41 -0.54
CA ASN A 40 4.42 -9.78 -0.83
C ASN A 40 5.82 -9.75 -1.37
N ASN A 41 6.69 -10.60 -0.86
CA ASN A 41 8.15 -10.52 -1.13
C ASN A 41 8.56 -10.35 -2.62
N PRO A 42 7.91 -11.07 -3.62
CA PRO A 42 8.20 -10.84 -5.07
C PRO A 42 7.86 -9.39 -5.49
N ARG A 43 7.04 -8.77 -4.67
CA ARG A 43 6.57 -7.39 -4.78
C ARG A 43 5.85 -7.11 -6.05
N GLN A 44 4.82 -7.86 -6.21
CA GLN A 44 3.93 -7.73 -7.30
C GLN A 44 2.53 -7.50 -6.72
N GLU A 45 2.45 -7.63 -5.39
CA GLU A 45 1.18 -7.55 -4.68
C GLU A 45 1.35 -6.95 -3.33
N VAL A 46 0.34 -6.26 -2.93
CA VAL A 46 0.20 -5.77 -1.58
C VAL A 46 -1.20 -6.05 -1.13
N SER A 47 -1.32 -6.62 0.03
CA SER A 47 -2.60 -6.70 0.63
C SER A 47 -2.64 -5.57 1.62
N PHE A 48 -3.46 -4.66 1.36
CA PHE A 48 -3.53 -3.46 2.09
C PHE A 48 -4.81 -3.37 2.83
N VAL A 49 -4.79 -2.60 3.83
CA VAL A 49 -5.81 -2.46 4.76
C VAL A 49 -6.68 -1.24 4.45
N TYR A 50 -7.88 -1.51 4.05
CA TYR A 50 -8.85 -0.46 3.78
C TYR A 50 -9.30 0.16 5.08
N ASP A 51 -9.42 -0.67 6.07
CA ASP A 51 -9.89 -0.26 7.36
C ASP A 51 -9.58 -1.35 8.37
N ASN A 52 -10.24 -2.47 8.21
CA ASN A 52 -9.98 -3.63 9.04
C ASN A 52 -10.11 -4.86 8.14
N GLN A 53 -9.98 -4.64 6.86
CA GLN A 53 -10.11 -5.66 5.89
C GLN A 53 -8.98 -5.46 4.96
N LEU A 54 -8.56 -6.49 4.34
CA LEU A 54 -7.41 -6.41 3.54
C LEU A 54 -7.78 -6.69 2.10
N LEU A 55 -7.33 -5.85 1.21
CA LEU A 55 -7.57 -6.02 -0.20
C LEU A 55 -6.23 -6.07 -0.91
N HIS A 56 -6.10 -6.94 -1.86
CA HIS A 56 -4.87 -7.09 -2.56
C HIS A 56 -4.84 -6.36 -3.88
N LEU A 57 -3.79 -5.64 -4.05
CA LEU A 57 -3.56 -4.83 -5.21
C LEU A 57 -2.29 -5.29 -5.85
N LYS A 58 -2.10 -4.93 -7.10
CA LYS A 58 -0.97 -5.46 -7.86
C LYS A 58 -0.20 -4.46 -8.58
N GLN A 59 1.06 -4.75 -8.67
CA GLN A 59 2.00 -3.90 -9.37
C GLN A 59 2.00 -4.31 -10.82
N GLY A 60 0.96 -3.98 -11.45
CA GLY A 60 0.76 -4.29 -12.84
C GLY A 60 1.19 -3.14 -13.69
N ILE A 61 0.38 -2.11 -13.71
CA ILE A 61 0.68 -0.91 -14.46
C ILE A 61 1.32 0.09 -13.50
N SER A 62 2.59 0.29 -13.67
CA SER A 62 3.31 1.16 -12.82
C SER A 62 4.42 1.82 -13.63
N ALA A 63 4.96 2.91 -13.09
CA ALA A 63 6.00 3.71 -13.69
C ALA A 63 6.24 4.92 -12.83
N SER A 64 5.16 5.56 -12.43
CA SER A 64 5.22 6.76 -11.60
C SER A 64 5.39 6.40 -10.11
N GLY A 65 5.97 5.26 -9.85
CA GLY A 65 6.14 4.76 -8.52
C GLY A 65 6.09 3.27 -8.56
N ALA A 66 5.37 2.72 -7.66
CA ALA A 66 5.14 1.33 -7.57
C ALA A 66 3.71 1.23 -7.31
N ARG A 67 3.00 0.97 -8.32
CA ARG A 67 1.60 1.03 -8.24
C ARG A 67 0.99 -0.32 -8.14
N TYR A 68 0.40 -0.56 -7.04
CA TYR A 68 -0.34 -1.74 -6.77
C TYR A 68 -1.76 -1.34 -6.87
N THR A 69 -2.42 -1.85 -7.84
CA THR A 69 -3.77 -1.50 -8.08
C THR A 69 -4.46 -2.71 -8.66
N ASP A 70 -5.73 -2.82 -8.46
CA ASP A 70 -6.51 -3.88 -9.04
C ASP A 70 -7.65 -3.25 -9.81
N GLY A 71 -8.64 -2.81 -9.07
CA GLY A 71 -9.74 -2.07 -9.64
C GLY A 71 -10.57 -1.47 -8.54
N ILE A 72 -10.00 -1.38 -7.34
CA ILE A 72 -10.74 -0.89 -6.20
C ILE A 72 -10.20 0.49 -5.81
N TYR A 73 -8.92 0.53 -5.45
CA TYR A 73 -8.20 1.76 -5.17
C TYR A 73 -6.86 1.62 -5.79
N VAL A 74 -6.20 2.70 -5.92
CA VAL A 74 -4.92 2.77 -6.54
C VAL A 74 -3.89 2.99 -5.45
N PHE A 75 -3.11 1.98 -5.15
CA PHE A 75 -2.11 2.11 -4.13
C PHE A 75 -0.80 2.50 -4.77
N TRP A 76 -0.40 3.73 -4.57
CA TRP A 76 0.79 4.22 -5.10
C TRP A 76 1.82 4.31 -4.03
N SER A 77 2.82 3.61 -4.23
CA SER A 77 3.93 3.56 -3.37
C SER A 77 5.07 4.27 -4.06
N LYS A 78 5.57 5.31 -3.47
CA LYS A 78 6.66 6.01 -4.06
C LYS A 78 7.98 5.46 -3.53
N GLY A 79 7.90 4.83 -2.36
CA GLY A 79 9.09 4.24 -1.76
C GLY A 79 9.15 4.51 -0.28
N ASP A 80 9.13 5.78 0.07
CA ASP A 80 9.16 6.17 1.49
C ASP A 80 7.87 6.83 1.88
N GLU A 81 7.01 6.98 0.91
CA GLU A 81 5.72 7.55 1.10
C GLU A 81 4.77 6.78 0.23
N ALA A 82 3.53 6.80 0.57
CA ALA A 82 2.53 6.05 -0.09
C ALA A 82 1.24 6.81 -0.04
N THR A 83 0.55 6.79 -1.11
CA THR A 83 -0.73 7.41 -1.21
C THR A 83 -1.64 6.49 -2.02
N VAL A 84 -2.75 6.14 -1.45
CA VAL A 84 -3.68 5.27 -2.09
C VAL A 84 -4.91 6.06 -2.49
N TYR A 85 -4.95 6.36 -3.75
CA TYR A 85 -5.90 7.28 -4.30
C TYR A 85 -6.59 6.73 -5.52
N LYS A 86 -7.83 6.35 -5.32
CA LYS A 86 -8.66 6.02 -6.38
C LYS A 86 -9.18 7.35 -6.80
N ARG A 87 -9.66 7.44 -7.96
CA ARG A 87 -10.08 8.74 -8.49
C ARG A 87 -11.41 9.17 -7.86
N ASP A 88 -11.97 8.27 -7.09
CA ASP A 88 -13.19 8.49 -6.35
C ASP A 88 -12.92 8.60 -4.87
N ARG A 89 -11.80 8.06 -4.44
CA ARG A 89 -11.53 7.99 -3.04
C ARG A 89 -10.08 7.68 -2.69
N ILE A 90 -9.47 8.63 -2.06
CA ILE A 90 -8.21 8.46 -1.36
C ILE A 90 -8.56 7.88 -0.03
N VAL A 91 -7.89 6.89 0.36
CA VAL A 91 -8.16 6.34 1.67
C VAL A 91 -7.02 6.61 2.63
N LEU A 92 -5.89 6.99 2.08
CA LEU A 92 -4.69 7.31 2.85
C LEU A 92 -3.79 8.18 2.00
N ASN A 93 -3.37 9.33 2.53
CA ASN A 93 -2.50 10.22 1.75
C ASN A 93 -1.36 10.82 2.56
N ASN A 94 -1.09 10.26 3.69
CA ASN A 94 0.06 10.68 4.47
C ASN A 94 0.66 9.48 5.13
N CYS A 95 1.28 8.71 4.32
CA CYS A 95 1.88 7.53 4.71
C CYS A 95 3.30 7.61 4.39
N GLN A 96 4.11 7.51 5.39
CA GLN A 96 5.49 7.68 5.25
C GLN A 96 6.11 6.59 5.99
N LEU A 97 6.81 5.83 5.28
CA LEU A 97 7.28 4.59 5.73
C LEU A 97 8.60 4.70 6.46
N GLN A 98 8.77 3.91 7.51
CA GLN A 98 10.04 3.82 8.18
C GLN A 98 10.99 2.96 7.33
N ASN A 99 10.54 1.73 7.06
CA ASN A 99 11.24 0.73 6.27
C ASN A 99 10.32 -0.47 6.30
N PRO A 100 10.07 -1.15 5.18
CA PRO A 100 9.04 -2.19 5.10
C PRO A 100 9.33 -3.51 5.84
N GLN A 101 10.41 -3.58 6.56
CA GLN A 101 10.62 -4.73 7.40
C GLN A 101 10.46 -4.33 8.84
N ARG A 102 10.24 -3.04 9.02
CA ARG A 102 10.10 -2.38 10.30
C ARG A 102 11.19 -2.74 11.32
N MET A 21 11.71 -10.03 6.61
CA MET A 21 11.61 -11.23 7.48
C MET A 21 10.53 -12.18 6.93
N GLN A 22 9.42 -11.61 6.51
CA GLN A 22 8.28 -12.32 5.95
C GLN A 22 7.70 -11.37 4.92
N THR A 23 6.39 -11.36 4.76
CA THR A 23 5.73 -10.41 3.92
C THR A 23 6.11 -9.02 4.45
N ASP A 24 6.60 -8.19 3.58
CA ASP A 24 7.10 -6.89 3.99
C ASP A 24 5.90 -6.03 4.26
N THR A 25 5.92 -5.32 5.31
CA THR A 25 4.72 -4.64 5.73
C THR A 25 4.98 -3.17 6.00
N LEU A 26 4.08 -2.30 5.58
CA LEU A 26 4.31 -0.89 5.72
C LEU A 26 4.21 -0.40 7.16
N GLU A 27 4.22 0.90 7.33
CA GLU A 27 4.38 1.54 8.59
C GLU A 27 3.15 1.32 9.44
N TYR A 28 2.03 1.13 8.72
CA TYR A 28 0.69 1.03 9.24
C TYR A 28 0.28 2.14 10.23
N GLN A 29 1.03 3.19 10.24
CA GLN A 29 0.84 4.29 11.14
C GLN A 29 0.91 5.50 10.33
N CYS A 30 -0.18 5.80 9.78
CA CYS A 30 -0.27 6.87 8.88
C CYS A 30 -1.20 7.93 9.40
N ASP A 31 -1.20 9.04 8.71
CA ASP A 31 -1.97 10.20 9.10
C ASP A 31 -3.47 9.98 9.00
N GLU A 32 -3.90 9.27 7.99
CA GLU A 32 -5.31 9.09 7.77
C GLU A 32 -5.81 7.76 8.23
N LYS A 33 -5.01 6.76 8.08
CA LYS A 33 -5.48 5.43 8.36
C LYS A 33 -4.33 4.63 8.81
N PRO A 34 -4.56 3.48 9.38
CA PRO A 34 -3.53 2.53 9.48
C PRO A 34 -3.40 1.87 8.09
N LEU A 35 -2.20 1.68 7.63
CA LEU A 35 -2.02 1.10 6.34
C LEU A 35 -1.09 -0.05 6.44
N THR A 36 -1.64 -1.14 6.76
CA THR A 36 -0.90 -2.32 6.83
C THR A 36 -0.96 -2.95 5.45
N VAL A 37 0.18 -3.16 4.87
CA VAL A 37 0.30 -3.68 3.54
C VAL A 37 1.10 -4.92 3.57
N LYS A 38 0.66 -5.89 2.85
CA LYS A 38 1.42 -7.06 2.69
C LYS A 38 2.13 -7.01 1.39
N LEU A 39 3.30 -6.45 1.41
CA LEU A 39 4.17 -6.44 0.30
C LEU A 39 4.69 -7.80 0.19
N ASN A 40 4.21 -8.49 -0.77
CA ASN A 40 4.59 -9.88 -0.94
C ASN A 40 6.03 -9.89 -1.43
N ASN A 41 6.79 -10.90 -1.07
CA ASN A 41 8.24 -10.93 -1.33
C ASN A 41 8.69 -10.67 -2.80
N PRO A 42 8.03 -11.26 -3.85
CA PRO A 42 8.37 -10.93 -5.26
C PRO A 42 7.97 -9.48 -5.62
N ARG A 43 7.14 -8.91 -4.76
CA ARG A 43 6.60 -7.56 -4.85
C ARG A 43 5.87 -7.30 -6.11
N GLN A 44 4.92 -8.13 -6.33
CA GLN A 44 4.03 -7.98 -7.40
C GLN A 44 2.64 -7.75 -6.84
N GLU A 45 2.49 -7.91 -5.52
CA GLU A 45 1.18 -7.74 -4.87
C GLU A 45 1.28 -7.12 -3.51
N VAL A 46 0.26 -6.38 -3.19
CA VAL A 46 0.04 -5.81 -1.88
C VAL A 46 -1.33 -6.22 -1.40
N SER A 47 -1.44 -6.61 -0.16
CA SER A 47 -2.72 -6.77 0.43
C SER A 47 -2.81 -5.73 1.49
N PHE A 48 -3.70 -4.82 1.32
CA PHE A 48 -3.76 -3.72 2.21
C PHE A 48 -5.10 -3.65 2.88
N VAL A 49 -5.12 -2.98 3.97
CA VAL A 49 -6.28 -2.83 4.74
C VAL A 49 -7.03 -1.56 4.35
N TYR A 50 -8.17 -1.78 3.78
CA TYR A 50 -9.14 -0.75 3.40
C TYR A 50 -9.46 0.04 4.65
N ASP A 51 -10.01 -0.67 5.62
CA ASP A 51 -10.31 -0.09 6.90
C ASP A 51 -10.40 -1.18 7.94
N ASN A 52 -11.10 -2.26 7.60
CA ASN A 52 -11.23 -3.40 8.51
C ASN A 52 -11.16 -4.73 7.70
N GLN A 53 -10.69 -4.64 6.47
CA GLN A 53 -10.65 -5.75 5.60
C GLN A 53 -9.50 -5.57 4.69
N LEU A 54 -9.02 -6.63 4.18
CA LEU A 54 -7.85 -6.61 3.39
C LEU A 54 -8.17 -6.91 1.93
N LEU A 55 -7.68 -6.10 1.04
CA LEU A 55 -7.83 -6.34 -0.39
C LEU A 55 -6.48 -6.55 -0.96
N HIS A 56 -6.42 -7.01 -2.17
CA HIS A 56 -5.13 -7.26 -2.79
C HIS A 56 -5.03 -6.68 -4.17
N LEU A 57 -3.91 -6.07 -4.44
CA LEU A 57 -3.67 -5.38 -5.69
C LEU A 57 -2.35 -5.80 -6.22
N LYS A 58 -2.21 -5.75 -7.50
CA LYS A 58 -1.02 -6.18 -8.11
C LYS A 58 -0.35 -5.05 -8.84
N GLN A 59 0.93 -5.16 -8.97
CA GLN A 59 1.70 -4.16 -9.68
C GLN A 59 1.59 -4.35 -11.17
N GLY A 60 0.84 -3.51 -11.75
CA GLY A 60 0.58 -3.49 -13.15
C GLY A 60 -0.01 -2.16 -13.48
N ILE A 61 0.14 -1.70 -14.75
CA ILE A 61 -0.35 -0.37 -15.14
C ILE A 61 0.50 0.69 -14.34
N SER A 62 1.66 0.25 -13.97
CA SER A 62 2.49 0.93 -13.08
C SER A 62 3.60 1.72 -13.73
N ALA A 63 3.36 3.00 -13.92
CA ALA A 63 4.31 3.90 -14.42
C ALA A 63 4.69 4.87 -13.30
N SER A 64 5.99 5.13 -13.16
CA SER A 64 6.54 6.05 -12.15
C SER A 64 6.17 5.64 -10.71
N GLY A 65 6.93 4.74 -10.13
CA GLY A 65 6.63 4.25 -8.80
C GLY A 65 6.35 2.78 -8.86
N ALA A 66 5.33 2.38 -8.18
CA ALA A 66 4.90 1.05 -8.15
C ALA A 66 3.46 1.14 -7.92
N ARG A 67 2.71 0.79 -8.90
CA ARG A 67 1.31 0.96 -8.79
C ARG A 67 0.70 -0.40 -8.68
N TYR A 68 0.21 -0.69 -7.52
CA TYR A 68 -0.48 -1.89 -7.27
C TYR A 68 -1.91 -1.54 -7.40
N THR A 69 -2.55 -2.10 -8.33
CA THR A 69 -3.87 -1.70 -8.63
C THR A 69 -4.63 -2.89 -9.14
N ASP A 70 -5.88 -2.97 -8.75
CA ASP A 70 -6.75 -4.00 -9.25
C ASP A 70 -7.95 -3.37 -9.94
N GLY A 71 -8.23 -2.14 -9.56
CA GLY A 71 -9.40 -1.46 -10.03
C GLY A 71 -10.22 -1.00 -8.85
N ILE A 72 -9.96 -1.65 -7.73
CA ILE A 72 -10.61 -1.35 -6.45
C ILE A 72 -10.16 0.04 -6.03
N TYR A 73 -8.86 0.20 -6.04
CA TYR A 73 -8.16 1.42 -5.79
C TYR A 73 -6.89 1.35 -6.54
N VAL A 74 -6.20 2.43 -6.55
CA VAL A 74 -4.92 2.53 -7.15
C VAL A 74 -3.93 2.77 -6.03
N PHE A 75 -3.15 1.78 -5.73
CA PHE A 75 -2.18 1.89 -4.68
C PHE A 75 -0.87 2.30 -5.29
N TRP A 76 -0.44 3.46 -4.98
CA TRP A 76 0.72 3.99 -5.55
C TRP A 76 1.76 4.06 -4.50
N SER A 77 2.79 3.40 -4.77
CA SER A 77 3.88 3.31 -3.88
C SER A 77 5.03 4.02 -4.52
N LYS A 78 5.54 4.97 -3.82
CA LYS A 78 6.69 5.70 -4.30
C LYS A 78 7.93 5.23 -3.53
N GLY A 79 7.75 4.21 -2.74
CA GLY A 79 8.83 3.66 -1.98
C GLY A 79 8.71 3.98 -0.51
N ASP A 80 8.96 5.22 -0.16
CA ASP A 80 8.95 5.65 1.23
C ASP A 80 7.64 6.31 1.56
N GLU A 81 6.83 6.46 0.56
CA GLU A 81 5.52 7.00 0.72
C GLU A 81 4.58 6.23 -0.15
N ALA A 82 3.41 6.07 0.32
CA ALA A 82 2.42 5.34 -0.34
C ALA A 82 1.16 6.14 -0.28
N THR A 83 0.45 6.09 -1.31
CA THR A 83 -0.79 6.76 -1.41
C THR A 83 -1.77 5.87 -2.21
N VAL A 84 -3.05 6.12 -2.08
CA VAL A 84 -4.07 5.29 -2.66
C VAL A 84 -5.20 6.15 -3.19
N TYR A 85 -5.24 6.32 -4.48
CA TYR A 85 -6.21 7.18 -5.11
C TYR A 85 -7.00 6.39 -6.17
N LYS A 86 -8.23 6.00 -5.92
CA LYS A 86 -9.06 5.61 -6.97
C LYS A 86 -9.71 6.91 -7.34
N ARG A 87 -10.29 6.97 -8.46
CA ARG A 87 -10.92 8.21 -8.90
C ARG A 87 -12.18 8.47 -8.12
N ASP A 88 -12.78 7.40 -7.66
CA ASP A 88 -14.00 7.46 -6.89
C ASP A 88 -13.67 7.74 -5.46
N ARG A 89 -12.50 7.32 -5.03
CA ARG A 89 -12.11 7.50 -3.69
C ARG A 89 -10.64 7.23 -3.45
N ILE A 90 -10.06 8.16 -2.83
CA ILE A 90 -8.75 8.09 -2.25
C ILE A 90 -8.97 7.61 -0.85
N VAL A 91 -8.19 6.71 -0.42
CA VAL A 91 -8.35 6.23 0.93
C VAL A 91 -7.21 6.67 1.77
N LEU A 92 -6.15 7.06 1.12
CA LEU A 92 -4.95 7.41 1.82
C LEU A 92 -4.11 8.22 0.88
N ASN A 93 -3.58 9.30 1.36
CA ASN A 93 -2.64 10.08 0.60
C ASN A 93 -1.48 10.50 1.48
N ASN A 94 -1.42 9.91 2.65
CA ASN A 94 -0.42 10.22 3.65
C ASN A 94 0.08 8.98 4.38
N CYS A 95 0.86 8.16 3.70
CA CYS A 95 1.59 7.08 4.35
C CYS A 95 3.00 7.22 4.00
N GLN A 96 3.84 7.18 4.98
CA GLN A 96 5.21 7.38 4.82
C GLN A 96 5.85 6.38 5.69
N LEU A 97 6.69 5.65 5.10
CA LEU A 97 7.20 4.47 5.70
C LEU A 97 8.45 4.76 6.52
N GLN A 98 8.58 4.09 7.65
CA GLN A 98 9.80 4.25 8.44
C GLN A 98 10.65 2.98 8.35
N ASN A 99 10.03 1.82 8.49
CA ASN A 99 10.75 0.57 8.45
C ASN A 99 9.78 -0.54 8.26
N PRO A 100 9.70 -1.09 7.05
CA PRO A 100 8.68 -2.09 6.72
C PRO A 100 8.97 -3.51 7.25
N GLN A 101 10.00 -3.64 8.03
CA GLN A 101 10.39 -4.91 8.55
C GLN A 101 9.82 -5.11 9.93
N ARG A 102 9.77 -4.03 10.62
CA ARG A 102 9.29 -3.92 11.98
C ARG A 102 8.83 -2.52 12.13
N MET A 21 6.23 -8.64 9.96
CA MET A 21 6.48 -9.94 10.55
C MET A 21 7.37 -10.75 9.61
N GLN A 22 6.77 -11.44 8.65
CA GLN A 22 7.52 -12.12 7.60
C GLN A 22 7.45 -11.22 6.41
N THR A 23 6.30 -10.70 6.26
CA THR A 23 5.97 -9.74 5.27
C THR A 23 6.29 -8.37 5.85
N ASP A 24 6.68 -7.45 5.00
CA ASP A 24 6.98 -6.11 5.46
C ASP A 24 5.66 -5.37 5.66
N THR A 25 5.65 -4.35 6.46
CA THR A 25 4.43 -3.65 6.77
C THR A 25 4.71 -2.16 6.99
N LEU A 26 3.82 -1.31 6.50
CA LEU A 26 4.05 0.12 6.57
C LEU A 26 3.76 0.71 7.96
N GLU A 27 3.52 2.03 8.02
CA GLU A 27 3.42 2.75 9.25
C GLU A 27 2.12 2.36 9.94
N TYR A 28 1.12 2.09 9.09
CA TYR A 28 -0.25 1.76 9.44
C TYR A 28 -0.95 2.76 10.41
N GLN A 29 -0.38 3.91 10.61
CA GLN A 29 -0.87 4.84 11.62
C GLN A 29 -1.02 6.16 11.02
N CYS A 30 -1.56 6.13 9.86
CA CYS A 30 -1.78 7.30 9.09
C CYS A 30 -2.88 8.09 9.76
N ASP A 31 -2.85 9.41 9.60
CA ASP A 31 -3.68 10.36 10.36
C ASP A 31 -5.12 9.93 10.57
N GLU A 32 -5.77 9.38 9.57
CA GLU A 32 -7.16 9.07 9.75
C GLU A 32 -7.40 7.60 9.76
N LYS A 33 -6.52 6.88 9.17
CA LYS A 33 -6.87 5.62 8.69
C LYS A 33 -5.66 4.72 8.75
N PRO A 34 -5.84 3.47 9.15
CA PRO A 34 -4.76 2.53 9.23
C PRO A 34 -4.40 2.00 7.84
N LEU A 35 -3.15 2.09 7.50
CA LEU A 35 -2.71 1.61 6.24
C LEU A 35 -1.68 0.56 6.48
N THR A 36 -2.16 -0.55 6.91
CA THR A 36 -1.35 -1.65 7.16
C THR A 36 -1.20 -2.40 5.85
N VAL A 37 0.01 -2.49 5.38
CA VAL A 37 0.27 -3.08 4.11
C VAL A 37 1.19 -4.22 4.30
N LYS A 38 0.94 -5.29 3.60
CA LYS A 38 1.79 -6.40 3.66
C LYS A 38 2.59 -6.40 2.42
N LEU A 39 3.75 -5.86 2.54
CA LEU A 39 4.68 -5.78 1.48
C LEU A 39 5.29 -7.11 1.26
N ASN A 40 4.71 -7.83 0.37
CA ASN A 40 5.29 -9.08 -0.05
C ASN A 40 6.39 -8.78 -1.02
N ASN A 41 7.55 -8.48 -0.46
CA ASN A 41 8.71 -8.01 -1.21
C ASN A 41 9.09 -8.92 -2.41
N PRO A 42 9.21 -10.28 -2.26
CA PRO A 42 9.56 -11.17 -3.39
C PRO A 42 8.42 -11.33 -4.41
N ARG A 43 7.28 -10.76 -4.09
CA ARG A 43 6.09 -10.89 -4.92
C ARG A 43 5.77 -9.62 -5.68
N GLN A 44 6.09 -8.49 -5.06
CA GLN A 44 5.66 -7.20 -5.53
C GLN A 44 4.15 -7.14 -5.47
N GLU A 45 3.67 -7.63 -4.35
CA GLU A 45 2.28 -7.66 -3.99
C GLU A 45 2.15 -7.06 -2.64
N VAL A 46 1.04 -6.46 -2.43
CA VAL A 46 0.72 -5.89 -1.15
C VAL A 46 -0.64 -6.32 -0.77
N SER A 47 -0.84 -6.48 0.46
CA SER A 47 -2.12 -6.74 0.97
C SER A 47 -2.39 -5.67 1.96
N PHE A 48 -3.36 -4.88 1.71
CA PHE A 48 -3.58 -3.79 2.58
C PHE A 48 -4.93 -3.89 3.18
N VAL A 49 -5.06 -3.26 4.28
CA VAL A 49 -6.23 -3.25 5.03
C VAL A 49 -7.13 -2.09 4.59
N TYR A 50 -8.23 -2.46 4.07
CA TYR A 50 -9.27 -1.52 3.73
C TYR A 50 -9.81 -0.95 5.01
N ASP A 51 -10.40 -1.78 5.81
CA ASP A 51 -10.92 -1.32 7.06
C ASP A 51 -10.60 -2.29 8.18
N ASN A 52 -10.89 -3.55 7.96
CA ASN A 52 -10.61 -4.62 8.89
C ASN A 52 -10.51 -5.89 8.08
N GLN A 53 -10.16 -5.70 6.83
CA GLN A 53 -10.13 -6.75 5.90
C GLN A 53 -8.96 -6.47 5.04
N LEU A 54 -8.38 -7.48 4.55
CA LEU A 54 -7.20 -7.35 3.80
C LEU A 54 -7.46 -7.76 2.38
N LEU A 55 -7.06 -6.97 1.47
CA LEU A 55 -7.11 -7.36 0.09
C LEU A 55 -5.77 -7.16 -0.51
N HIS A 56 -5.55 -7.69 -1.66
CA HIS A 56 -4.25 -7.66 -2.22
C HIS A 56 -4.21 -6.99 -3.55
N LEU A 57 -3.07 -6.45 -3.81
CA LEU A 57 -2.78 -5.72 -5.00
C LEU A 57 -1.46 -6.15 -5.44
N LYS A 58 -1.19 -5.88 -6.64
CA LYS A 58 0.06 -6.26 -7.22
C LYS A 58 0.60 -5.15 -8.06
N GLN A 59 1.88 -5.10 -8.14
CA GLN A 59 2.55 -4.14 -8.98
C GLN A 59 2.64 -4.74 -10.33
N GLY A 60 1.99 -4.13 -11.23
CA GLY A 60 2.03 -4.56 -12.59
C GLY A 60 2.24 -3.37 -13.47
N ILE A 61 1.17 -2.66 -13.70
CA ILE A 61 1.23 -1.49 -14.52
C ILE A 61 1.63 -0.34 -13.65
N SER A 62 2.87 -0.02 -13.74
CA SER A 62 3.45 1.00 -12.95
C SER A 62 4.52 1.68 -13.77
N ALA A 63 4.91 2.87 -13.36
CA ALA A 63 5.89 3.68 -14.04
C ALA A 63 6.11 4.96 -13.26
N SER A 64 5.04 5.45 -12.68
CA SER A 64 5.06 6.67 -11.92
C SER A 64 5.41 6.42 -10.43
N GLY A 65 5.77 5.21 -10.13
CA GLY A 65 6.07 4.84 -8.76
C GLY A 65 6.06 3.35 -8.66
N ALA A 66 5.20 2.87 -7.84
CA ALA A 66 5.02 1.50 -7.63
C ALA A 66 3.58 1.34 -7.47
N ARG A 67 2.96 0.85 -8.46
CA ARG A 67 1.56 0.79 -8.46
C ARG A 67 1.11 -0.60 -8.20
N TYR A 68 0.70 -0.82 -7.00
CA TYR A 68 0.15 -2.05 -6.59
C TYR A 68 -1.32 -1.88 -6.72
N THR A 69 -1.87 -2.45 -7.72
CA THR A 69 -3.21 -2.19 -8.05
C THR A 69 -3.86 -3.42 -8.62
N ASP A 70 -5.09 -3.64 -8.24
CA ASP A 70 -5.91 -4.68 -8.81
C ASP A 70 -7.15 -4.08 -9.47
N GLY A 71 -7.61 -2.98 -8.91
CA GLY A 71 -8.82 -2.36 -9.39
C GLY A 71 -9.70 -2.00 -8.23
N ILE A 72 -9.48 -2.69 -7.11
CA ILE A 72 -10.21 -2.45 -5.88
C ILE A 72 -9.85 -1.06 -5.42
N TYR A 73 -8.55 -0.81 -5.39
CA TYR A 73 -7.93 0.48 -5.14
C TYR A 73 -6.62 0.47 -5.85
N VAL A 74 -6.11 1.61 -6.04
CA VAL A 74 -4.85 1.81 -6.64
C VAL A 74 -3.88 2.24 -5.56
N PHE A 75 -2.98 1.39 -5.23
CA PHE A 75 -2.01 1.71 -4.24
C PHE A 75 -0.77 2.19 -4.96
N TRP A 76 -0.61 3.47 -4.98
CA TRP A 76 0.46 4.07 -5.66
C TRP A 76 1.45 4.49 -4.65
N SER A 77 2.51 3.85 -4.70
CA SER A 77 3.54 3.98 -3.77
C SER A 77 4.71 4.66 -4.42
N LYS A 78 5.39 5.43 -3.65
CA LYS A 78 6.67 5.95 -4.05
C LYS A 78 7.74 5.36 -3.14
N GLY A 79 7.35 4.36 -2.37
CA GLY A 79 8.27 3.70 -1.48
C GLY A 79 8.21 4.22 -0.07
N ASP A 80 8.42 5.51 0.10
CA ASP A 80 8.47 6.12 1.43
C ASP A 80 7.12 6.74 1.74
N GLU A 81 6.35 6.89 0.72
CA GLU A 81 5.06 7.48 0.81
C GLU A 81 4.11 6.69 -0.06
N ALA A 82 2.88 6.62 0.33
CA ALA A 82 1.93 5.82 -0.34
C ALA A 82 0.62 6.56 -0.44
N THR A 83 0.04 6.46 -1.58
CA THR A 83 -1.26 7.03 -1.86
C THR A 83 -2.19 5.90 -2.33
N VAL A 84 -3.39 5.83 -1.78
CA VAL A 84 -4.29 4.78 -2.16
C VAL A 84 -5.62 5.37 -2.73
N TYR A 85 -5.70 5.38 -4.04
CA TYR A 85 -6.80 6.01 -4.77
C TYR A 85 -7.46 5.08 -5.76
N LYS A 86 -8.67 4.73 -5.53
CA LYS A 86 -9.44 4.09 -6.51
C LYS A 86 -10.10 5.22 -7.22
N ARG A 87 -10.55 4.97 -8.37
CA ARG A 87 -11.21 5.95 -9.23
C ARG A 87 -12.43 6.56 -8.51
N ASP A 88 -12.97 5.81 -7.62
CA ASP A 88 -14.18 6.17 -6.92
C ASP A 88 -13.87 6.79 -5.59
N ARG A 89 -12.76 6.42 -5.01
CA ARG A 89 -12.44 6.89 -3.70
C ARG A 89 -11.02 6.57 -3.30
N ILE A 90 -10.41 7.56 -2.78
CA ILE A 90 -9.15 7.51 -2.08
C ILE A 90 -9.45 7.07 -0.67
N VAL A 91 -8.67 6.19 -0.16
CA VAL A 91 -8.89 5.74 1.22
C VAL A 91 -7.80 6.22 2.14
N LEU A 92 -6.82 6.91 1.54
CA LEU A 92 -5.75 7.62 2.25
C LEU A 92 -4.79 8.20 1.18
N ASN A 93 -4.41 9.46 1.28
CA ASN A 93 -3.50 10.02 0.24
C ASN A 93 -2.26 10.66 0.82
N ASN A 94 -1.93 10.30 2.01
CA ASN A 94 -0.77 10.84 2.68
C ASN A 94 -0.33 9.92 3.81
N CYS A 95 0.37 8.90 3.45
CA CYS A 95 0.96 7.98 4.37
C CYS A 95 2.39 8.04 4.13
N GLN A 96 3.12 8.09 5.17
CA GLN A 96 4.50 8.32 5.10
C GLN A 96 5.10 7.33 5.99
N LEU A 97 5.92 6.59 5.42
CA LEU A 97 6.40 5.40 6.04
C LEU A 97 7.59 5.68 6.99
N GLN A 98 7.61 4.95 8.12
CA GLN A 98 8.72 5.00 9.07
C GLN A 98 9.75 3.88 8.80
N ASN A 99 9.30 2.64 8.84
CA ASN A 99 10.14 1.46 8.62
C ASN A 99 9.19 0.39 8.24
N PRO A 100 9.34 -0.26 7.09
CA PRO A 100 8.42 -1.28 6.73
C PRO A 100 8.85 -2.68 7.19
N GLN A 101 10.10 -2.83 7.56
CA GLN A 101 10.59 -4.08 7.92
C GLN A 101 10.39 -4.32 9.39
N ARG A 102 9.21 -4.68 9.66
CA ARG A 102 8.74 -4.98 10.96
C ARG A 102 7.86 -6.22 10.89
N MET A 21 11.89 -13.62 7.85
CA MET A 21 10.74 -14.49 8.20
C MET A 21 9.44 -13.74 7.95
N GLN A 22 9.53 -12.44 8.00
CA GLN A 22 8.39 -11.59 7.91
C GLN A 22 8.25 -11.06 6.50
N THR A 23 7.08 -10.65 6.17
CA THR A 23 6.80 -9.94 4.96
C THR A 23 7.13 -8.50 5.25
N ASP A 24 7.58 -7.76 4.27
CA ASP A 24 7.90 -6.37 4.51
C ASP A 24 6.60 -5.68 4.84
N THR A 25 6.63 -4.73 5.71
CA THR A 25 5.42 -4.06 6.10
C THR A 25 5.73 -2.60 6.29
N LEU A 26 4.81 -1.74 5.91
CA LEU A 26 5.06 -0.33 5.99
C LEU A 26 5.06 0.19 7.44
N GLU A 27 4.83 1.47 7.62
CA GLU A 27 5.05 2.08 8.90
C GLU A 27 4.01 1.62 9.89
N TYR A 28 2.83 1.40 9.38
CA TYR A 28 1.63 1.05 10.10
C TYR A 28 1.27 2.00 11.30
N GLN A 29 1.88 3.18 11.36
CA GLN A 29 1.70 4.08 12.52
C GLN A 29 1.42 5.46 12.03
N CYS A 30 0.80 5.53 10.91
CA CYS A 30 0.53 6.81 10.30
C CYS A 30 -0.46 7.56 11.17
N ASP A 31 -0.29 8.86 11.22
CA ASP A 31 -1.14 9.74 12.02
C ASP A 31 -2.59 9.68 11.54
N GLU A 32 -2.77 9.27 10.32
CA GLU A 32 -4.04 9.27 9.73
C GLU A 32 -4.70 7.89 9.74
N LYS A 33 -3.93 6.84 9.48
CA LYS A 33 -4.51 5.51 9.28
C LYS A 33 -3.42 4.51 9.61
N PRO A 34 -3.73 3.27 9.87
CA PRO A 34 -2.71 2.27 10.00
C PRO A 34 -2.28 1.81 8.59
N LEU A 35 -1.03 1.99 8.27
CA LEU A 35 -0.55 1.64 6.96
C LEU A 35 0.15 0.33 7.06
N THR A 36 -0.62 -0.65 7.25
CA THR A 36 -0.08 -1.93 7.42
C THR A 36 -0.22 -2.69 6.10
N VAL A 37 0.90 -3.10 5.56
CA VAL A 37 0.93 -3.72 4.25
C VAL A 37 1.77 -4.97 4.29
N LYS A 38 1.35 -6.01 3.62
CA LYS A 38 2.17 -7.17 3.48
C LYS A 38 2.82 -7.03 2.16
N LEU A 39 3.95 -6.47 2.18
CA LEU A 39 4.68 -6.19 1.05
C LEU A 39 5.46 -7.40 0.66
N ASN A 40 4.91 -8.14 -0.23
CA ASN A 40 5.61 -9.29 -0.72
C ASN A 40 6.48 -8.81 -1.85
N ASN A 41 7.62 -8.29 -1.46
CA ASN A 41 8.57 -7.63 -2.36
C ASN A 41 8.90 -8.49 -3.60
N PRO A 42 9.38 -9.77 -3.46
CA PRO A 42 9.75 -10.58 -4.61
C PRO A 42 8.56 -10.96 -5.51
N ARG A 43 7.35 -10.91 -4.97
CA ARG A 43 6.20 -11.36 -5.76
C ARG A 43 5.26 -10.22 -6.20
N GLN A 44 5.55 -8.99 -5.79
CA GLN A 44 4.86 -7.75 -6.24
C GLN A 44 3.46 -7.53 -5.64
N GLU A 45 3.04 -8.35 -4.70
CA GLU A 45 1.75 -8.16 -4.05
C GLU A 45 1.87 -7.46 -2.74
N VAL A 46 0.83 -6.78 -2.40
CA VAL A 46 0.68 -6.15 -1.10
C VAL A 46 -0.68 -6.48 -0.55
N SER A 47 -0.72 -7.03 0.62
CA SER A 47 -1.96 -7.20 1.28
C SER A 47 -2.09 -5.98 2.16
N PHE A 48 -3.02 -5.18 1.84
CA PHE A 48 -3.16 -3.93 2.45
C PHE A 48 -4.57 -3.69 2.91
N VAL A 49 -4.68 -2.82 3.81
CA VAL A 49 -5.82 -2.52 4.50
C VAL A 49 -6.56 -1.37 3.82
N TYR A 50 -7.77 -1.65 3.49
CA TYR A 50 -8.70 -0.65 2.96
C TYR A 50 -9.00 0.35 4.05
N ASP A 51 -9.31 -0.19 5.20
CA ASP A 51 -9.67 0.59 6.36
C ASP A 51 -9.60 -0.29 7.58
N ASN A 52 -10.32 -1.40 7.53
CA ASN A 52 -10.31 -2.37 8.61
C ASN A 52 -10.53 -3.77 8.00
N GLN A 53 -10.11 -3.92 6.76
CA GLN A 53 -10.23 -5.16 6.02
C GLN A 53 -9.02 -5.21 5.16
N LEU A 54 -8.62 -6.37 4.79
CA LEU A 54 -7.41 -6.51 4.06
C LEU A 54 -7.69 -7.10 2.69
N LEU A 55 -7.10 -6.52 1.69
CA LEU A 55 -7.15 -7.05 0.34
C LEU A 55 -5.79 -6.97 -0.32
N HIS A 56 -5.66 -7.52 -1.48
CA HIS A 56 -4.36 -7.59 -2.12
C HIS A 56 -4.28 -6.81 -3.42
N LEU A 57 -3.30 -5.97 -3.49
CA LEU A 57 -3.03 -5.15 -4.66
C LEU A 57 -1.74 -5.59 -5.21
N LYS A 58 -1.51 -5.25 -6.42
CA LYS A 58 -0.30 -5.63 -7.02
C LYS A 58 0.31 -4.51 -7.76
N GLN A 59 1.59 -4.59 -7.88
CA GLN A 59 2.37 -3.65 -8.65
C GLN A 59 2.09 -3.93 -10.10
N GLY A 60 1.38 -3.05 -10.68
CA GLY A 60 0.97 -3.22 -12.05
C GLY A 60 1.30 -2.06 -12.91
N ILE A 61 0.28 -1.50 -13.55
CA ILE A 61 0.45 -0.38 -14.47
C ILE A 61 0.78 0.87 -13.69
N SER A 62 2.01 1.30 -13.79
CA SER A 62 2.46 2.43 -13.05
C SER A 62 2.63 3.63 -13.98
N ALA A 63 3.32 4.63 -13.47
CA ALA A 63 3.58 5.87 -14.12
C ALA A 63 4.72 6.55 -13.38
N SER A 64 4.67 6.46 -12.06
CA SER A 64 5.68 6.96 -11.16
C SER A 64 5.48 6.24 -9.82
N GLY A 65 6.50 6.20 -8.99
CA GLY A 65 6.38 5.64 -7.67
C GLY A 65 6.46 4.13 -7.65
N ALA A 66 5.36 3.54 -7.33
CA ALA A 66 5.17 2.15 -7.23
C ALA A 66 3.69 2.02 -7.18
N ARG A 67 3.14 1.22 -8.00
CA ARG A 67 1.74 1.23 -8.17
C ARG A 67 1.13 -0.10 -7.79
N TYR A 68 0.71 -0.24 -6.58
CA TYR A 68 0.02 -1.39 -6.16
C TYR A 68 -1.42 -1.03 -6.24
N THR A 69 -2.10 -1.58 -7.17
CA THR A 69 -3.46 -1.19 -7.40
C THR A 69 -4.21 -2.35 -7.96
N ASP A 70 -5.42 -2.56 -7.47
CA ASP A 70 -6.20 -3.66 -7.97
C ASP A 70 -7.69 -3.36 -7.82
N GLY A 71 -8.16 -2.39 -8.58
CA GLY A 71 -9.60 -2.10 -8.72
C GLY A 71 -10.23 -1.31 -7.59
N ILE A 72 -9.88 -1.63 -6.38
CA ILE A 72 -10.51 -1.06 -5.21
C ILE A 72 -10.04 0.37 -5.04
N TYR A 73 -8.77 0.54 -4.88
CA TYR A 73 -8.17 1.83 -4.71
C TYR A 73 -6.81 1.84 -5.31
N VAL A 74 -6.31 3.00 -5.50
CA VAL A 74 -5.00 3.20 -6.02
C VAL A 74 -4.04 3.40 -4.86
N PHE A 75 -3.26 2.39 -4.56
CA PHE A 75 -2.26 2.48 -3.52
C PHE A 75 -0.96 2.90 -4.17
N TRP A 76 -0.65 4.14 -4.05
CA TRP A 76 0.45 4.71 -4.67
C TRP A 76 1.51 4.94 -3.65
N SER A 77 2.58 4.36 -3.90
CA SER A 77 3.72 4.39 -3.05
C SER A 77 4.83 5.16 -3.74
N LYS A 78 5.10 6.36 -3.27
CA LYS A 78 6.10 7.20 -3.90
C LYS A 78 7.50 6.76 -3.46
N GLY A 79 7.58 6.29 -2.24
CA GLY A 79 8.82 5.85 -1.67
C GLY A 79 8.77 5.98 -0.18
N ASP A 80 8.86 7.20 0.29
CA ASP A 80 8.82 7.49 1.73
C ASP A 80 7.48 8.03 2.09
N GLU A 81 6.59 8.08 1.14
CA GLU A 81 5.27 8.54 1.34
C GLU A 81 4.33 7.65 0.55
N ALA A 82 3.11 7.59 0.99
CA ALA A 82 2.15 6.75 0.42
C ALA A 82 0.84 7.49 0.38
N THR A 83 0.14 7.33 -0.67
CA THR A 83 -1.14 7.95 -0.86
C THR A 83 -2.07 6.96 -1.57
N VAL A 84 -3.28 6.83 -1.08
CA VAL A 84 -4.22 5.89 -1.61
C VAL A 84 -5.48 6.61 -2.06
N TYR A 85 -5.77 6.54 -3.34
CA TYR A 85 -6.87 7.29 -3.92
C TYR A 85 -7.65 6.47 -4.95
N LYS A 86 -8.84 6.10 -4.59
CA LYS A 86 -9.80 5.66 -5.51
C LYS A 86 -10.42 6.97 -5.90
N ARG A 87 -10.96 7.04 -7.04
CA ARG A 87 -11.54 8.28 -7.56
C ARG A 87 -12.71 8.76 -6.70
N ASP A 88 -13.30 7.83 -5.96
CA ASP A 88 -14.38 8.15 -5.08
C ASP A 88 -13.92 8.26 -3.66
N ARG A 89 -12.80 7.65 -3.34
CA ARG A 89 -12.35 7.63 -1.99
C ARG A 89 -10.87 7.40 -1.80
N ILE A 90 -10.30 8.34 -1.18
CA ILE A 90 -8.97 8.31 -0.64
C ILE A 90 -9.10 7.70 0.71
N VAL A 91 -8.30 6.78 0.98
CA VAL A 91 -8.33 6.14 2.26
C VAL A 91 -7.11 6.53 3.07
N LEU A 92 -6.04 6.93 2.40
CA LEU A 92 -4.78 7.35 3.05
C LEU A 92 -4.12 8.43 2.22
N ASN A 93 -3.74 9.53 2.84
CA ASN A 93 -2.97 10.56 2.13
C ASN A 93 -1.96 11.23 3.05
N ASN A 94 -1.65 10.55 4.12
CA ASN A 94 -0.72 11.03 5.11
C ASN A 94 -0.01 9.86 5.72
N CYS A 95 0.95 9.38 4.98
CA CYS A 95 1.78 8.30 5.41
C CYS A 95 3.16 8.55 4.96
N GLN A 96 4.09 8.31 5.85
CA GLN A 96 5.45 8.56 5.65
C GLN A 96 6.18 7.41 6.21
N LEU A 97 6.76 6.71 5.34
CA LEU A 97 7.32 5.44 5.67
C LEU A 97 8.62 5.57 6.45
N GLN A 98 8.82 4.70 7.42
CA GLN A 98 10.05 4.68 8.16
C GLN A 98 11.05 3.80 7.43
N ASN A 99 10.71 2.54 7.31
CA ASN A 99 11.50 1.55 6.61
C ASN A 99 10.62 0.34 6.59
N PRO A 100 10.34 -0.25 5.44
CA PRO A 100 9.39 -1.34 5.37
C PRO A 100 9.92 -2.67 5.94
N GLN A 101 11.21 -2.83 6.01
CA GLN A 101 11.71 -4.00 6.56
C GLN A 101 11.97 -3.83 8.03
N ARG A 102 10.92 -4.08 8.75
CA ARG A 102 10.86 -4.04 10.21
C ARG A 102 11.95 -4.90 10.83
N MET A 21 9.80 -14.40 9.28
CA MET A 21 9.47 -13.08 8.78
C MET A 21 7.98 -12.95 8.62
N GLN A 22 7.48 -11.75 8.70
CA GLN A 22 6.06 -11.49 8.54
C GLN A 22 5.80 -11.22 7.07
N THR A 23 4.57 -10.94 6.74
CA THR A 23 4.29 -10.40 5.45
C THR A 23 4.58 -8.94 5.61
N ASP A 24 5.47 -8.45 4.78
CA ASP A 24 6.04 -7.11 4.91
C ASP A 24 4.95 -6.07 4.95
N THR A 25 5.13 -5.03 5.71
CA THR A 25 4.06 -4.09 5.88
C THR A 25 4.59 -2.73 6.06
N LEU A 26 3.81 -1.74 5.75
CA LEU A 26 4.26 -0.40 5.89
C LEU A 26 4.21 0.06 7.34
N GLU A 27 4.07 1.33 7.54
CA GLU A 27 4.26 1.95 8.81
C GLU A 27 3.14 1.61 9.76
N TYR A 28 2.00 1.24 9.16
CA TYR A 28 0.74 0.91 9.81
C TYR A 28 0.25 1.89 10.89
N GLN A 29 0.77 3.09 10.89
CA GLN A 29 0.45 4.04 11.92
C GLN A 29 0.46 5.44 11.36
N CYS A 30 -0.12 5.55 10.20
CA CYS A 30 -0.17 6.78 9.48
C CYS A 30 -1.12 7.75 10.19
N ASP A 31 -1.02 9.02 9.90
CA ASP A 31 -1.78 10.03 10.64
C ASP A 31 -3.25 10.02 10.28
N GLU A 32 -3.60 9.38 9.18
CA GLU A 32 -4.98 9.30 8.81
C GLU A 32 -5.53 7.88 8.91
N LYS A 33 -4.74 6.91 8.54
CA LYS A 33 -5.24 5.58 8.39
C LYS A 33 -4.21 4.62 8.92
N PRO A 34 -4.62 3.59 9.64
CA PRO A 34 -3.71 2.56 10.00
C PRO A 34 -3.53 1.65 8.76
N LEU A 35 -2.38 1.70 8.14
CA LEU A 35 -2.20 1.03 6.91
C LEU A 35 -1.32 -0.13 7.11
N THR A 36 -1.90 -1.23 7.38
CA THR A 36 -1.12 -2.38 7.47
C THR A 36 -1.22 -3.07 6.13
N VAL A 37 -0.11 -3.43 5.59
CA VAL A 37 -0.03 -3.96 4.27
C VAL A 37 0.41 -5.38 4.33
N LYS A 38 -0.12 -6.18 3.46
CA LYS A 38 0.36 -7.49 3.29
C LYS A 38 1.15 -7.50 2.02
N LEU A 39 2.37 -7.05 2.13
CA LEU A 39 3.25 -6.94 1.06
C LEU A 39 3.95 -8.23 0.90
N ASN A 40 3.35 -9.06 0.15
CA ASN A 40 3.92 -10.35 -0.09
C ASN A 40 4.72 -10.29 -1.37
N ASN A 41 6.02 -10.13 -1.20
CA ASN A 41 6.97 -9.92 -2.31
C ASN A 41 6.89 -10.98 -3.44
N PRO A 42 6.84 -12.33 -3.14
CA PRO A 42 6.71 -13.35 -4.19
C PRO A 42 5.45 -13.17 -5.05
N ARG A 43 4.49 -12.41 -4.55
CA ARG A 43 3.26 -12.15 -5.28
C ARG A 43 3.25 -10.74 -5.85
N GLN A 44 3.97 -9.82 -5.18
CA GLN A 44 3.98 -8.37 -5.52
C GLN A 44 2.61 -7.79 -5.32
N GLU A 45 1.88 -8.40 -4.42
CA GLU A 45 0.56 -8.03 -4.09
C GLU A 45 0.49 -7.55 -2.68
N VAL A 46 -0.24 -6.51 -2.51
CA VAL A 46 -0.46 -5.91 -1.24
C VAL A 46 -1.91 -6.04 -0.86
N SER A 47 -2.15 -6.61 0.26
CA SER A 47 -3.47 -6.66 0.77
C SER A 47 -3.51 -5.65 1.87
N PHE A 48 -4.29 -4.66 1.71
CA PHE A 48 -4.30 -3.61 2.67
C PHE A 48 -5.67 -3.48 3.26
N VAL A 49 -5.71 -2.84 4.36
CA VAL A 49 -6.89 -2.68 5.11
C VAL A 49 -7.50 -1.31 4.85
N TYR A 50 -8.67 -1.36 4.28
CA TYR A 50 -9.49 -0.18 4.01
C TYR A 50 -9.95 0.42 5.33
N ASP A 51 -10.30 -0.48 6.25
CA ASP A 51 -10.79 -0.16 7.58
C ASP A 51 -11.23 -1.45 8.24
N ASN A 52 -12.17 -2.11 7.61
CA ASN A 52 -12.74 -3.33 8.15
C ASN A 52 -12.76 -4.43 7.08
N GLN A 53 -12.01 -4.22 6.01
CA GLN A 53 -11.97 -5.15 4.92
C GLN A 53 -10.66 -4.98 4.26
N LEU A 54 -10.23 -6.00 3.64
CA LEU A 54 -8.96 -6.00 3.02
C LEU A 54 -9.14 -6.00 1.52
N LEU A 55 -8.40 -5.17 0.85
CA LEU A 55 -8.38 -5.18 -0.59
C LEU A 55 -7.02 -5.61 -1.03
N HIS A 56 -6.87 -5.85 -2.29
CA HIS A 56 -5.61 -6.31 -2.78
C HIS A 56 -5.23 -5.59 -4.04
N LEU A 57 -3.98 -5.24 -4.12
CA LEU A 57 -3.42 -4.56 -5.26
C LEU A 57 -2.19 -5.26 -5.65
N LYS A 58 -1.71 -4.98 -6.80
CA LYS A 58 -0.56 -5.62 -7.29
C LYS A 58 0.31 -4.68 -8.06
N GLN A 59 1.57 -4.92 -8.01
CA GLN A 59 2.51 -4.14 -8.74
C GLN A 59 2.64 -4.77 -10.09
N GLY A 60 2.13 -4.09 -11.03
CA GLY A 60 2.22 -4.51 -12.41
C GLY A 60 1.94 -3.36 -13.32
N ILE A 61 2.03 -2.18 -12.75
CA ILE A 61 1.77 -0.93 -13.40
C ILE A 61 2.62 0.05 -12.65
N SER A 62 3.28 0.91 -13.33
CA SER A 62 3.99 1.96 -12.68
C SER A 62 3.90 3.20 -13.53
N ALA A 63 4.24 4.32 -12.95
CA ALA A 63 4.26 5.57 -13.65
C ALA A 63 5.16 6.55 -12.92
N SER A 64 4.61 7.23 -11.96
CA SER A 64 5.35 8.18 -11.18
C SER A 64 5.66 7.56 -9.82
N GLY A 65 5.91 6.28 -9.84
CA GLY A 65 6.16 5.54 -8.65
C GLY A 65 6.02 4.08 -8.93
N ALA A 66 5.49 3.39 -7.99
CA ALA A 66 5.30 2.00 -8.06
C ALA A 66 3.87 1.87 -7.82
N ARG A 67 3.18 1.22 -8.68
CA ARG A 67 1.81 1.27 -8.54
C ARG A 67 1.25 -0.10 -8.29
N TYR A 68 0.85 -0.30 -7.09
CA TYR A 68 0.17 -1.48 -6.72
C TYR A 68 -1.26 -1.16 -6.98
N THR A 69 -1.77 -1.64 -8.03
CA THR A 69 -3.05 -1.25 -8.45
C THR A 69 -3.71 -2.41 -9.15
N ASP A 70 -4.90 -2.68 -8.77
CA ASP A 70 -5.69 -3.68 -9.44
C ASP A 70 -6.78 -3.00 -10.25
N GLY A 71 -7.15 -1.83 -9.80
CA GLY A 71 -8.20 -1.09 -10.44
C GLY A 71 -9.25 -0.67 -9.44
N ILE A 72 -9.25 -1.34 -8.31
CA ILE A 72 -10.17 -0.99 -7.22
C ILE A 72 -9.67 0.32 -6.63
N TYR A 73 -8.42 0.31 -6.27
CA TYR A 73 -7.72 1.47 -5.81
C TYR A 73 -6.39 1.46 -6.43
N VAL A 74 -5.74 2.55 -6.32
CA VAL A 74 -4.44 2.73 -6.79
C VAL A 74 -3.56 2.95 -5.59
N PHE A 75 -2.77 1.98 -5.29
CA PHE A 75 -1.86 2.07 -4.17
C PHE A 75 -0.52 2.47 -4.76
N TRP A 76 -0.28 3.73 -4.70
CA TRP A 76 0.81 4.33 -5.30
C TRP A 76 1.87 4.60 -4.27
N SER A 77 2.96 4.04 -4.52
CA SER A 77 4.10 4.15 -3.71
C SER A 77 5.09 5.05 -4.41
N LYS A 78 5.37 6.19 -3.84
CA LYS A 78 6.32 7.10 -4.39
C LYS A 78 7.41 7.42 -3.39
N GLY A 79 8.18 6.42 -3.07
CA GLY A 79 9.26 6.57 -2.14
C GLY A 79 8.86 6.11 -0.77
N ASP A 80 8.86 7.01 0.16
CA ASP A 80 8.53 6.71 1.55
C ASP A 80 7.13 7.18 1.84
N GLU A 81 6.42 7.48 0.81
CA GLU A 81 5.10 7.99 0.94
C GLU A 81 4.17 7.18 0.07
N ALA A 82 3.03 6.87 0.60
CA ALA A 82 2.10 6.01 -0.04
C ALA A 82 0.79 6.73 -0.14
N THR A 83 0.21 6.61 -1.27
CA THR A 83 -1.05 7.21 -1.57
C THR A 83 -2.00 6.14 -2.14
N VAL A 84 -3.25 6.17 -1.73
CA VAL A 84 -4.26 5.26 -2.23
C VAL A 84 -5.37 6.11 -2.81
N TYR A 85 -5.35 6.26 -4.10
CA TYR A 85 -6.19 7.22 -4.78
C TYR A 85 -6.78 6.59 -6.03
N LYS A 86 -8.01 6.23 -5.96
CA LYS A 86 -8.74 5.89 -7.10
C LYS A 86 -9.52 7.12 -7.44
N ARG A 87 -9.71 7.30 -8.68
CA ARG A 87 -10.53 8.38 -9.27
C ARG A 87 -11.90 8.51 -8.56
N ASP A 88 -12.38 7.42 -8.05
CA ASP A 88 -13.68 7.35 -7.44
C ASP A 88 -13.56 7.35 -5.95
N ARG A 89 -12.36 7.09 -5.45
CA ARG A 89 -12.17 6.97 -4.02
C ARG A 89 -10.69 6.96 -3.60
N ILE A 90 -10.32 8.00 -2.95
CA ILE A 90 -9.10 8.14 -2.27
C ILE A 90 -9.39 7.73 -0.88
N VAL A 91 -8.55 6.99 -0.36
CA VAL A 91 -8.72 6.49 0.96
C VAL A 91 -7.47 6.68 1.80
N LEU A 92 -6.36 6.97 1.13
CA LEU A 92 -5.12 7.30 1.81
C LEU A 92 -4.36 8.32 1.02
N ASN A 93 -3.99 9.37 1.65
CA ASN A 93 -3.12 10.36 1.03
C ASN A 93 -2.16 10.84 2.08
N ASN A 94 -1.98 9.99 3.06
CA ASN A 94 -1.17 10.27 4.19
C ASN A 94 -0.63 9.00 4.77
N CYS A 95 0.47 8.60 4.24
CA CYS A 95 1.26 7.52 4.75
C CYS A 95 2.68 7.79 4.40
N GLN A 96 3.50 7.86 5.42
CA GLN A 96 4.88 8.12 5.28
C GLN A 96 5.57 7.11 6.09
N LEU A 97 6.10 6.20 5.37
CA LEU A 97 6.63 4.99 5.89
C LEU A 97 7.99 5.23 6.54
N GLN A 98 8.26 4.58 7.68
CA GLN A 98 9.56 4.73 8.31
C GLN A 98 10.46 3.53 8.01
N ASN A 99 9.92 2.32 8.11
CA ASN A 99 10.67 1.09 7.83
C ASN A 99 9.66 -0.03 7.83
N PRO A 100 9.50 -0.73 6.73
CA PRO A 100 8.44 -1.71 6.59
C PRO A 100 8.79 -3.14 7.12
N GLN A 101 9.96 -3.29 7.67
CA GLN A 101 10.46 -4.58 8.03
C GLN A 101 9.88 -5.13 9.35
N ARG A 102 9.35 -4.29 10.16
CA ARG A 102 8.84 -4.74 11.45
C ARG A 102 7.41 -4.28 11.68
N MET A 21 12.20 -12.36 7.26
CA MET A 21 11.49 -13.27 8.18
C MET A 21 9.99 -13.16 7.98
N GLN A 22 9.46 -12.00 8.25
CA GLN A 22 8.05 -11.79 8.16
C GLN A 22 7.72 -11.15 6.84
N THR A 23 6.47 -11.00 6.58
CA THR A 23 6.02 -10.28 5.46
C THR A 23 6.21 -8.81 5.78
N ASP A 24 6.67 -8.07 4.82
CA ASP A 24 6.97 -6.66 5.00
C ASP A 24 5.67 -5.90 5.22
N THR A 25 5.69 -4.85 5.99
CA THR A 25 4.49 -4.09 6.25
C THR A 25 4.79 -2.63 6.38
N LEU A 26 3.80 -1.81 6.14
CA LEU A 26 3.92 -0.44 6.35
C LEU A 26 3.92 -0.07 7.83
N GLU A 27 4.00 1.22 8.10
CA GLU A 27 4.26 1.69 9.43
C GLU A 27 3.01 1.58 10.31
N TYR A 28 1.88 1.37 9.63
CA TYR A 28 0.54 1.42 10.18
C TYR A 28 0.20 2.69 10.97
N GLN A 29 0.92 3.76 10.71
CA GLN A 29 0.68 5.01 11.39
C GLN A 29 0.43 6.03 10.37
N CYS A 30 -0.77 6.12 10.00
CA CYS A 30 -1.15 7.01 8.96
C CYS A 30 -2.36 7.81 9.37
N ASP A 31 -2.40 9.07 8.95
CA ASP A 31 -3.43 10.06 9.35
C ASP A 31 -4.83 9.58 9.13
N GLU A 32 -4.99 8.82 8.10
CA GLU A 32 -6.28 8.33 7.77
C GLU A 32 -6.56 7.03 8.45
N LYS A 33 -5.64 6.12 8.32
CA LYS A 33 -5.90 4.74 8.66
C LYS A 33 -4.64 4.15 9.18
N PRO A 34 -4.72 3.18 10.06
CA PRO A 34 -3.56 2.42 10.41
C PRO A 34 -3.37 1.37 9.30
N LEU A 35 -2.33 1.50 8.53
CA LEU A 35 -2.18 0.71 7.36
C LEU A 35 -1.17 -0.34 7.56
N THR A 36 -1.64 -1.50 7.81
CA THR A 36 -0.75 -2.57 7.94
C THR A 36 -0.84 -3.36 6.61
N VAL A 37 0.29 -3.76 6.05
CA VAL A 37 0.31 -4.36 4.72
C VAL A 37 1.05 -5.66 4.74
N LYS A 38 0.66 -6.59 3.92
CA LYS A 38 1.39 -7.78 3.76
C LYS A 38 2.11 -7.71 2.46
N LEU A 39 3.24 -7.02 2.51
CA LEU A 39 4.11 -6.86 1.40
C LEU A 39 4.87 -8.10 1.20
N ASN A 40 4.34 -8.93 0.38
CA ASN A 40 5.03 -10.12 0.01
C ASN A 40 5.99 -9.74 -1.07
N ASN A 41 7.14 -9.25 -0.64
CA ASN A 41 8.18 -8.68 -1.48
C ASN A 41 8.51 -9.58 -2.70
N PRO A 42 8.88 -10.89 -2.51
CA PRO A 42 9.22 -11.78 -3.64
C PRO A 42 8.05 -12.02 -4.61
N ARG A 43 6.85 -11.74 -4.16
CA ARG A 43 5.67 -12.00 -4.97
C ARG A 43 5.04 -10.70 -5.51
N GLN A 44 5.44 -9.55 -4.92
CA GLN A 44 4.90 -8.22 -5.25
C GLN A 44 3.39 -8.16 -4.96
N GLU A 45 2.97 -8.93 -3.97
CA GLU A 45 1.57 -9.04 -3.59
C GLU A 45 1.40 -8.34 -2.26
N VAL A 46 0.37 -7.61 -2.12
CA VAL A 46 0.04 -6.96 -0.87
C VAL A 46 -1.35 -7.28 -0.46
N SER A 47 -1.51 -7.54 0.76
CA SER A 47 -2.79 -7.70 1.31
C SER A 47 -2.83 -6.76 2.45
N PHE A 48 -3.72 -5.83 2.39
CA PHE A 48 -3.74 -4.84 3.40
C PHE A 48 -5.11 -4.52 3.86
N VAL A 49 -5.15 -3.74 4.85
CA VAL A 49 -6.32 -3.44 5.53
C VAL A 49 -6.85 -2.07 5.11
N TYR A 50 -8.04 -2.11 4.63
CA TYR A 50 -8.82 -0.91 4.26
C TYR A 50 -9.10 -0.14 5.54
N ASP A 51 -9.49 -0.90 6.52
CA ASP A 51 -9.91 -0.39 7.80
C ASP A 51 -9.97 -1.54 8.77
N ASN A 52 -10.88 -2.44 8.52
CA ASN A 52 -11.04 -3.66 9.32
C ASN A 52 -11.32 -4.84 8.39
N GLN A 53 -10.97 -4.70 7.13
CA GLN A 53 -11.19 -5.71 6.15
C GLN A 53 -9.97 -5.71 5.30
N LEU A 54 -9.67 -6.81 4.76
CA LEU A 54 -8.43 -6.98 4.08
C LEU A 54 -8.66 -7.18 2.60
N LEU A 55 -7.95 -6.44 1.81
CA LEU A 55 -8.01 -6.58 0.37
C LEU A 55 -6.65 -6.97 -0.13
N HIS A 56 -6.56 -7.27 -1.38
CA HIS A 56 -5.29 -7.71 -1.95
C HIS A 56 -5.03 -7.00 -3.26
N LEU A 57 -3.82 -6.53 -3.41
CA LEU A 57 -3.38 -5.79 -4.57
C LEU A 57 -2.02 -6.29 -4.93
N LYS A 58 -1.55 -5.95 -6.08
CA LYS A 58 -0.24 -6.35 -6.48
C LYS A 58 0.38 -5.28 -7.29
N GLN A 59 1.69 -5.30 -7.36
CA GLN A 59 2.40 -4.33 -8.14
C GLN A 59 2.38 -4.75 -9.57
N GLY A 60 1.48 -4.16 -10.26
CA GLY A 60 1.29 -4.46 -11.64
C GLY A 60 1.90 -3.39 -12.49
N ILE A 61 1.10 -2.79 -13.33
CA ILE A 61 1.58 -1.76 -14.19
C ILE A 61 1.79 -0.51 -13.38
N SER A 62 3.01 -0.10 -13.27
CA SER A 62 3.37 1.05 -12.52
C SER A 62 4.15 1.99 -13.41
N ALA A 63 3.63 3.18 -13.62
CA ALA A 63 4.32 4.14 -14.42
C ALA A 63 5.43 4.78 -13.61
N SER A 64 5.09 5.13 -12.41
CA SER A 64 5.98 5.73 -11.48
C SER A 64 5.69 5.09 -10.14
N GLY A 65 6.67 5.06 -9.26
CA GLY A 65 6.49 4.48 -7.94
C GLY A 65 6.36 2.98 -8.00
N ALA A 66 5.26 2.49 -7.49
CA ALA A 66 4.95 1.11 -7.46
C ALA A 66 3.50 1.05 -7.21
N ARG A 67 2.76 0.61 -8.16
CA ARG A 67 1.37 0.59 -8.03
C ARG A 67 0.86 -0.79 -7.73
N TYR A 68 0.44 -0.96 -6.51
CA TYR A 68 -0.19 -2.14 -6.08
C TYR A 68 -1.62 -1.84 -6.29
N THR A 69 -2.20 -2.46 -7.23
CA THR A 69 -3.52 -2.07 -7.64
C THR A 69 -4.26 -3.27 -8.15
N ASP A 70 -5.51 -3.40 -7.78
CA ASP A 70 -6.30 -4.50 -8.25
C ASP A 70 -7.63 -4.04 -8.86
N GLY A 71 -8.24 -3.02 -8.29
CA GLY A 71 -9.50 -2.53 -8.85
C GLY A 71 -10.32 -1.75 -7.83
N ILE A 72 -10.08 -2.00 -6.58
CA ILE A 72 -10.81 -1.35 -5.50
C ILE A 72 -10.27 0.07 -5.30
N TYR A 73 -8.97 0.19 -5.39
CA TYR A 73 -8.21 1.43 -5.26
C TYR A 73 -6.82 1.25 -5.79
N VAL A 74 -6.19 2.34 -6.08
CA VAL A 74 -4.86 2.40 -6.63
C VAL A 74 -3.88 2.71 -5.51
N PHE A 75 -3.14 1.73 -5.06
CA PHE A 75 -2.19 1.94 -3.99
C PHE A 75 -0.84 2.26 -4.60
N TRP A 76 -0.41 3.47 -4.43
CA TRP A 76 0.79 3.93 -4.97
C TRP A 76 1.77 4.07 -3.87
N SER A 77 2.82 3.39 -4.04
CA SER A 77 3.90 3.35 -3.10
C SER A 77 5.05 4.14 -3.67
N LYS A 78 5.40 5.21 -3.03
CA LYS A 78 6.49 5.99 -3.47
C LYS A 78 7.54 6.04 -2.37
N GLY A 79 8.19 4.91 -2.17
CA GLY A 79 9.26 4.79 -1.21
C GLY A 79 8.81 4.91 0.23
N ASP A 80 8.66 6.12 0.68
CA ASP A 80 8.35 6.42 2.05
C ASP A 80 6.94 6.89 2.20
N GLU A 81 6.29 7.18 1.11
CA GLU A 81 4.95 7.68 1.18
C GLU A 81 4.04 6.75 0.43
N ALA A 82 2.84 6.65 0.87
CA ALA A 82 1.90 5.84 0.24
C ALA A 82 0.60 6.60 0.10
N THR A 83 0.10 6.61 -1.06
CA THR A 83 -1.14 7.26 -1.39
C THR A 83 -2.00 6.28 -2.18
N VAL A 84 -3.25 6.18 -1.81
CA VAL A 84 -4.13 5.24 -2.47
C VAL A 84 -5.43 5.92 -2.88
N TYR A 85 -5.44 6.30 -4.13
CA TYR A 85 -6.45 7.15 -4.72
C TYR A 85 -7.18 6.45 -5.84
N LYS A 86 -8.36 6.04 -5.58
CA LYS A 86 -9.27 5.68 -6.54
C LYS A 86 -10.26 6.82 -6.54
N ARG A 87 -10.86 7.09 -7.63
CA ARG A 87 -11.92 8.14 -7.70
C ARG A 87 -13.14 7.67 -6.97
N ASP A 88 -13.22 6.39 -6.84
CA ASP A 88 -14.24 5.72 -6.05
C ASP A 88 -14.16 6.21 -4.62
N ARG A 89 -12.91 6.39 -4.18
CA ARG A 89 -12.55 7.04 -2.94
C ARG A 89 -11.11 6.73 -2.59
N ILE A 90 -10.41 7.76 -2.22
CA ILE A 90 -9.10 7.65 -1.63
C ILE A 90 -9.31 7.09 -0.27
N VAL A 91 -8.50 6.20 0.13
CA VAL A 91 -8.68 5.64 1.45
C VAL A 91 -7.54 6.05 2.37
N LEU A 92 -6.50 6.57 1.76
CA LEU A 92 -5.29 6.98 2.47
C LEU A 92 -4.50 7.95 1.58
N ASN A 93 -4.35 9.19 1.99
CA ASN A 93 -3.59 10.13 1.14
C ASN A 93 -2.35 10.62 1.81
N ASN A 94 -2.09 10.08 2.95
CA ASN A 94 -0.97 10.47 3.74
C ASN A 94 -0.67 9.36 4.68
N CYS A 95 0.12 8.50 4.20
CA CYS A 95 0.58 7.36 4.90
C CYS A 95 2.06 7.39 4.67
N GLN A 96 2.82 7.07 5.67
CA GLN A 96 4.22 7.30 5.62
C GLN A 96 4.88 6.16 6.22
N LEU A 97 5.59 5.53 5.43
CA LEU A 97 6.20 4.33 5.77
C LEU A 97 7.58 4.58 6.39
N GLN A 98 7.90 3.90 7.48
CA GLN A 98 9.26 4.04 7.98
C GLN A 98 10.22 3.10 7.24
N ASN A 99 9.95 1.81 7.29
CA ASN A 99 10.76 0.81 6.65
C ASN A 99 9.96 -0.45 6.70
N PRO A 100 9.50 -0.93 5.57
CA PRO A 100 8.60 -2.08 5.52
C PRO A 100 9.19 -3.40 6.00
N GLN A 101 10.49 -3.58 5.88
CA GLN A 101 11.10 -4.78 6.29
C GLN A 101 11.15 -4.86 7.79
N ARG A 102 10.16 -5.51 8.31
CA ARG A 102 10.07 -5.87 9.73
C ARG A 102 11.36 -6.56 10.16
N MET A 21 7.98 -12.43 10.10
CA MET A 21 7.24 -13.13 9.06
C MET A 21 7.99 -13.06 7.75
N GLN A 22 7.33 -13.42 6.67
CA GLN A 22 7.91 -13.38 5.34
C GLN A 22 7.28 -12.25 4.54
N THR A 23 6.92 -11.22 5.24
CA THR A 23 6.34 -10.07 4.63
C THR A 23 6.79 -8.81 5.29
N ASP A 24 6.95 -7.78 4.53
CA ASP A 24 7.29 -6.49 5.07
C ASP A 24 6.01 -5.73 5.30
N THR A 25 6.07 -4.61 5.98
CA THR A 25 4.87 -3.86 6.24
C THR A 25 5.17 -2.39 6.37
N LEU A 26 4.19 -1.55 6.14
CA LEU A 26 4.35 -0.17 6.31
C LEU A 26 4.38 0.21 7.79
N GLU A 27 4.22 1.51 8.08
CA GLU A 27 4.44 2.00 9.40
C GLU A 27 3.30 1.52 10.31
N TYR A 28 2.22 1.05 9.65
CA TYR A 28 0.97 0.64 10.23
C TYR A 28 0.32 1.69 11.10
N GLN A 29 0.71 2.90 10.86
CA GLN A 29 0.29 4.04 11.56
C GLN A 29 0.39 5.12 10.59
N CYS A 30 -0.67 5.64 10.24
CA CYS A 30 -0.72 6.70 9.31
C CYS A 30 -1.54 7.80 9.92
N ASP A 31 -1.46 8.97 9.34
CA ASP A 31 -2.19 10.12 9.87
C ASP A 31 -3.68 9.96 9.70
N GLU A 32 -4.05 9.24 8.67
CA GLU A 32 -5.43 9.11 8.32
C GLU A 32 -6.08 7.85 8.92
N LYS A 33 -5.35 6.75 8.92
CA LYS A 33 -5.86 5.45 9.37
C LYS A 33 -4.65 4.62 9.71
N PRO A 34 -4.77 3.50 10.39
CA PRO A 34 -3.65 2.59 10.54
C PRO A 34 -3.49 1.78 9.23
N LEU A 35 -2.26 1.43 8.83
CA LEU A 35 -2.06 0.78 7.56
C LEU A 35 -1.02 -0.30 7.64
N THR A 36 -1.45 -1.47 7.88
CA THR A 36 -0.56 -2.56 7.87
C THR A 36 -0.59 -3.15 6.46
N VAL A 37 0.57 -3.48 5.93
CA VAL A 37 0.68 -3.94 4.56
C VAL A 37 1.45 -5.22 4.55
N LYS A 38 1.15 -6.07 3.62
CA LYS A 38 1.89 -7.24 3.42
C LYS A 38 2.72 -7.02 2.20
N LEU A 39 3.85 -6.41 2.39
CA LEU A 39 4.78 -6.21 1.34
C LEU A 39 5.47 -7.47 1.09
N ASN A 40 5.09 -8.07 0.04
CA ASN A 40 5.63 -9.34 -0.31
C ASN A 40 7.07 -9.12 -0.82
N ASN A 41 7.94 -10.08 -0.58
CA ASN A 41 9.39 -9.98 -0.90
C ASN A 41 9.70 -9.49 -2.33
N PRO A 42 9.09 -10.09 -3.41
CA PRO A 42 9.33 -9.62 -4.79
C PRO A 42 8.76 -8.22 -5.02
N ARG A 43 7.91 -7.78 -4.08
CA ARG A 43 7.22 -6.50 -4.14
C ARG A 43 6.41 -6.33 -5.37
N GLN A 44 5.75 -7.37 -5.70
CA GLN A 44 4.86 -7.38 -6.79
C GLN A 44 3.44 -7.48 -6.26
N GLU A 45 3.32 -7.49 -4.94
CA GLU A 45 2.05 -7.67 -4.28
C GLU A 45 2.08 -7.01 -2.90
N VAL A 46 0.97 -6.43 -2.55
CA VAL A 46 0.70 -5.87 -1.23
C VAL A 46 -0.66 -6.32 -0.80
N SER A 47 -0.83 -6.45 0.45
CA SER A 47 -2.10 -6.72 1.00
C SER A 47 -2.25 -5.78 2.16
N PHE A 48 -3.23 -4.94 2.12
CA PHE A 48 -3.36 -3.97 3.15
C PHE A 48 -4.73 -3.95 3.71
N VAL A 49 -4.85 -3.36 4.84
CA VAL A 49 -6.06 -3.29 5.56
C VAL A 49 -6.78 -1.96 5.24
N TYR A 50 -7.85 -2.12 4.53
CA TYR A 50 -8.73 -1.03 4.10
C TYR A 50 -9.37 -0.36 5.27
N ASP A 51 -9.82 -1.17 6.18
CA ASP A 51 -10.47 -0.70 7.36
C ASP A 51 -10.43 -1.78 8.39
N ASN A 52 -11.10 -2.88 8.09
CA ASN A 52 -11.06 -4.05 8.95
C ASN A 52 -11.17 -5.29 8.06
N GLN A 53 -10.53 -5.24 6.90
CA GLN A 53 -10.51 -6.31 5.96
C GLN A 53 -9.27 -6.10 5.15
N LEU A 54 -8.76 -7.14 4.62
CA LEU A 54 -7.52 -7.07 3.90
C LEU A 54 -7.75 -7.25 2.40
N LEU A 55 -7.22 -6.36 1.64
CA LEU A 55 -7.27 -6.45 0.20
C LEU A 55 -5.90 -6.72 -0.31
N HIS A 56 -5.79 -7.03 -1.56
CA HIS A 56 -4.47 -7.33 -2.12
C HIS A 56 -4.33 -6.78 -3.52
N LEU A 57 -3.31 -6.01 -3.69
CA LEU A 57 -3.05 -5.30 -4.92
C LEU A 57 -1.71 -5.68 -5.43
N LYS A 58 -1.55 -5.63 -6.71
CA LYS A 58 -0.33 -6.04 -7.27
C LYS A 58 0.30 -4.95 -8.08
N GLN A 59 1.58 -5.03 -8.20
CA GLN A 59 2.35 -4.03 -8.88
C GLN A 59 2.31 -4.29 -10.37
N GLY A 60 1.75 -3.36 -11.04
CA GLY A 60 1.66 -3.41 -12.48
C GLY A 60 2.59 -2.39 -13.10
N ILE A 61 2.04 -1.56 -13.95
CA ILE A 61 2.84 -0.53 -14.58
C ILE A 61 2.93 0.65 -13.63
N SER A 62 4.04 0.77 -12.99
CA SER A 62 4.25 1.84 -12.08
C SER A 62 4.70 3.08 -12.83
N ALA A 63 3.72 3.87 -13.23
CA ALA A 63 3.93 5.10 -13.96
C ALA A 63 4.97 5.99 -13.29
N SER A 64 4.68 6.42 -12.08
CA SER A 64 5.60 7.26 -11.36
C SER A 64 6.23 6.50 -10.18
N GLY A 65 5.40 6.00 -9.28
CA GLY A 65 5.91 5.34 -8.08
C GLY A 65 5.99 3.85 -8.21
N ALA A 66 5.11 3.19 -7.52
CA ALA A 66 5.01 1.78 -7.49
C ALA A 66 3.56 1.55 -7.44
N ARG A 67 3.03 0.96 -8.45
CA ARG A 67 1.63 0.88 -8.58
C ARG A 67 1.10 -0.48 -8.21
N TYR A 68 0.71 -0.63 -6.99
CA TYR A 68 0.08 -1.82 -6.56
C TYR A 68 -1.37 -1.52 -6.68
N THR A 69 -1.99 -2.10 -7.61
CA THR A 69 -3.34 -1.77 -7.90
C THR A 69 -4.03 -3.02 -8.36
N ASP A 70 -5.23 -3.24 -7.91
CA ASP A 70 -5.89 -4.44 -8.30
C ASP A 70 -7.14 -4.15 -9.12
N GLY A 71 -7.57 -2.90 -9.07
CA GLY A 71 -8.73 -2.53 -9.81
C GLY A 71 -9.79 -1.93 -8.92
N ILE A 72 -9.79 -2.32 -7.65
CA ILE A 72 -10.76 -1.82 -6.68
C ILE A 72 -10.19 -0.56 -6.04
N TYR A 73 -8.93 -0.59 -5.74
CA TYR A 73 -8.21 0.57 -5.25
C TYR A 73 -6.90 0.64 -5.97
N VAL A 74 -6.18 1.65 -5.70
CA VAL A 74 -4.90 1.92 -6.27
C VAL A 74 -3.98 2.25 -5.12
N PHE A 75 -3.01 1.43 -4.89
CA PHE A 75 -2.05 1.69 -3.85
C PHE A 75 -0.82 2.21 -4.52
N TRP A 76 -0.72 3.49 -4.55
CA TRP A 76 0.35 4.14 -5.18
C TRP A 76 1.32 4.55 -4.13
N SER A 77 2.42 3.95 -4.23
CA SER A 77 3.49 4.17 -3.35
C SER A 77 4.45 5.10 -4.05
N LYS A 78 4.56 6.29 -3.53
CA LYS A 78 5.40 7.31 -4.09
C LYS A 78 6.74 7.35 -3.35
N GLY A 79 7.09 6.23 -2.78
CA GLY A 79 8.33 6.11 -2.06
C GLY A 79 8.10 6.02 -0.59
N ASP A 80 8.17 7.14 0.09
CA ASP A 80 8.01 7.19 1.54
C ASP A 80 6.58 7.40 1.90
N GLU A 81 5.76 7.63 0.91
CA GLU A 81 4.39 7.86 1.19
C GLU A 81 3.55 6.99 0.31
N ALA A 82 2.40 6.66 0.79
CA ALA A 82 1.51 5.81 0.09
C ALA A 82 0.18 6.49 0.03
N THR A 83 -0.40 6.43 -1.11
CA THR A 83 -1.69 6.98 -1.34
C THR A 83 -2.58 5.93 -2.02
N VAL A 84 -3.67 5.60 -1.37
CA VAL A 84 -4.63 4.64 -1.89
C VAL A 84 -5.78 5.40 -2.50
N TYR A 85 -5.84 5.42 -3.80
CA TYR A 85 -6.78 6.27 -4.51
C TYR A 85 -7.60 5.50 -5.54
N LYS A 86 -8.81 5.25 -5.22
CA LYS A 86 -9.75 4.85 -6.16
C LYS A 86 -10.48 6.12 -6.48
N ARG A 87 -10.85 6.27 -7.69
CA ARG A 87 -11.60 7.41 -8.19
C ARG A 87 -12.95 7.62 -7.44
N ASP A 88 -13.34 6.65 -6.64
CA ASP A 88 -14.54 6.77 -5.85
C ASP A 88 -14.18 7.23 -4.50
N ARG A 89 -13.03 6.80 -4.04
CA ARG A 89 -12.64 7.03 -2.70
C ARG A 89 -11.18 6.67 -2.46
N ILE A 90 -10.46 7.64 -2.03
CA ILE A 90 -9.18 7.49 -1.42
C ILE A 90 -9.46 7.00 -0.05
N VAL A 91 -8.76 6.03 0.35
CA VAL A 91 -8.97 5.52 1.65
C VAL A 91 -7.88 5.95 2.58
N LEU A 92 -6.71 6.18 2.02
CA LEU A 92 -5.56 6.60 2.81
C LEU A 92 -4.66 7.44 1.93
N ASN A 93 -4.52 8.71 2.22
CA ASN A 93 -3.62 9.56 1.43
C ASN A 93 -2.51 10.14 2.24
N ASN A 94 -2.39 9.69 3.44
CA ASN A 94 -1.40 10.21 4.32
C ASN A 94 -0.79 9.10 5.11
N CYS A 95 0.06 8.41 4.44
CA CYS A 95 0.85 7.36 5.01
C CYS A 95 2.25 7.67 4.70
N GLN A 96 3.05 7.75 5.71
CA GLN A 96 4.39 8.15 5.58
C GLN A 96 5.20 7.16 6.29
N LEU A 97 5.77 6.36 5.52
CA LEU A 97 6.39 5.17 5.93
C LEU A 97 7.79 5.40 6.44
N GLN A 98 8.14 4.79 7.56
CA GLN A 98 9.50 4.94 8.05
C GLN A 98 10.45 3.95 7.38
N ASN A 99 10.10 2.68 7.41
CA ASN A 99 10.91 1.64 6.84
C ASN A 99 10.07 0.41 6.86
N PRO A 100 9.74 -0.16 5.70
CA PRO A 100 8.90 -1.32 5.64
C PRO A 100 9.49 -2.58 6.29
N GLN A 101 10.81 -2.62 6.41
CA GLN A 101 11.40 -3.75 7.02
C GLN A 101 11.53 -3.53 8.52
N ARG A 102 10.45 -3.85 9.15
CA ARG A 102 10.21 -3.80 10.59
C ARG A 102 11.42 -4.23 11.41
N MET A 21 7.07 -9.39 11.46
CA MET A 21 6.16 -9.93 10.45
C MET A 21 6.95 -10.89 9.57
N GLN A 22 6.27 -11.74 8.83
CA GLN A 22 6.93 -12.69 7.92
C GLN A 22 6.75 -12.23 6.47
N THR A 23 6.47 -10.97 6.34
CA THR A 23 6.24 -10.31 5.08
C THR A 23 6.58 -8.90 5.36
N ASP A 24 7.09 -8.20 4.38
CA ASP A 24 7.42 -6.82 4.57
C ASP A 24 6.12 -6.09 4.85
N THR A 25 6.16 -5.13 5.69
CA THR A 25 4.96 -4.43 6.04
C THR A 25 5.29 -2.95 6.10
N LEU A 26 4.34 -2.10 5.79
CA LEU A 26 4.62 -0.69 5.79
C LEU A 26 4.61 -0.13 7.21
N GLU A 27 4.48 1.19 7.34
CA GLU A 27 4.63 1.84 8.60
C GLU A 27 3.40 1.57 9.46
N TYR A 28 2.35 1.11 8.78
CA TYR A 28 1.04 0.84 9.33
C TYR A 28 0.44 1.96 10.16
N GLN A 29 0.90 3.17 9.94
CA GLN A 29 0.48 4.30 10.71
C GLN A 29 0.32 5.44 9.81
N CYS A 30 -0.88 5.64 9.47
CA CYS A 30 -1.27 6.68 8.63
C CYS A 30 -2.44 7.32 9.35
N ASP A 31 -2.60 8.61 9.20
CA ASP A 31 -3.55 9.39 10.00
C ASP A 31 -4.98 8.89 9.92
N GLU A 32 -5.48 8.74 8.73
CA GLU A 32 -6.89 8.40 8.56
C GLU A 32 -7.11 6.90 8.52
N LYS A 33 -6.03 6.16 8.37
CA LYS A 33 -6.13 4.73 8.31
C LYS A 33 -4.83 4.09 8.59
N PRO A 34 -4.78 3.02 9.37
CA PRO A 34 -3.55 2.28 9.53
C PRO A 34 -3.28 1.55 8.21
N LEU A 35 -2.04 1.40 7.84
CA LEU A 35 -1.76 0.80 6.56
C LEU A 35 -0.83 -0.35 6.73
N THR A 36 -1.38 -1.41 7.19
CA THR A 36 -0.64 -2.59 7.37
C THR A 36 -0.71 -3.37 6.07
N VAL A 37 0.42 -3.54 5.46
CA VAL A 37 0.51 -4.14 4.17
C VAL A 37 1.33 -5.39 4.26
N LYS A 38 0.95 -6.40 3.54
CA LYS A 38 1.71 -7.58 3.49
C LYS A 38 2.39 -7.50 2.18
N LEU A 39 3.51 -6.89 2.21
CA LEU A 39 4.28 -6.61 1.11
C LEU A 39 5.12 -7.77 0.80
N ASN A 40 4.65 -8.56 -0.08
CA ASN A 40 5.44 -9.65 -0.52
C ASN A 40 6.20 -9.12 -1.70
N ASN A 41 7.26 -8.42 -1.38
CA ASN A 41 8.05 -7.63 -2.32
C ASN A 41 8.56 -8.42 -3.54
N PRO A 42 9.30 -9.56 -3.39
CA PRO A 42 9.78 -10.33 -4.54
C PRO A 42 8.62 -10.92 -5.38
N ARG A 43 7.47 -11.02 -4.76
CA ARG A 43 6.28 -11.57 -5.40
C ARG A 43 5.51 -10.45 -6.12
N GLN A 44 5.86 -9.19 -5.80
CA GLN A 44 5.22 -8.01 -6.36
C GLN A 44 3.71 -7.99 -6.07
N GLU A 45 3.39 -8.31 -4.82
CA GLU A 45 2.01 -8.32 -4.32
C GLU A 45 1.92 -7.81 -2.91
N VAL A 46 0.89 -7.05 -2.66
CA VAL A 46 0.60 -6.49 -1.34
C VAL A 46 -0.78 -6.84 -0.96
N SER A 47 -0.96 -7.11 0.27
CA SER A 47 -2.27 -7.28 0.80
C SER A 47 -2.39 -6.29 1.90
N PHE A 48 -3.25 -5.35 1.74
CA PHE A 48 -3.32 -4.32 2.72
C PHE A 48 -4.69 -4.22 3.28
N VAL A 49 -4.75 -3.62 4.39
CA VAL A 49 -5.95 -3.43 5.08
C VAL A 49 -6.52 -2.07 4.75
N TYR A 50 -7.67 -2.11 4.15
CA TYR A 50 -8.45 -0.90 3.87
C TYR A 50 -8.86 -0.30 5.20
N ASP A 51 -9.53 -1.10 5.98
CA ASP A 51 -10.01 -0.69 7.28
C ASP A 51 -10.38 -1.92 8.10
N ASN A 52 -11.21 -2.75 7.53
CA ASN A 52 -11.67 -3.95 8.21
C ASN A 52 -11.58 -5.17 7.29
N GLN A 53 -10.84 -5.04 6.18
CA GLN A 53 -10.71 -6.11 5.26
C GLN A 53 -9.39 -5.95 4.61
N LEU A 54 -8.85 -7.03 4.21
CA LEU A 54 -7.58 -7.06 3.60
C LEU A 54 -7.79 -7.34 2.14
N LEU A 55 -7.23 -6.54 1.31
CA LEU A 55 -7.34 -6.74 -0.11
C LEU A 55 -5.97 -6.79 -0.72
N HIS A 56 -5.82 -7.62 -1.72
CA HIS A 56 -4.53 -7.87 -2.30
C HIS A 56 -4.45 -7.31 -3.71
N LEU A 57 -3.35 -6.66 -3.98
CA LEU A 57 -3.10 -5.99 -5.23
C LEU A 57 -1.75 -6.34 -5.69
N LYS A 58 -1.54 -6.26 -6.97
CA LYS A 58 -0.31 -6.67 -7.51
C LYS A 58 0.32 -5.61 -8.34
N GLN A 59 1.60 -5.68 -8.42
CA GLN A 59 2.40 -4.80 -9.21
C GLN A 59 2.54 -5.37 -10.59
N GLY A 60 1.89 -4.72 -11.50
CA GLY A 60 1.88 -5.15 -12.86
C GLY A 60 1.98 -3.96 -13.75
N ILE A 61 0.88 -3.26 -13.86
CA ILE A 61 0.84 -2.03 -14.61
C ILE A 61 1.54 -0.99 -13.79
N SER A 62 2.63 -0.52 -14.25
CA SER A 62 3.43 0.35 -13.47
C SER A 62 3.46 1.76 -14.01
N ALA A 63 4.27 2.56 -13.34
CA ALA A 63 4.51 3.92 -13.59
C ALA A 63 5.71 4.22 -12.72
N SER A 64 6.02 5.47 -12.49
CA SER A 64 7.13 5.82 -11.63
C SER A 64 6.81 5.42 -10.16
N GLY A 65 7.27 4.25 -9.78
CA GLY A 65 6.99 3.70 -8.50
C GLY A 65 6.70 2.23 -8.64
N ALA A 66 5.69 1.77 -7.99
CA ALA A 66 5.28 0.44 -8.02
C ALA A 66 3.83 0.51 -7.86
N ARG A 67 3.12 -0.06 -8.75
CA ARG A 67 1.73 0.08 -8.69
C ARG A 67 1.08 -1.23 -8.39
N TYR A 68 0.65 -1.38 -7.20
CA TYR A 68 -0.05 -2.54 -6.81
C TYR A 68 -1.48 -2.20 -7.01
N THR A 69 -2.07 -2.77 -7.98
CA THR A 69 -3.38 -2.40 -8.35
C THR A 69 -4.11 -3.57 -8.91
N ASP A 70 -5.35 -3.72 -8.52
CA ASP A 70 -6.19 -4.71 -9.13
C ASP A 70 -7.38 -4.02 -9.78
N GLY A 71 -7.84 -2.96 -9.14
CA GLY A 71 -8.97 -2.24 -9.68
C GLY A 71 -9.78 -1.61 -8.59
N ILE A 72 -9.70 -2.15 -7.38
CA ILE A 72 -10.44 -1.62 -6.25
C ILE A 72 -9.90 -0.24 -5.97
N TYR A 73 -8.61 -0.21 -5.71
CA TYR A 73 -7.88 1.01 -5.56
C TYR A 73 -6.59 0.85 -6.29
N VAL A 74 -5.86 1.89 -6.38
CA VAL A 74 -4.55 1.91 -6.96
C VAL A 74 -3.58 2.18 -5.84
N PHE A 75 -2.79 1.21 -5.49
CA PHE A 75 -1.86 1.36 -4.43
C PHE A 75 -0.50 1.64 -5.05
N TRP A 76 -0.07 2.85 -4.94
CA TRP A 76 1.10 3.29 -5.54
C TRP A 76 2.14 3.43 -4.46
N SER A 77 3.18 2.79 -4.66
CA SER A 77 4.29 2.77 -3.76
C SER A 77 5.42 3.48 -4.47
N LYS A 78 5.83 4.62 -3.97
CA LYS A 78 6.86 5.37 -4.63
C LYS A 78 7.80 6.08 -3.66
N GLY A 79 9.06 5.69 -3.72
CA GLY A 79 10.12 6.33 -2.97
C GLY A 79 10.08 6.08 -1.47
N ASP A 80 9.24 6.83 -0.80
CA ASP A 80 9.13 6.79 0.65
C ASP A 80 7.66 6.84 1.04
N GLU A 81 6.78 6.90 0.06
CA GLU A 81 5.41 7.10 0.34
C GLU A 81 4.59 6.02 -0.30
N ALA A 82 3.41 5.89 0.19
CA ALA A 82 2.46 5.00 -0.33
C ALA A 82 1.19 5.79 -0.50
N THR A 83 0.73 5.82 -1.68
CA THR A 83 -0.41 6.59 -2.05
C THR A 83 -1.49 5.63 -2.58
N VAL A 84 -2.69 5.64 -2.02
CA VAL A 84 -3.71 4.74 -2.47
C VAL A 84 -4.90 5.53 -3.06
N TYR A 85 -4.92 5.60 -4.38
CA TYR A 85 -5.83 6.45 -5.15
C TYR A 85 -6.66 5.67 -6.17
N LYS A 86 -7.90 5.44 -5.91
CA LYS A 86 -8.77 5.09 -6.93
C LYS A 86 -9.22 6.42 -7.42
N ARG A 87 -9.53 6.51 -8.65
CA ARG A 87 -9.92 7.76 -9.30
C ARG A 87 -11.00 8.54 -8.51
N ASP A 88 -11.94 7.85 -7.93
CA ASP A 88 -12.96 8.50 -7.14
C ASP A 88 -12.69 8.29 -5.67
N ARG A 89 -11.80 7.39 -5.35
CA ARG A 89 -11.66 7.04 -3.98
C ARG A 89 -10.23 6.81 -3.53
N ILE A 90 -9.66 7.83 -3.01
CA ILE A 90 -8.41 7.77 -2.34
C ILE A 90 -8.77 7.38 -0.96
N VAL A 91 -8.02 6.49 -0.40
CA VAL A 91 -8.35 6.08 0.95
C VAL A 91 -7.27 6.53 1.91
N LEU A 92 -6.16 6.96 1.35
CA LEU A 92 -5.06 7.53 2.09
C LEU A 92 -4.02 8.05 1.08
N ASN A 93 -3.58 9.28 1.19
CA ASN A 93 -2.54 9.77 0.24
C ASN A 93 -1.30 10.32 0.93
N ASN A 94 -1.12 9.95 2.17
CA ASN A 94 0.01 10.40 2.96
C ASN A 94 0.45 9.28 3.92
N CYS A 95 1.02 8.27 3.37
CA CYS A 95 1.55 7.15 4.10
C CYS A 95 2.99 7.16 3.83
N GLN A 96 3.75 7.01 4.84
CA GLN A 96 5.14 7.24 4.73
C GLN A 96 5.79 6.10 5.31
N LEU A 97 6.62 5.53 4.58
CA LEU A 97 7.19 4.31 5.01
C LEU A 97 8.46 4.55 5.79
N GLN A 98 8.53 4.08 7.02
CA GLN A 98 9.76 4.22 7.76
C GLN A 98 10.81 3.22 7.31
N ASN A 99 10.50 1.94 7.40
CA ASN A 99 11.39 0.87 7.02
C ASN A 99 10.61 -0.41 7.22
N PRO A 100 10.28 -1.13 6.13
CA PRO A 100 9.34 -2.25 6.18
C PRO A 100 9.69 -3.41 7.12
N GLN A 101 10.79 -4.11 6.88
CA GLN A 101 11.15 -5.24 7.69
C GLN A 101 12.20 -4.89 8.72
N ARG A 102 12.62 -3.65 8.69
CA ARG A 102 13.65 -3.10 9.55
C ARG A 102 15.01 -3.72 9.24
N MET A 21 3.01 -14.86 8.87
CA MET A 21 3.24 -13.51 8.39
C MET A 21 4.73 -13.19 8.45
N GLN A 22 5.39 -13.27 7.32
CA GLN A 22 6.83 -13.01 7.18
C GLN A 22 7.04 -12.09 6.00
N THR A 23 5.98 -11.42 5.66
CA THR A 23 5.92 -10.49 4.58
C THR A 23 6.57 -9.18 4.95
N ASP A 24 6.96 -8.43 3.96
CA ASP A 24 7.52 -7.12 4.22
C ASP A 24 6.36 -6.15 4.33
N THR A 25 6.56 -4.99 4.88
CA THR A 25 5.44 -4.12 5.12
C THR A 25 5.88 -2.67 5.03
N LEU A 26 5.01 -1.78 5.37
CA LEU A 26 5.38 -0.40 5.45
C LEU A 26 5.38 0.09 6.89
N GLU A 27 5.02 1.34 7.12
CA GLU A 27 5.15 1.98 8.42
C GLU A 27 4.15 1.40 9.39
N TYR A 28 3.16 0.75 8.82
CA TYR A 28 2.04 0.13 9.46
C TYR A 28 1.21 0.97 10.48
N GLN A 29 1.60 2.21 10.72
CA GLN A 29 0.95 3.09 11.68
C GLN A 29 1.05 4.46 11.18
N CYS A 30 0.39 4.65 10.11
CA CYS A 30 0.45 5.87 9.40
C CYS A 30 -0.59 6.83 9.91
N ASP A 31 -0.49 8.08 9.50
CA ASP A 31 -1.39 9.16 9.93
C ASP A 31 -2.87 8.77 9.93
N GLU A 32 -3.38 8.44 8.78
CA GLU A 32 -4.79 8.17 8.66
C GLU A 32 -5.12 6.69 8.82
N LYS A 33 -4.21 5.83 8.44
CA LYS A 33 -4.53 4.41 8.37
C LYS A 33 -3.39 3.63 8.87
N PRO A 34 -3.63 2.51 9.50
CA PRO A 34 -2.58 1.62 9.77
C PRO A 34 -2.29 0.82 8.48
N LEU A 35 -1.10 0.98 7.96
CA LEU A 35 -0.75 0.49 6.66
C LEU A 35 0.11 -0.73 6.82
N THR A 36 -0.49 -1.80 7.24
CA THR A 36 0.27 -2.96 7.40
C THR A 36 0.18 -3.78 6.13
N VAL A 37 1.13 -3.53 5.26
CA VAL A 37 1.17 -4.11 3.95
C VAL A 37 1.67 -5.54 4.03
N LYS A 38 1.16 -6.38 3.18
CA LYS A 38 1.72 -7.69 3.06
C LYS A 38 2.43 -7.72 1.76
N LEU A 39 3.58 -7.12 1.78
CA LEU A 39 4.39 -6.94 0.65
C LEU A 39 5.14 -8.22 0.38
N ASN A 40 4.66 -8.93 -0.57
CA ASN A 40 5.35 -10.11 -1.05
C ASN A 40 6.32 -9.59 -2.09
N ASN A 41 7.52 -9.27 -1.65
CA ASN A 41 8.53 -8.55 -2.44
C ASN A 41 8.87 -9.17 -3.81
N PRO A 42 9.26 -10.49 -3.90
CA PRO A 42 9.69 -11.09 -5.18
C PRO A 42 8.57 -11.11 -6.22
N ARG A 43 7.35 -10.96 -5.75
CA ARG A 43 6.21 -10.98 -6.65
C ARG A 43 5.69 -9.56 -6.90
N GLN A 44 5.91 -8.68 -5.93
CA GLN A 44 5.39 -7.34 -5.90
C GLN A 44 3.87 -7.35 -5.81
N GLU A 45 3.40 -8.11 -4.85
CA GLU A 45 2.00 -8.24 -4.53
C GLU A 45 1.82 -7.76 -3.13
N VAL A 46 0.87 -6.93 -2.93
CA VAL A 46 0.60 -6.38 -1.61
C VAL A 46 -0.81 -6.64 -1.16
N SER A 47 -0.96 -7.11 0.02
CA SER A 47 -2.25 -7.20 0.60
C SER A 47 -2.36 -6.02 1.52
N PHE A 48 -3.31 -5.20 1.28
CA PHE A 48 -3.48 -4.01 2.03
C PHE A 48 -4.90 -3.84 2.47
N VAL A 49 -5.00 -3.25 3.58
CA VAL A 49 -6.18 -3.01 4.26
C VAL A 49 -6.92 -1.79 3.70
N TYR A 50 -8.04 -2.06 3.16
CA TYR A 50 -8.97 -1.08 2.64
C TYR A 50 -9.76 -0.58 3.81
N ASP A 51 -9.04 0.04 4.67
CA ASP A 51 -9.50 0.61 5.90
C ASP A 51 -9.84 -0.46 6.95
N ASN A 52 -10.77 -1.34 6.62
CA ASN A 52 -11.18 -2.40 7.54
C ASN A 52 -11.42 -3.75 6.85
N GLN A 53 -10.75 -3.99 5.72
CA GLN A 53 -10.86 -5.24 5.00
C GLN A 53 -9.61 -5.39 4.22
N LEU A 54 -9.25 -6.57 3.87
CA LEU A 54 -8.00 -6.81 3.22
C LEU A 54 -8.19 -7.32 1.81
N LEU A 55 -7.48 -6.75 0.89
CA LEU A 55 -7.43 -7.24 -0.47
C LEU A 55 -6.03 -7.10 -1.00
N HIS A 56 -5.78 -7.62 -2.16
CA HIS A 56 -4.45 -7.60 -2.71
C HIS A 56 -4.36 -6.88 -4.02
N LEU A 57 -3.33 -6.09 -4.11
CA LEU A 57 -3.00 -5.32 -5.28
C LEU A 57 -1.68 -5.80 -5.77
N LYS A 58 -1.32 -5.40 -6.93
CA LYS A 58 -0.09 -5.83 -7.50
C LYS A 58 0.42 -4.79 -8.40
N GLN A 59 1.67 -4.85 -8.67
CA GLN A 59 2.26 -3.94 -9.62
C GLN A 59 2.00 -4.40 -11.03
N GLY A 60 0.96 -3.88 -11.57
CA GLY A 60 0.56 -4.19 -12.92
C GLY A 60 1.01 -3.11 -13.87
N ILE A 61 0.87 -1.89 -13.42
CA ILE A 61 1.29 -0.72 -14.13
C ILE A 61 2.09 0.09 -13.14
N SER A 62 3.17 0.70 -13.56
CA SER A 62 3.95 1.46 -12.66
C SER A 62 4.32 2.82 -13.25
N ALA A 63 5.16 3.54 -12.54
CA ALA A 63 5.59 4.86 -12.86
C ALA A 63 6.70 5.15 -11.87
N SER A 64 6.94 6.40 -11.57
CA SER A 64 7.93 6.80 -10.58
C SER A 64 7.55 6.23 -9.20
N GLY A 65 8.10 5.09 -8.86
CA GLY A 65 7.74 4.41 -7.66
C GLY A 65 7.43 2.98 -7.95
N ALA A 66 6.29 2.56 -7.52
CA ALA A 66 5.80 1.27 -7.65
C ALA A 66 4.35 1.41 -7.50
N ARG A 67 3.60 0.82 -8.35
CA ARG A 67 2.21 1.00 -8.24
C ARG A 67 1.51 -0.32 -8.12
N TYR A 68 0.91 -0.53 -7.02
CA TYR A 68 0.15 -1.69 -6.77
C TYR A 68 -1.27 -1.27 -6.91
N THR A 69 -1.96 -1.83 -7.83
CA THR A 69 -3.30 -1.36 -8.10
C THR A 69 -4.12 -2.50 -8.61
N ASP A 70 -5.33 -2.61 -8.14
CA ASP A 70 -6.20 -3.66 -8.63
C ASP A 70 -7.56 -3.10 -8.99
N GLY A 71 -7.70 -1.78 -8.92
CA GLY A 71 -8.95 -1.17 -9.32
C GLY A 71 -9.72 -0.58 -8.16
N ILE A 72 -9.56 -1.14 -6.97
CA ILE A 72 -10.26 -0.67 -5.76
C ILE A 72 -9.69 0.69 -5.38
N TYR A 73 -8.39 0.79 -5.51
CA TYR A 73 -7.63 1.98 -5.28
C TYR A 73 -6.30 1.82 -5.91
N VAL A 74 -5.63 2.92 -6.03
CA VAL A 74 -4.32 2.99 -6.58
C VAL A 74 -3.35 3.14 -5.44
N PHE A 75 -2.56 2.14 -5.19
CA PHE A 75 -1.59 2.19 -4.13
C PHE A 75 -0.23 2.49 -4.73
N TRP A 76 0.27 3.64 -4.45
CA TRP A 76 1.46 4.09 -5.01
C TRP A 76 2.49 4.09 -3.91
N SER A 77 3.51 3.43 -4.18
CA SER A 77 4.62 3.32 -3.32
C SER A 77 5.73 4.01 -4.04
N LYS A 78 5.98 5.23 -3.69
CA LYS A 78 6.95 5.99 -4.42
C LYS A 78 8.35 5.67 -3.92
N GLY A 79 8.41 5.02 -2.79
CA GLY A 79 9.68 4.64 -2.23
C GLY A 79 9.68 4.79 -0.75
N ASP A 80 9.65 6.02 -0.31
CA ASP A 80 9.70 6.33 1.10
C ASP A 80 8.43 6.98 1.57
N GLU A 81 7.46 7.01 0.70
CA GLU A 81 6.15 7.55 0.96
C GLU A 81 5.15 6.62 0.35
N ALA A 82 3.98 6.59 0.91
CA ALA A 82 2.96 5.72 0.46
C ALA A 82 1.68 6.49 0.34
N THR A 83 1.16 6.53 -0.82
CA THR A 83 -0.03 7.25 -1.11
C THR A 83 -0.99 6.31 -1.85
N VAL A 84 -2.19 6.20 -1.35
CA VAL A 84 -3.17 5.38 -1.97
C VAL A 84 -4.40 6.22 -2.30
N TYR A 85 -4.62 6.38 -3.58
CA TYR A 85 -5.61 7.30 -4.09
C TYR A 85 -6.39 6.66 -5.24
N LYS A 86 -7.59 6.29 -4.96
CA LYS A 86 -8.53 5.89 -5.92
C LYS A 86 -9.25 7.13 -6.25
N ARG A 87 -9.58 7.30 -7.45
CA ARG A 87 -10.45 8.38 -7.84
C ARG A 87 -11.85 7.99 -7.45
N ASP A 88 -12.05 8.08 -6.17
CA ASP A 88 -13.26 7.68 -5.43
C ASP A 88 -12.97 7.82 -3.95
N ARG A 89 -11.72 7.52 -3.59
CA ARG A 89 -11.28 7.55 -2.20
C ARG A 89 -9.76 7.40 -2.06
N ILE A 90 -9.16 8.39 -1.50
CA ILE A 90 -7.82 8.35 -0.99
C ILE A 90 -7.91 7.74 0.36
N VAL A 91 -7.10 6.81 0.56
CA VAL A 91 -7.09 6.05 1.76
C VAL A 91 -5.96 6.54 2.64
N LEU A 92 -4.90 7.01 2.03
CA LEU A 92 -3.74 7.44 2.79
C LEU A 92 -2.90 8.31 1.89
N ASN A 93 -2.55 9.46 2.35
CA ASN A 93 -1.68 10.33 1.55
C ASN A 93 -0.58 10.87 2.42
N ASN A 94 -0.47 10.29 3.56
CA ASN A 94 0.47 10.70 4.52
C ASN A 94 0.92 9.51 5.31
N CYS A 95 1.82 8.80 4.71
CA CYS A 95 2.48 7.71 5.28
C CYS A 95 3.78 7.65 4.57
N GLN A 96 4.75 7.25 5.25
CA GLN A 96 6.07 7.30 4.83
C GLN A 96 6.75 6.21 5.53
N LEU A 97 7.69 5.67 4.94
CA LEU A 97 8.25 4.51 5.50
C LEU A 97 9.34 4.80 6.50
N GLN A 98 9.13 4.37 7.71
CA GLN A 98 10.14 4.48 8.74
C GLN A 98 11.09 3.29 8.61
N ASN A 99 10.52 2.09 8.76
CA ASN A 99 11.27 0.85 8.78
C ASN A 99 10.25 -0.26 8.61
N PRO A 100 10.31 -0.98 7.46
CA PRO A 100 9.32 -1.97 7.12
C PRO A 100 9.22 -3.23 8.03
N GLN A 101 9.84 -4.34 7.59
CA GLN A 101 9.77 -5.58 8.31
C GLN A 101 10.75 -5.57 9.47
N ARG A 102 11.64 -4.65 9.40
CA ARG A 102 12.66 -4.52 10.38
C ARG A 102 12.62 -3.12 10.90
#